data_6OFB
#
_entry.id   6OFB
#
_cell.length_a   102.250
_cell.length_b   198.890
_cell.length_c   219.690
_cell.angle_alpha   90.000
_cell.angle_beta   90.000
_cell.angle_gamma   90.000
#
_symmetry.space_group_name_H-M   'I 2 2 2'
#
loop_
_entity.id
_entity.type
_entity.pdbx_description
1 polymer 'Glutamine-dependent NAD(+) synthetase'
2 non-polymer 'NICOTINIC ACID ADENINE DINUCLEOTIDE'
3 non-polymer 'ADENOSINE MONOPHOSPHATE'
4 non-polymer 'PYROPHOSPHATE 2-'
5 non-polymer 'MAGNESIUM ION'
6 non-polymer 'CHLORIDE ION'
7 water water
#
_entity_poly.entity_id   1
_entity_poly.type   'polypeptide(L)'
_entity_poly.pdbx_seq_one_letter_code
;SMGRKVTVATCALNQWALDFEGNLQRILKSIEIAKNRGARYRLGPELEICGYGCWDHYYESDTLLHSFQVLAALLESPVT
QDIICDVGMPVMHRNVRYNCRVIFLNRKILLIRPKMALANEGNYRELRWFTPWSRSRHTEEYFLPRMIQDLTKQETVPFG
DAVLVTWDTCIGSEICEELWTPHSPHIDMGLDGVEIITNASGSHHVLRKANTRVDLVTMVTSKNGGIYLLANQKGCDGDR
LYYDGCAMIAMNGSVFAQGSQFSLDDVEVLTATLDLEDVRSYRAEISSRNLAASRASPYPRVKVDFALSCHEDLLAPISE
PIEWKYHSPEEEISLGPACWLWDFLRRSQQAGFLLPLSGGVDSAATACLIYSMCCQVCEAVRSGNEEVLADVRTIVNQIS
YTPQDPRDLCGRILTTCYMASKNSSQETCTRARELAQQIGSHHISLNIDPAVKAVMGIFSLVTGKSPLFAAHGGSSRENL
ALQNVQARIRMVLAYLFAQLSLWSRGVHGGLLVLGSANVDESLLGYLTKYDCSSADINPIGGISKTDLRAFVQFCIQRFQ
LPALQSILLAPATAELEPLADGQVSQTDEEDMGMTYAELSVYGKLRKVAKMGPYSMFCKLLGMWRHICTPRQVADKVKRF
FSKYSMNRHKMTTLTPAYHAENYSPEDNRFDLRPFLYNTSWPWQFRCIENQVLQLERAEPQSLDGVD
;
_entity_poly.pdbx_strand_id   A,B
#
# COMPACT_ATOMS: atom_id res chain seq x y z
N ARG A 4 -15.16 14.98 45.60
CA ARG A 4 -16.12 15.94 45.05
C ARG A 4 -15.66 16.58 43.72
N LYS A 5 -15.40 17.89 43.69
CA LYS A 5 -15.13 18.57 42.42
C LYS A 5 -13.73 18.33 41.86
N VAL A 6 -13.63 17.90 40.61
CA VAL A 6 -12.33 17.71 39.95
C VAL A 6 -12.23 18.49 38.64
N THR A 7 -10.99 18.72 38.20
CA THR A 7 -10.73 19.44 36.96
C THR A 7 -9.75 18.68 36.09
N VAL A 8 -10.26 18.21 34.97
CA VAL A 8 -9.49 17.36 34.07
C VAL A 8 -9.35 18.00 32.70
N ALA A 9 -8.30 17.60 31.99
CA ALA A 9 -8.01 18.13 30.67
C ALA A 9 -7.79 17.02 29.66
N THR A 10 -8.32 17.21 28.46
CA THR A 10 -8.00 16.40 27.30
C THR A 10 -7.56 17.35 26.18
N CYS A 11 -7.02 16.82 25.09
CA CYS A 11 -6.47 17.68 24.05
C CYS A 11 -6.32 17.04 22.66
N ALA A 12 -6.23 17.92 21.67
CA ALA A 12 -5.93 17.54 20.31
C ALA A 12 -4.56 18.14 20.00
N LEU A 13 -3.65 17.30 19.50
CA LEU A 13 -2.33 17.76 19.09
C LEU A 13 -2.05 17.47 17.62
N ASN A 14 -1.42 18.45 16.96
CA ASN A 14 -0.91 18.28 15.61
C ASN A 14 0.49 17.63 15.65
N GLN A 15 0.52 16.32 15.89
CA GLN A 15 1.77 15.58 16.01
C GLN A 15 2.32 15.21 14.63
N TRP A 16 3.63 15.01 14.56
CA TRP A 16 4.28 14.75 13.29
C TRP A 16 5.16 13.50 13.43
N ALA A 17 4.94 12.49 12.60
CA ALA A 17 5.68 11.23 12.66
C ALA A 17 7.20 11.36 12.80
N LEU A 18 7.75 10.82 13.89
CA LEU A 18 9.19 10.85 14.14
C LEU A 18 9.71 12.22 14.49
N ASP A 19 8.83 13.21 14.51
CA ASP A 19 9.22 14.57 14.87
C ASP A 19 9.25 14.75 16.38
N PHE A 20 10.16 14.03 17.03
CA PHE A 20 10.27 14.02 18.48
C PHE A 20 10.39 15.39 19.13
N GLU A 21 11.28 16.23 18.60
CA GLU A 21 11.48 17.60 19.14
C GLU A 21 10.15 18.36 19.21
N GLY A 22 9.47 18.41 18.09
CA GLY A 22 8.22 19.13 18.02
C GLY A 22 7.18 18.42 18.82
N ASN A 23 7.15 17.10 18.73
CA ASN A 23 6.15 16.35 19.47
C ASN A 23 6.22 16.62 20.96
N LEU A 24 7.44 16.63 21.49
CA LEU A 24 7.69 16.97 22.90
C LEU A 24 7.15 18.33 23.29
N GLN A 25 7.54 19.35 22.52
CA GLN A 25 7.13 20.73 22.78
C GLN A 25 5.59 20.89 22.76
N ARG A 26 4.94 20.22 21.81
CA ARG A 26 3.49 20.20 21.81
C ARG A 26 2.93 19.57 23.10
N ILE A 27 3.44 18.40 23.49
CA ILE A 27 2.96 17.75 24.71
C ILE A 27 3.16 18.67 25.92
N LEU A 28 4.38 19.15 26.12
CA LEU A 28 4.64 20.14 27.16
C LEU A 28 3.64 21.29 27.15
N LYS A 29 3.48 21.96 26.02
CA LYS A 29 2.54 23.07 25.93
C LYS A 29 1.13 22.70 26.44
N SER A 30 0.63 21.51 26.11
CA SER A 30 -0.72 21.15 26.51
C SER A 30 -0.80 21.01 28.04
N ILE A 31 0.19 20.33 28.61
CA ILE A 31 0.32 20.19 30.05
C ILE A 31 0.41 21.55 30.76
N GLU A 32 1.22 22.45 30.23
CA GLU A 32 1.32 23.82 30.78
C GLU A 32 -0.02 24.52 30.71
N ILE A 33 -0.74 24.31 29.60
CA ILE A 33 -2.05 24.93 29.46
C ILE A 33 -3.04 24.35 30.46
N ALA A 34 -3.16 23.01 30.50
CA ALA A 34 -3.99 22.33 31.49
C ALA A 34 -3.72 22.80 32.92
N LYS A 35 -2.45 22.89 33.31
CA LYS A 35 -2.11 23.35 34.65
C LYS A 35 -2.58 24.78 34.90
N ASN A 36 -2.41 25.68 33.94
CA ASN A 36 -2.92 27.06 34.09
C ASN A 36 -4.43 27.10 34.26
N ARG A 37 -5.12 26.11 33.69
CA ARG A 37 -6.56 26.01 33.82
C ARG A 37 -7.02 25.21 35.05
N GLY A 38 -6.05 24.70 35.81
CA GLY A 38 -6.31 24.04 37.06
C GLY A 38 -6.49 22.54 36.97
N ALA A 39 -6.13 21.94 35.84
CA ALA A 39 -6.31 20.50 35.66
C ALA A 39 -5.33 19.69 36.51
N ARG A 40 -5.80 18.57 37.04
CA ARG A 40 -4.95 17.70 37.84
C ARG A 40 -4.71 16.39 37.11
N TYR A 41 -5.37 16.22 35.97
CA TYR A 41 -5.10 15.10 35.08
C TYR A 41 -5.14 15.61 33.67
N ARG A 42 -4.18 15.18 32.86
CA ARG A 42 -4.16 15.55 31.45
C ARG A 42 -4.10 14.31 30.56
N LEU A 43 -4.98 14.27 29.57
CA LEU A 43 -5.05 13.17 28.63
C LEU A 43 -4.59 13.63 27.22
N GLY A 44 -3.67 12.87 26.63
CA GLY A 44 -3.20 13.16 25.27
C GLY A 44 -3.58 12.07 24.28
N PRO A 45 -3.27 12.28 22.99
CA PRO A 45 -3.72 11.35 21.94
C PRO A 45 -2.91 10.05 21.83
N GLU A 46 -3.44 9.10 21.07
CA GLU A 46 -2.79 7.77 20.89
C GLU A 46 -1.45 7.95 20.24
N LEU A 47 -0.42 7.34 20.84
CA LEU A 47 0.95 7.40 20.34
C LEU A 47 1.46 8.81 20.07
N GLU A 48 1.11 9.74 20.94
CA GLU A 48 1.46 11.17 20.70
C GLU A 48 2.95 11.48 20.78
N ILE A 49 3.72 10.61 21.41
CA ILE A 49 5.14 10.91 21.56
C ILE A 49 5.86 10.77 20.23
N CYS A 50 5.48 9.76 19.46
CA CYS A 50 6.20 9.53 18.22
C CYS A 50 5.38 10.03 17.04
N GLY A 51 4.11 10.31 17.30
CA GLY A 51 3.14 10.62 16.27
C GLY A 51 2.53 9.30 15.84
N TYR A 52 1.22 9.26 15.66
CA TYR A 52 0.55 7.99 15.36
C TYR A 52 1.06 7.38 14.03
N GLY A 53 1.15 8.18 12.99
CA GLY A 53 1.55 7.65 11.69
C GLY A 53 3.02 7.45 11.36
N CYS A 54 3.69 6.56 12.09
CA CYS A 54 5.09 6.23 11.81
C CYS A 54 5.22 5.03 10.89
N TRP A 55 4.13 4.27 10.73
CA TRP A 55 4.12 3.12 9.83
C TRP A 55 5.27 2.18 10.12
N ASP A 56 6.03 1.84 9.08
CA ASP A 56 7.09 0.83 9.22
C ASP A 56 8.29 1.27 10.06
N HIS A 57 8.33 2.55 10.43
CA HIS A 57 9.32 3.04 11.40
C HIS A 57 9.14 2.42 12.80
N TYR A 58 8.00 1.79 13.03
CA TYR A 58 7.72 1.12 14.31
C TYR A 58 8.57 -0.12 14.47
N TYR A 59 8.95 -0.71 13.33
CA TYR A 59 9.89 -1.83 13.32
C TYR A 59 11.26 -1.36 13.81
N GLU A 60 11.50 -0.06 13.74
CA GLU A 60 12.84 0.48 14.08
C GLU A 60 12.98 0.72 15.58
N SER A 61 14.05 0.19 16.15
CA SER A 61 14.32 0.33 17.59
C SER A 61 14.57 1.80 17.99
N ASP A 62 15.13 2.59 17.08
CA ASP A 62 15.34 4.00 17.33
C ASP A 62 14.06 4.71 17.74
N THR A 63 12.96 4.28 17.14
CA THR A 63 11.68 4.86 17.44
C THR A 63 11.43 4.67 18.92
N LEU A 64 11.52 3.42 19.36
CA LEU A 64 11.38 3.09 20.79
C LEU A 64 12.28 3.94 21.67
N LEU A 65 13.57 3.98 21.33
CA LEU A 65 14.58 4.75 22.06
C LEU A 65 14.26 6.21 22.23
N HIS A 66 14.07 6.92 21.12
CA HIS A 66 13.78 8.35 21.20
C HIS A 66 12.50 8.61 21.99
N SER A 67 11.47 7.80 21.75
CA SER A 67 10.25 7.92 22.53
C SER A 67 10.62 8.01 24.01
N PHE A 68 11.43 7.07 24.48
CA PHE A 68 11.88 7.09 25.88
C PHE A 68 12.69 8.32 26.28
N GLN A 69 13.53 8.80 25.37
CA GLN A 69 14.28 10.00 25.63
C GLN A 69 13.30 11.16 25.75
N VAL A 70 12.25 11.13 24.93
CA VAL A 70 11.20 12.13 25.05
C VAL A 70 10.48 11.97 26.40
N LEU A 71 10.20 10.72 26.80
CA LEU A 71 9.52 10.49 28.07
C LEU A 71 10.36 11.04 29.20
N ALA A 72 11.66 10.78 29.18
CA ALA A 72 12.55 11.30 30.22
C ALA A 72 12.45 12.82 30.33
N ALA A 73 12.55 13.51 29.20
CA ALA A 73 12.38 14.95 29.16
C ALA A 73 11.09 15.40 29.82
N LEU A 74 9.99 14.69 29.55
CA LEU A 74 8.72 15.00 30.21
C LEU A 74 8.86 14.83 31.71
N LEU A 75 9.40 13.70 32.14
CA LEU A 75 9.52 13.39 33.55
C LEU A 75 10.35 14.41 34.35
N GLU A 76 11.41 14.93 33.75
CA GLU A 76 12.27 15.88 34.49
C GLU A 76 11.78 17.33 34.35
N SER A 77 10.66 17.53 33.66
CA SER A 77 10.18 18.88 33.41
C SER A 77 9.30 19.42 34.52
N PRO A 78 9.66 20.61 35.04
CA PRO A 78 8.97 21.20 36.19
C PRO A 78 7.50 21.53 35.90
N VAL A 79 7.09 21.47 34.65
CA VAL A 79 5.71 21.82 34.32
C VAL A 79 4.80 20.67 34.71
N THR A 80 5.32 19.45 34.67
CA THR A 80 4.48 18.27 34.85
C THR A 80 4.17 18.03 36.33
N GLN A 81 4.71 18.88 37.20
CA GLN A 81 4.51 18.71 38.64
C GLN A 81 3.05 18.86 39.06
N ASP A 82 2.59 17.89 39.85
CA ASP A 82 1.26 17.91 40.47
C ASP A 82 0.13 17.82 39.46
N ILE A 83 0.39 17.12 38.37
CA ILE A 83 -0.66 16.75 37.45
C ILE A 83 -0.35 15.36 36.92
N ILE A 84 -1.38 14.50 36.87
CA ILE A 84 -1.22 13.16 36.32
C ILE A 84 -1.27 13.24 34.80
N CYS A 85 -0.23 12.71 34.16
CA CYS A 85 -0.05 12.82 32.72
C CYS A 85 -0.11 11.46 32.04
N ASP A 86 -1.02 11.33 31.08
CA ASP A 86 -1.22 10.09 30.34
C ASP A 86 -0.77 10.34 28.89
N VAL A 87 0.46 9.93 28.58
CA VAL A 87 1.02 10.02 27.22
C VAL A 87 1.05 8.66 26.52
N GLY A 88 1.23 8.67 25.19
CA GLY A 88 1.31 7.43 24.45
C GLY A 88 2.64 7.20 23.75
N MET A 89 3.16 5.98 23.83
CA MET A 89 4.33 5.60 23.05
C MET A 89 4.30 4.12 22.76
N PRO A 90 5.14 3.67 21.82
CA PRO A 90 5.30 2.23 21.70
C PRO A 90 6.19 1.77 22.85
N VAL A 91 6.03 0.52 23.27
CA VAL A 91 6.82 -0.02 24.36
C VAL A 91 6.97 -1.51 24.13
N MET A 92 8.19 -1.99 24.28
CA MET A 92 8.44 -3.40 24.11
C MET A 92 8.66 -4.08 25.46
N HIS A 93 7.77 -5.04 25.74
CA HIS A 93 7.81 -5.77 26.97
C HIS A 93 8.02 -7.22 26.62
N ARG A 94 9.10 -7.78 27.15
CA ARG A 94 9.48 -9.15 26.88
C ARG A 94 9.52 -9.43 25.39
N ASN A 95 10.19 -8.54 24.65
CA ASN A 95 10.39 -8.75 23.22
C ASN A 95 9.10 -8.68 22.38
N VAL A 96 8.07 -8.00 22.90
CA VAL A 96 6.82 -7.84 22.18
C VAL A 96 6.44 -6.38 22.22
N ARG A 97 6.04 -5.88 21.07
CA ARG A 97 5.79 -4.46 20.89
C ARG A 97 4.32 -4.14 21.12
N TYR A 98 4.07 -3.22 22.05
CA TYR A 98 2.71 -2.82 22.38
C TYR A 98 2.53 -1.34 22.21
N ASN A 99 1.32 -0.99 21.80
CA ASN A 99 0.89 0.38 21.70
C ASN A 99 0.35 0.82 23.06
N CYS A 100 1.07 1.73 23.73
CA CYS A 100 0.79 1.97 25.16
C CYS A 100 0.42 3.37 25.61
N ARG A 101 -0.14 3.40 26.82
CA ARG A 101 -0.29 4.62 27.59
C ARG A 101 0.72 4.61 28.73
N VAL A 102 1.48 5.68 28.85
CA VAL A 102 2.38 5.80 29.98
C VAL A 102 1.84 6.89 30.89
N ILE A 103 1.47 6.51 32.11
CA ILE A 103 0.89 7.45 33.06
C ILE A 103 1.88 7.74 34.17
N PHE A 104 2.23 9.01 34.32
CA PHE A 104 3.20 9.40 35.33
C PHE A 104 2.71 10.57 36.16
N LEU A 105 3.30 10.70 37.33
CA LEU A 105 2.97 11.79 38.24
C LEU A 105 4.19 12.11 39.05
N ASN A 106 4.60 13.38 39.02
CA ASN A 106 5.75 13.85 39.79
C ASN A 106 6.95 12.96 39.68
N ARG A 107 7.43 12.78 38.46
CA ARG A 107 8.64 12.03 38.20
C ARG A 107 8.54 10.58 38.71
N LYS A 108 7.34 10.00 38.65
CA LYS A 108 7.19 8.55 38.77
C LYS A 108 6.23 8.04 37.73
N ILE A 109 6.56 6.88 37.18
CA ILE A 109 5.62 6.15 36.34
C ILE A 109 4.67 5.33 37.22
N LEU A 110 3.38 5.55 37.01
CA LEU A 110 2.35 4.89 37.79
C LEU A 110 2.02 3.56 37.16
N LEU A 111 1.70 3.61 35.87
CA LEU A 111 1.27 2.43 35.14
C LEU A 111 1.51 2.60 33.63
N ILE A 112 1.97 1.51 32.99
CA ILE A 112 1.99 1.44 31.53
C ILE A 112 0.88 0.51 31.09
N ARG A 113 0.01 1.03 30.23
CA ARG A 113 -1.20 0.32 29.86
C ARG A 113 -1.25 0.12 28.35
N PRO A 114 -1.03 -1.11 27.89
CA PRO A 114 -1.02 -1.55 26.48
C PRO A 114 -2.40 -1.77 25.88
N LYS A 115 -2.53 -1.46 24.58
CA LYS A 115 -3.77 -1.63 23.82
C LYS A 115 -4.18 -3.09 23.68
N MET A 116 -5.49 -3.39 23.71
CA MET A 116 -5.94 -4.78 23.75
C MET A 116 -6.76 -5.19 22.55
N ALA A 117 -7.18 -4.20 21.79
CA ALA A 117 -7.82 -4.43 20.51
C ALA A 117 -7.10 -3.52 19.55
N LEU A 118 -6.67 -4.08 18.43
CA LEU A 118 -5.91 -3.33 17.45
C LEU A 118 -6.74 -3.14 16.19
N ALA A 119 -6.65 -1.94 15.62
CA ALA A 119 -7.29 -1.58 14.35
C ALA A 119 -6.63 -2.28 13.16
N ASN A 120 -7.38 -3.11 12.43
CA ASN A 120 -6.81 -3.77 11.24
C ASN A 120 -7.71 -3.69 10.01
N GLU A 121 -8.29 -2.51 9.80
CA GLU A 121 -9.28 -2.27 8.73
C GLU A 121 -8.95 -0.96 8.02
N GLY A 122 -9.23 -0.90 6.72
CA GLY A 122 -9.06 0.33 5.94
C GLY A 122 -7.64 0.88 5.95
N ASN A 123 -7.45 2.06 6.53
CA ASN A 123 -6.12 2.67 6.57
C ASN A 123 -5.32 2.19 7.78
N TYR A 124 -5.97 1.40 8.63
CA TYR A 124 -5.35 0.94 9.85
C TYR A 124 -4.84 -0.46 9.64
N ARG A 125 -3.65 -0.69 10.17
CA ARG A 125 -3.04 -2.00 10.09
C ARG A 125 -2.10 -2.25 11.28
N GLU A 126 -2.59 -1.99 12.49
CA GLU A 126 -1.73 -1.99 13.72
C GLU A 126 -1.10 -3.34 14.02
N LEU A 127 -1.73 -4.41 13.55
CA LEU A 127 -1.19 -5.74 13.76
C LEU A 127 0.11 -5.93 12.99
N ARG A 128 0.44 -4.99 12.10
CA ARG A 128 1.69 -5.11 11.35
C ARG A 128 2.85 -4.89 12.30
N TRP A 129 2.62 -4.09 13.35
CA TRP A 129 3.71 -3.66 14.22
C TRP A 129 3.47 -3.96 15.68
N PHE A 130 2.21 -4.05 16.07
CA PHE A 130 1.90 -4.25 17.47
C PHE A 130 1.13 -5.54 17.76
N THR A 131 1.25 -5.98 19.01
CA THR A 131 0.53 -7.14 19.50
C THR A 131 -0.53 -6.68 20.52
N PRO A 132 -1.72 -7.28 20.47
CA PRO A 132 -2.67 -6.90 21.50
C PRO A 132 -2.26 -7.54 22.82
N TRP A 133 -2.54 -6.87 23.93
CA TRP A 133 -2.32 -7.45 25.24
C TRP A 133 -3.44 -8.44 25.47
N SER A 134 -3.10 -9.68 25.79
CA SER A 134 -4.11 -10.73 25.82
C SER A 134 -4.41 -11.23 27.23
N ARG A 135 -3.58 -10.83 28.19
CA ARG A 135 -3.73 -11.25 29.58
C ARG A 135 -4.62 -10.27 30.34
N SER A 136 -5.92 -10.34 30.09
CA SER A 136 -6.89 -9.39 30.62
C SER A 136 -6.97 -9.46 32.13
N ARG A 137 -7.19 -8.30 32.75
CA ARG A 137 -7.24 -8.16 34.20
C ARG A 137 -5.98 -8.69 34.84
N HIS A 138 -4.84 -8.44 34.23
CA HIS A 138 -3.57 -8.88 34.79
CA HIS A 138 -3.56 -8.92 34.76
C HIS A 138 -2.46 -7.89 34.46
N THR A 139 -1.44 -7.85 35.30
CA THR A 139 -0.31 -6.97 35.07
C THR A 139 0.96 -7.77 35.23
N GLU A 140 2.05 -7.25 34.68
CA GLU A 140 3.38 -7.87 34.83
C GLU A 140 4.34 -6.75 35.18
N GLU A 141 5.46 -7.10 35.79
CA GLU A 141 6.46 -6.08 36.13
C GLU A 141 7.22 -5.70 34.88
N TYR A 142 7.10 -4.44 34.45
CA TYR A 142 7.92 -3.95 33.37
C TYR A 142 9.20 -3.38 33.94
N PHE A 143 10.32 -3.81 33.39
CA PHE A 143 11.64 -3.32 33.77
C PHE A 143 12.03 -2.06 32.99
N LEU A 144 12.22 -0.96 33.72
CA LEU A 144 12.55 0.32 33.10
C LEU A 144 13.98 0.40 32.54
N PRO A 145 14.16 1.16 31.45
CA PRO A 145 15.48 1.55 30.93
C PRO A 145 16.28 2.30 31.99
N ARG A 146 17.58 2.02 32.09
CA ARG A 146 18.43 2.66 33.09
C ARG A 146 18.27 4.17 32.98
N MET A 147 18.03 4.62 31.76
CA MET A 147 17.80 6.03 31.49
C MET A 147 16.66 6.54 32.36
N ILE A 148 15.60 5.75 32.48
CA ILE A 148 14.42 6.13 33.24
C ILE A 148 14.57 5.82 34.71
N GLN A 149 15.17 4.66 35.01
CA GLN A 149 15.50 4.31 36.39
C GLN A 149 16.20 5.45 37.10
N ASP A 150 17.32 5.91 36.53
CA ASP A 150 18.16 6.88 37.20
C ASP A 150 17.35 8.11 37.53
N LEU A 151 16.44 8.44 36.63
CA LEU A 151 15.67 9.67 36.73
C LEU A 151 14.52 9.51 37.72
N THR A 152 13.90 8.34 37.68
CA THR A 152 12.63 8.11 38.34
C THR A 152 12.84 7.38 39.66
N LYS A 153 13.97 6.70 39.79
CA LYS A 153 14.31 5.92 40.98
C LYS A 153 13.32 4.77 41.23
N GLN A 154 12.89 4.13 40.15
CA GLN A 154 12.04 2.94 40.21
C GLN A 154 12.67 1.83 39.38
N GLU A 155 12.70 0.64 39.92
CA GLU A 155 13.23 -0.50 39.15
C GLU A 155 12.19 -0.98 38.13
N THR A 156 10.96 -1.24 38.59
CA THR A 156 9.89 -1.73 37.72
C THR A 156 8.59 -0.95 37.90
N VAL A 157 7.69 -1.11 36.94
CA VAL A 157 6.35 -0.56 37.06
C VAL A 157 5.34 -1.58 36.55
N PRO A 158 4.08 -1.46 36.98
CA PRO A 158 3.00 -2.32 36.46
C PRO A 158 2.80 -2.09 34.97
N PHE A 159 2.67 -3.19 34.27
CA PHE A 159 2.40 -3.17 32.85
C PHE A 159 1.20 -4.09 32.57
N GLY A 160 0.10 -3.49 32.13
CA GLY A 160 -1.05 -4.29 31.72
C GLY A 160 -2.41 -3.65 31.96
N ASP A 161 -3.39 -4.53 32.14
CA ASP A 161 -4.78 -4.13 32.29
C ASP A 161 -5.09 -3.76 33.74
N ALA A 162 -4.97 -2.48 34.07
CA ALA A 162 -5.17 -2.04 35.44
C ALA A 162 -5.85 -0.69 35.47
N VAL A 163 -6.31 -0.29 36.66
CA VAL A 163 -6.89 1.02 36.87
C VAL A 163 -6.13 1.75 37.98
N LEU A 164 -6.23 3.08 37.98
CA LEU A 164 -5.66 3.91 39.03
C LEU A 164 -6.70 4.17 40.06
N VAL A 165 -6.28 4.03 41.32
CA VAL A 165 -7.07 4.47 42.44
C VAL A 165 -6.31 5.58 43.16
N THR A 166 -6.95 6.74 43.29
CA THR A 166 -6.37 7.85 44.01
C THR A 166 -7.12 8.01 45.32
N TRP A 167 -6.70 8.97 46.15
CA TRP A 167 -7.40 9.25 47.39
C TRP A 167 -8.90 9.55 47.20
N ASP A 168 -9.30 9.98 46.02
CA ASP A 168 -10.67 10.43 45.83
C ASP A 168 -11.39 9.81 44.63
N THR A 169 -10.65 9.19 43.72
CA THR A 169 -11.31 8.64 42.54
C THR A 169 -10.62 7.43 41.93
N CYS A 170 -11.21 6.92 40.85
CA CYS A 170 -10.75 5.74 40.17
C CYS A 170 -10.80 5.99 38.67
N ILE A 171 -9.62 6.04 38.03
CA ILE A 171 -9.51 6.38 36.62
C ILE A 171 -9.06 5.14 35.82
N GLY A 172 -9.66 4.94 34.64
CA GLY A 172 -9.38 3.80 33.78
C GLY A 172 -9.14 4.20 32.33
N SER A 173 -8.54 3.28 31.58
CA SER A 173 -8.12 3.56 30.21
C SER A 173 -8.83 2.74 29.13
N GLU A 174 -9.21 3.42 28.06
CA GLU A 174 -9.85 2.79 26.89
C GLU A 174 -9.16 3.43 25.69
N ILE A 175 -8.43 2.64 24.92
CA ILE A 175 -7.66 3.20 23.83
C ILE A 175 -8.39 3.14 22.49
N CYS A 176 -8.51 4.31 21.87
CA CYS A 176 -9.15 4.47 20.58
C CYS A 176 -10.26 3.45 20.31
N GLU A 177 -9.99 2.52 19.40
CA GLU A 177 -11.04 1.58 18.92
C GLU A 177 -11.57 0.60 19.98
N GLU A 178 -10.98 0.59 21.18
CA GLU A 178 -11.50 -0.31 22.26
C GLU A 178 -12.89 0.15 22.65
N LEU A 179 -13.14 1.43 22.36
CA LEU A 179 -14.43 2.08 22.60
C LEU A 179 -15.60 1.40 21.86
N TRP A 180 -15.33 0.86 20.67
CA TRP A 180 -16.41 0.25 19.92
C TRP A 180 -16.12 -1.20 19.57
N THR A 181 -15.27 -1.82 20.37
CA THR A 181 -14.93 -3.22 20.21
C THR A 181 -15.87 -4.04 21.08
N PRO A 182 -16.32 -5.20 20.59
CA PRO A 182 -17.22 -5.98 21.43
C PRO A 182 -16.61 -6.23 22.80
N HIS A 183 -17.41 -6.02 23.84
CA HIS A 183 -16.99 -6.26 25.22
C HIS A 183 -15.92 -5.24 25.69
N SER A 184 -16.21 -3.97 25.41
CA SER A 184 -15.31 -2.86 25.73
C SER A 184 -14.97 -2.75 27.21
N PRO A 185 -13.72 -2.33 27.51
CA PRO A 185 -13.25 -2.10 28.88
C PRO A 185 -14.23 -1.29 29.72
N HIS A 186 -14.90 -0.30 29.10
CA HIS A 186 -15.78 0.61 29.84
C HIS A 186 -16.96 -0.08 30.52
N ILE A 187 -17.38 -1.24 30.01
CA ILE A 187 -18.40 -2.03 30.71
C ILE A 187 -17.93 -2.55 32.08
N ASP A 188 -16.82 -3.28 32.10
CA ASP A 188 -16.29 -3.85 33.34
C ASP A 188 -15.73 -2.76 34.26
N MET A 189 -15.12 -1.75 33.67
CA MET A 189 -14.62 -0.63 34.46
C MET A 189 -15.76 0.03 35.23
N GLY A 190 -16.89 0.16 34.55
CA GLY A 190 -18.08 0.75 35.15
C GLY A 190 -18.55 -0.08 36.32
N LEU A 191 -18.82 -1.35 36.02
CA LEU A 191 -19.13 -2.35 37.02
C LEU A 191 -18.18 -2.28 38.22
N ASP A 192 -16.90 -2.09 37.97
CA ASP A 192 -15.91 -2.12 39.05
C ASP A 192 -15.92 -0.82 39.84
N GLY A 193 -16.51 0.21 39.26
CA GLY A 193 -16.67 1.48 39.96
C GLY A 193 -15.71 2.55 39.50
N VAL A 194 -15.19 2.40 38.29
CA VAL A 194 -14.33 3.42 37.70
C VAL A 194 -15.16 4.63 37.30
N GLU A 195 -14.78 5.77 37.86
CA GLU A 195 -15.58 7.02 37.72
C GLU A 195 -15.15 7.89 36.54
N ILE A 196 -13.90 7.75 36.13
CA ILE A 196 -13.36 8.47 35.00
C ILE A 196 -12.70 7.48 34.06
N ILE A 197 -12.99 7.62 32.77
CA ILE A 197 -12.42 6.75 31.75
C ILE A 197 -11.80 7.60 30.66
N THR A 198 -10.47 7.46 30.48
CA THR A 198 -9.75 8.17 29.42
C THR A 198 -9.57 7.35 28.13
N ASN A 199 -9.89 7.97 27.00
CA ASN A 199 -9.71 7.36 25.70
C ASN A 199 -8.80 8.23 24.81
N ALA A 200 -7.61 7.71 24.51
CA ALA A 200 -6.67 8.34 23.61
C ALA A 200 -6.85 7.83 22.17
N SER A 201 -7.20 8.71 21.26
CA SER A 201 -7.49 8.29 19.90
C SER A 201 -6.44 8.79 18.93
N GLY A 202 -6.44 8.14 17.77
CA GLY A 202 -5.80 8.62 16.57
C GLY A 202 -6.77 8.16 15.50
N SER A 203 -7.87 8.87 15.33
CA SER A 203 -8.80 8.60 14.25
C SER A 203 -8.80 9.74 13.23
N HIS A 204 -8.74 9.35 11.96
CA HIS A 204 -8.66 10.28 10.87
C HIS A 204 -10.06 10.70 10.37
N HIS A 205 -10.11 11.85 9.72
CA HIS A 205 -11.34 12.39 9.17
C HIS A 205 -12.01 11.39 8.24
N VAL A 206 -13.33 11.38 8.25
CA VAL A 206 -14.12 10.66 7.27
C VAL A 206 -15.42 11.42 7.11
N LEU A 207 -15.63 11.88 5.88
CA LEU A 207 -16.75 12.73 5.56
C LEU A 207 -18.05 12.20 6.15
N ARG A 208 -18.63 13.01 7.05
CA ARG A 208 -20.00 12.83 7.57
C ARG A 208 -20.12 11.94 8.80
N LYS A 209 -19.03 11.28 9.19
CA LYS A 209 -19.08 10.29 10.27
C LYS A 209 -18.61 10.83 11.62
N ALA A 210 -18.54 12.16 11.76
CA ALA A 210 -18.11 12.77 13.03
C ALA A 210 -19.07 12.48 14.18
N ASN A 211 -20.35 12.38 13.88
CA ASN A 211 -21.36 12.18 14.91
C ASN A 211 -21.34 10.82 15.60
N THR A 212 -20.87 9.81 14.89
CA THR A 212 -20.83 8.46 15.46
C THR A 212 -19.87 8.40 16.65
N ARG A 213 -18.78 9.15 16.57
CA ARG A 213 -17.84 9.24 17.69
C ARG A 213 -18.57 9.88 18.89
N VAL A 214 -19.17 11.03 18.66
CA VAL A 214 -19.88 11.76 19.70
C VAL A 214 -21.00 10.94 20.29
N ASP A 215 -21.85 10.39 19.42
CA ASP A 215 -22.93 9.50 19.86
C ASP A 215 -22.43 8.38 20.76
N LEU A 216 -21.40 7.69 20.32
CA LEU A 216 -20.85 6.60 21.10
C LEU A 216 -20.50 7.03 22.52
N VAL A 217 -19.58 7.98 22.65
CA VAL A 217 -19.20 8.49 23.97
C VAL A 217 -20.42 8.90 24.77
N THR A 218 -21.33 9.60 24.10
CA THR A 218 -22.56 10.01 24.74
C THR A 218 -23.32 8.81 25.28
N MET A 219 -23.71 7.88 24.39
CA MET A 219 -24.45 6.67 24.79
C MET A 219 -23.79 5.91 25.92
N VAL A 220 -22.49 5.64 25.78
CA VAL A 220 -21.71 5.02 26.83
C VAL A 220 -21.86 5.71 28.19
N THR A 221 -21.66 7.02 28.24
CA THR A 221 -21.79 7.69 29.53
C THR A 221 -23.25 7.66 30.02
N SER A 222 -24.18 7.75 29.08
CA SER A 222 -25.59 7.66 29.40
C SER A 222 -25.91 6.31 29.98
N LYS A 223 -25.47 5.26 29.31
CA LYS A 223 -25.79 3.89 29.69
C LYS A 223 -25.09 3.46 30.99
N ASN A 224 -23.81 3.81 31.16
CA ASN A 224 -23.04 3.31 32.29
C ASN A 224 -22.76 4.36 33.37
N GLY A 225 -23.16 5.59 33.12
CA GLY A 225 -22.74 6.68 33.98
C GLY A 225 -21.23 6.91 33.86
N GLY A 226 -20.77 8.04 34.38
CA GLY A 226 -19.35 8.32 34.41
C GLY A 226 -18.92 9.50 33.54
N ILE A 227 -17.72 9.96 33.83
CA ILE A 227 -17.03 10.93 33.00
C ILE A 227 -16.25 10.19 31.92
N TYR A 228 -16.33 10.69 30.69
CA TYR A 228 -15.54 10.13 29.60
C TYR A 228 -14.68 11.21 28.97
N LEU A 229 -13.39 10.92 28.85
CA LEU A 229 -12.44 11.83 28.23
C LEU A 229 -11.93 11.22 26.93
N LEU A 230 -11.90 12.03 25.87
CA LEU A 230 -11.41 11.57 24.58
C LEU A 230 -10.47 12.61 24.04
N ALA A 231 -9.28 12.16 23.67
CA ALA A 231 -8.28 13.01 23.04
C ALA A 231 -7.92 12.42 21.69
N ASN A 232 -7.54 13.28 20.75
CA ASN A 232 -7.23 12.83 19.39
C ASN A 232 -6.22 13.74 18.70
N GLN A 233 -5.37 13.14 17.89
CA GLN A 233 -4.49 13.87 17.01
C GLN A 233 -5.28 14.82 16.08
N LYS A 234 -4.76 16.01 15.77
CA LYS A 234 -5.43 16.90 14.82
C LYS A 234 -4.48 17.52 13.80
N GLY A 235 -4.70 17.21 12.53
CA GLY A 235 -3.84 17.69 11.47
C GLY A 235 -3.26 16.57 10.62
N CYS A 236 -2.23 16.88 9.84
CA CYS A 236 -1.59 15.89 8.99
C CYS A 236 -0.27 15.45 9.63
N ASP A 237 -0.08 14.15 9.84
CA ASP A 237 1.12 13.70 10.55
C ASP A 237 2.19 13.13 9.62
N GLY A 238 2.00 13.37 8.31
CA GLY A 238 3.02 13.08 7.31
C GLY A 238 2.58 12.21 6.14
N ASP A 239 1.28 12.09 5.92
CA ASP A 239 0.79 11.23 4.86
C ASP A 239 -0.57 11.72 4.39
N ARG A 240 -1.37 10.83 3.81
CA ARG A 240 -2.58 11.27 3.13
C ARG A 240 -3.79 11.39 4.05
N LEU A 241 -3.60 11.11 5.33
CA LEU A 241 -4.69 11.25 6.32
C LEU A 241 -4.70 12.61 7.02
N TYR A 242 -5.91 13.07 7.32
CA TYR A 242 -6.13 14.21 8.22
C TYR A 242 -6.83 13.75 9.51
N TYR A 243 -6.18 13.91 10.65
CA TYR A 243 -6.81 13.57 11.90
C TYR A 243 -7.60 14.77 12.33
N ASP A 244 -8.85 14.54 12.73
CA ASP A 244 -9.78 15.64 13.00
C ASP A 244 -10.20 15.77 14.48
N GLY A 245 -9.23 15.77 15.39
CA GLY A 245 -9.51 15.60 16.81
C GLY A 245 -10.76 16.26 17.38
N CYS A 246 -11.84 15.49 17.47
CA CYS A 246 -13.03 16.02 18.13
C CYS A 246 -12.90 15.57 19.55
N ALA A 247 -11.86 16.03 20.22
CA ALA A 247 -11.64 15.70 21.61
C ALA A 247 -12.88 16.15 22.37
N MET A 248 -13.29 15.36 23.34
CA MET A 248 -14.48 15.69 24.08
C MET A 248 -14.39 15.34 25.54
N ILE A 249 -15.27 15.95 26.32
CA ILE A 249 -15.47 15.57 27.71
C ILE A 249 -16.96 15.39 27.90
N ALA A 250 -17.34 14.18 28.28
CA ALA A 250 -18.73 13.79 28.46
C ALA A 250 -18.94 13.27 29.87
N MET A 251 -20.14 13.44 30.39
CA MET A 251 -20.50 12.83 31.66
C MET A 251 -21.97 12.50 31.67
N ASN A 252 -22.32 11.36 32.25
CA ASN A 252 -23.71 10.95 32.37
C ASN A 252 -24.60 11.24 31.17
N GLY A 253 -24.03 11.26 29.97
CA GLY A 253 -24.84 11.35 28.78
C GLY A 253 -24.85 12.71 28.13
N SER A 254 -24.24 13.69 28.81
CA SER A 254 -24.17 15.05 28.29
C SER A 254 -22.74 15.39 27.97
N VAL A 255 -22.58 16.35 27.05
CA VAL A 255 -21.26 16.81 26.63
C VAL A 255 -20.91 18.10 27.35
N PHE A 256 -19.66 18.22 27.78
CA PHE A 256 -19.25 19.41 28.53
C PHE A 256 -18.20 20.26 27.85
N ALA A 257 -17.48 19.66 26.91
CA ALA A 257 -16.44 20.33 26.16
C ALA A 257 -16.43 19.71 24.77
N GLN A 258 -16.35 20.57 23.75
CA GLN A 258 -16.31 20.12 22.36
C GLN A 258 -15.07 20.67 21.73
N GLY A 259 -14.17 19.79 21.29
CA GLY A 259 -12.96 20.21 20.60
C GLY A 259 -13.16 20.37 19.09
N SER A 260 -12.35 21.25 18.49
CA SER A 260 -12.39 21.52 17.05
C SER A 260 -12.15 20.28 16.18
N GLN A 261 -12.82 20.23 15.04
CA GLN A 261 -12.58 19.17 14.09
C GLN A 261 -11.44 19.59 13.18
N PHE A 262 -11.48 20.83 12.71
CA PHE A 262 -10.43 21.36 11.87
C PHE A 262 -10.07 22.77 12.32
N SER A 263 -8.79 22.98 12.61
CA SER A 263 -8.31 24.28 13.00
C SER A 263 -6.83 24.29 12.71
N LEU A 264 -6.23 25.47 12.72
CA LEU A 264 -4.81 25.59 12.45
C LEU A 264 -4.05 25.71 13.76
N ASP A 265 -4.57 25.11 14.83
CA ASP A 265 -3.87 25.12 16.10
C ASP A 265 -3.03 23.88 16.21
N ASP A 266 -1.82 24.04 16.73
CA ASP A 266 -0.94 22.91 16.94
C ASP A 266 -1.32 22.23 18.27
N VAL A 267 -1.87 23.03 19.18
CA VAL A 267 -2.28 22.56 20.51
C VAL A 267 -3.64 23.13 20.93
N GLU A 268 -4.63 22.27 21.11
CA GLU A 268 -5.96 22.69 21.65
C GLU A 268 -6.34 21.86 22.89
N VAL A 269 -6.51 22.51 24.04
CA VAL A 269 -6.78 21.82 25.31
C VAL A 269 -8.21 22.07 25.78
N LEU A 270 -8.94 21.01 26.08
CA LEU A 270 -10.26 21.15 26.71
C LEU A 270 -10.16 20.88 28.21
N THR A 271 -10.83 21.69 29.02
CA THR A 271 -10.98 21.34 30.43
C THR A 271 -12.44 21.29 30.79
N ALA A 272 -12.72 20.78 31.99
CA ALA A 272 -14.07 20.80 32.56
C ALA A 272 -13.97 20.59 34.05
N THR A 273 -14.79 21.31 34.80
CA THR A 273 -14.85 21.09 36.25
C THR A 273 -16.13 20.34 36.65
N LEU A 274 -15.95 19.11 37.08
CA LEU A 274 -17.08 18.23 37.35
C LEU A 274 -17.05 17.71 38.78
N ASP A 275 -18.24 17.54 39.35
CA ASP A 275 -18.40 16.97 40.69
C ASP A 275 -18.55 15.46 40.53
N LEU A 276 -17.65 14.71 41.15
CA LEU A 276 -17.68 13.25 41.06
C LEU A 276 -18.96 12.67 41.65
N GLU A 277 -19.57 13.41 42.57
CA GLU A 277 -20.78 12.93 43.26
C GLU A 277 -21.96 12.89 42.32
N ASP A 278 -21.86 13.61 41.21
CA ASP A 278 -22.90 13.57 40.19
C ASP A 278 -22.90 12.20 39.53
N VAL A 279 -21.69 11.65 39.35
CA VAL A 279 -21.54 10.30 38.82
C VAL A 279 -22.18 9.32 39.79
N ARG A 280 -21.75 9.41 41.04
CA ARG A 280 -22.15 8.49 42.07
C ARG A 280 -23.68 8.50 42.23
N SER A 281 -24.28 9.69 42.17
CA SER A 281 -25.73 9.78 42.32
C SER A 281 -26.49 9.46 41.02
N TYR A 282 -25.83 9.61 39.87
CA TYR A 282 -26.42 9.21 38.59
C TYR A 282 -26.41 7.69 38.44
N ARG A 283 -25.36 7.04 38.94
CA ARG A 283 -25.30 5.58 38.91
C ARG A 283 -26.32 4.95 39.88
N ALA A 284 -26.56 5.62 41.01
CA ALA A 284 -27.54 5.15 41.99
C ALA A 284 -28.92 5.18 41.37
N GLU A 285 -29.11 6.22 40.56
CA GLU A 285 -30.36 6.49 39.80
C GLU A 285 -30.75 5.34 38.90
N ILE A 286 -29.74 4.67 38.34
CA ILE A 286 -29.98 3.51 37.48
C ILE A 286 -30.07 2.24 38.32
N SER A 287 -28.93 1.59 38.53
CA SER A 287 -28.87 0.36 39.30
C SER A 287 -27.91 0.47 40.49
N SER A 288 -28.48 0.72 41.66
CA SER A 288 -27.75 0.80 42.94
C SER A 288 -27.66 -0.61 43.52
N ARG A 289 -28.23 -1.56 42.78
CA ARG A 289 -28.30 -2.95 43.17
C ARG A 289 -27.06 -3.73 42.74
N ASN A 290 -27.33 -4.96 42.29
CA ASN A 290 -26.34 -5.92 41.91
C ASN A 290 -26.64 -6.27 40.45
N LEU A 291 -25.78 -7.03 39.79
CA LEU A 291 -26.07 -7.38 38.40
C LEU A 291 -26.43 -8.86 38.21
N ALA A 292 -26.15 -9.38 37.01
CA ALA A 292 -26.58 -10.73 36.64
C ALA A 292 -25.81 -11.82 37.38
N ALA A 293 -25.02 -11.42 38.37
CA ALA A 293 -24.14 -12.34 39.08
C ALA A 293 -23.03 -12.81 38.12
N SER A 294 -22.02 -11.96 37.94
CA SER A 294 -20.98 -12.23 36.94
C SER A 294 -19.75 -12.94 37.51
N ARG A 295 -19.33 -12.55 38.72
CA ARG A 295 -18.17 -13.14 39.41
C ARG A 295 -16.90 -13.24 38.54
N ALA A 296 -16.65 -12.24 37.71
CA ALA A 296 -15.48 -12.21 36.83
C ALA A 296 -14.23 -11.69 37.56
N SER A 297 -13.05 -11.98 37.01
CA SER A 297 -11.79 -11.48 37.57
C SER A 297 -11.84 -9.97 37.53
N PRO A 298 -11.66 -9.35 38.70
CA PRO A 298 -11.82 -7.89 38.75
C PRO A 298 -10.54 -7.17 38.35
N TYR A 299 -10.67 -5.88 38.08
CA TYR A 299 -9.54 -5.06 37.70
C TYR A 299 -8.50 -4.89 38.80
N PRO A 300 -7.23 -5.15 38.47
CA PRO A 300 -6.09 -4.80 39.32
C PRO A 300 -6.04 -3.30 39.56
N ARG A 301 -5.55 -2.92 40.73
CA ARG A 301 -5.61 -1.53 41.13
C ARG A 301 -4.25 -0.96 41.49
N VAL A 302 -3.84 0.07 40.77
CA VAL A 302 -2.64 0.82 41.09
C VAL A 302 -2.96 1.92 42.11
N LYS A 303 -2.48 1.77 43.35
CA LYS A 303 -2.64 2.84 44.34
C LYS A 303 -1.78 4.04 43.98
N VAL A 304 -2.41 5.21 43.93
CA VAL A 304 -1.70 6.47 43.65
C VAL A 304 -1.90 7.49 44.76
N ASP A 305 -0.81 7.89 45.40
CA ASP A 305 -0.86 8.83 46.52
C ASP A 305 -1.10 10.29 46.09
N PHE A 306 -2.32 10.58 45.65
CA PHE A 306 -2.66 11.83 45.02
C PHE A 306 -4.15 12.10 45.13
N ALA A 307 -4.53 13.36 45.32
CA ALA A 307 -5.94 13.74 45.32
C ALA A 307 -6.28 14.56 44.09
N LEU A 308 -7.18 14.04 43.28
CA LEU A 308 -7.56 14.68 42.04
C LEU A 308 -8.30 15.99 42.27
N SER A 309 -9.12 16.03 43.32
CA SER A 309 -9.77 17.27 43.74
C SER A 309 -8.97 17.90 44.88
N CYS A 310 -8.61 19.17 44.75
CA CYS A 310 -7.80 19.81 45.79
C CYS A 310 -8.20 21.26 46.14
N HIS A 311 -9.11 21.40 47.09
CA HIS A 311 -9.42 22.69 47.72
C HIS A 311 -10.03 23.76 46.81
N GLU A 312 -9.84 23.64 45.49
CA GLU A 312 -10.29 24.68 44.52
C GLU A 312 -11.80 24.95 44.54
N ASP A 313 -12.59 23.99 45.02
CA ASP A 313 -14.05 24.10 45.07
C ASP A 313 -14.59 25.50 45.38
N LEU A 314 -14.03 26.15 46.40
CA LEU A 314 -14.53 27.44 46.89
C LEU A 314 -14.73 28.51 45.83
N LEU A 315 -14.07 28.34 44.68
CA LEU A 315 -14.21 29.29 43.58
C LEU A 315 -14.61 28.58 42.27
N ALA A 316 -14.16 27.34 42.11
CA ALA A 316 -14.27 26.59 40.86
C ALA A 316 -15.71 26.35 40.38
N PRO A 317 -16.10 27.03 39.29
CA PRO A 317 -17.40 26.88 38.66
C PRO A 317 -17.56 25.52 38.00
N ILE A 318 -18.67 24.88 38.30
CA ILE A 318 -19.03 23.62 37.66
C ILE A 318 -19.33 23.85 36.18
N SER A 319 -18.78 23.02 35.32
CA SER A 319 -19.05 23.10 33.89
C SER A 319 -20.51 22.78 33.60
N GLU A 320 -21.16 23.63 32.80
CA GLU A 320 -22.55 23.32 32.37
C GLU A 320 -22.55 22.50 31.07
N PRO A 321 -23.61 21.70 30.86
CA PRO A 321 -23.73 20.87 29.66
C PRO A 321 -23.85 21.72 28.40
N ILE A 322 -23.40 21.19 27.28
CA ILE A 322 -23.48 21.89 26.01
C ILE A 322 -24.02 20.97 24.90
N GLU A 323 -24.46 21.59 23.81
CA GLU A 323 -24.84 20.85 22.60
C GLU A 323 -23.70 20.86 21.60
N TRP A 324 -23.43 19.68 21.04
CA TRP A 324 -22.39 19.50 20.02
C TRP A 324 -22.83 20.13 18.71
N LYS A 325 -22.03 21.06 18.19
CA LYS A 325 -22.33 21.68 16.90
C LYS A 325 -21.55 20.97 15.79
N TYR A 326 -22.26 20.47 14.78
CA TYR A 326 -21.62 19.78 13.66
C TYR A 326 -21.37 20.71 12.47
N HIS A 327 -20.42 20.36 11.62
CA HIS A 327 -20.26 21.06 10.36
C HIS A 327 -21.14 20.43 9.27
N SER A 328 -21.73 21.28 8.45
CA SER A 328 -22.39 20.80 7.24
C SER A 328 -21.35 20.02 6.42
N PRO A 329 -21.81 19.13 5.55
CA PRO A 329 -20.86 18.41 4.70
C PRO A 329 -20.01 19.37 3.86
N GLU A 330 -20.62 20.42 3.32
CA GLU A 330 -19.84 21.41 2.55
C GLU A 330 -18.84 22.12 3.44
N GLU A 331 -19.24 22.53 4.65
CA GLU A 331 -18.27 23.12 5.62
C GLU A 331 -17.15 22.16 5.90
N GLU A 332 -17.47 20.87 6.05
CA GLU A 332 -16.44 19.81 6.27
C GLU A 332 -15.41 19.81 5.15
N ILE A 333 -15.90 19.83 3.92
CA ILE A 333 -15.06 19.84 2.73
C ILE A 333 -14.20 21.10 2.64
N SER A 334 -14.79 22.23 3.00
CA SER A 334 -14.09 23.52 2.90
C SER A 334 -13.02 23.68 4.00
N LEU A 335 -13.06 22.80 5.02
CA LEU A 335 -12.16 22.97 6.16
C LEU A 335 -11.04 21.94 6.25
N GLY A 336 -11.38 20.68 6.02
CA GLY A 336 -10.41 19.60 6.20
C GLY A 336 -9.26 19.62 5.20
N PRO A 337 -9.56 19.26 3.95
CA PRO A 337 -8.56 19.34 2.88
C PRO A 337 -7.80 20.67 2.95
N ALA A 338 -8.50 21.72 3.37
CA ALA A 338 -7.91 23.04 3.55
C ALA A 338 -6.81 23.04 4.63
N CYS A 339 -7.14 22.58 5.83
CA CYS A 339 -6.17 22.50 6.91
C CYS A 339 -5.08 21.51 6.58
N TRP A 340 -5.46 20.46 5.86
CA TRP A 340 -4.49 19.51 5.34
C TRP A 340 -3.41 20.24 4.51
N LEU A 341 -3.87 20.97 3.49
CA LEU A 341 -2.98 21.65 2.55
C LEU A 341 -2.05 22.61 3.27
N TRP A 342 -2.56 23.21 4.34
CA TRP A 342 -1.75 24.09 5.18
C TRP A 342 -0.59 23.36 5.85
N ASP A 343 -0.86 22.21 6.48
CA ASP A 343 0.24 21.45 7.08
C ASP A 343 1.21 20.94 6.01
N PHE A 344 0.65 20.47 4.90
CA PHE A 344 1.50 20.02 3.83
C PHE A 344 2.48 21.08 3.35
N LEU A 345 1.97 22.28 3.11
CA LEU A 345 2.79 23.40 2.69
C LEU A 345 3.83 23.75 3.74
N ARG A 346 3.39 23.87 4.98
CA ARG A 346 4.29 24.34 6.01
C ARG A 346 5.34 23.31 6.37
N ARG A 347 4.99 22.03 6.34
CA ARG A 347 5.98 21.00 6.72
C ARG A 347 6.85 20.53 5.55
N SER A 348 6.37 20.73 4.31
CA SER A 348 7.17 20.43 3.13
C SER A 348 8.27 21.48 2.93
N GLN A 349 8.14 22.60 3.62
CA GLN A 349 9.08 23.70 3.47
C GLN A 349 9.15 24.16 2.01
N GLN A 350 8.02 24.04 1.32
CA GLN A 350 7.91 24.40 -0.10
C GLN A 350 7.43 25.85 -0.21
N ALA A 351 7.67 26.48 -1.35
CA ALA A 351 7.40 27.91 -1.49
C ALA A 351 5.94 28.22 -1.81
N GLY A 352 5.19 27.21 -2.25
CA GLY A 352 3.77 27.38 -2.52
C GLY A 352 3.19 26.26 -3.36
N PHE A 353 2.04 26.52 -3.98
CA PHE A 353 1.37 25.55 -4.85
C PHE A 353 1.27 25.99 -6.32
N LEU A 354 1.15 25.01 -7.21
CA LEU A 354 0.96 25.24 -8.63
C LEU A 354 -0.28 24.45 -9.07
N LEU A 355 -1.34 25.16 -9.45
CA LEU A 355 -2.61 24.53 -9.77
C LEU A 355 -3.05 24.66 -11.25
N PRO A 356 -2.95 23.56 -12.01
CA PRO A 356 -3.51 23.60 -13.36
C PRO A 356 -5.03 23.79 -13.34
N LEU A 357 -5.48 25.00 -13.72
CA LEU A 357 -6.85 25.44 -13.57
C LEU A 357 -7.51 25.43 -14.94
N SER A 358 -8.55 24.63 -15.09
CA SER A 358 -9.03 24.29 -16.42
C SER A 358 -10.24 25.08 -16.80
N GLY A 359 -10.84 25.73 -15.81
CA GLY A 359 -12.12 26.39 -16.01
C GLY A 359 -13.28 25.43 -15.78
N GLY A 360 -12.98 24.27 -15.20
CA GLY A 360 -13.98 23.26 -14.91
C GLY A 360 -14.19 23.17 -13.41
N VAL A 361 -15.18 22.38 -13.00
CA VAL A 361 -15.56 22.29 -11.59
C VAL A 361 -14.46 21.83 -10.61
N ASP A 362 -13.76 20.72 -10.90
CA ASP A 362 -12.83 20.16 -9.92
C ASP A 362 -11.61 21.04 -9.66
N SER A 363 -10.93 21.43 -10.72
CA SER A 363 -9.84 22.38 -10.59
C SER A 363 -10.32 23.59 -9.79
N ALA A 364 -11.57 24.01 -10.02
CA ALA A 364 -12.17 25.14 -9.30
C ALA A 364 -12.29 24.85 -7.80
N ALA A 365 -12.87 23.71 -7.47
CA ALA A 365 -13.00 23.29 -6.10
C ALA A 365 -11.63 23.35 -5.44
N THR A 366 -10.63 22.84 -6.14
CA THR A 366 -9.28 22.81 -5.60
C THR A 366 -8.80 24.22 -5.26
N ALA A 367 -9.00 25.14 -6.20
CA ALA A 367 -8.78 26.57 -5.98
C ALA A 367 -9.51 27.12 -4.74
N CYS A 368 -10.76 26.73 -4.57
CA CYS A 368 -11.57 27.14 -3.43
C CYS A 368 -10.99 26.65 -2.10
N LEU A 369 -10.45 25.44 -2.09
CA LEU A 369 -9.81 24.88 -0.90
C LEU A 369 -8.61 25.70 -0.46
N ILE A 370 -7.81 26.14 -1.44
CA ILE A 370 -6.70 27.05 -1.17
C ILE A 370 -7.18 28.38 -0.64
N TYR A 371 -8.19 28.96 -1.27
CA TYR A 371 -8.71 30.23 -0.80
C TYR A 371 -9.18 30.06 0.61
N SER A 372 -9.89 28.95 0.87
CA SER A 372 -10.37 28.69 2.21
C SER A 372 -9.21 28.61 3.17
N MET A 373 -8.17 27.88 2.76
CA MET A 373 -6.96 27.84 3.54
C MET A 373 -6.48 29.24 3.92
N CYS A 374 -6.36 30.11 2.93
CA CYS A 374 -5.88 31.46 3.19
C CYS A 374 -6.74 32.14 4.25
N CYS A 375 -8.07 32.06 4.09
CA CYS A 375 -9.01 32.63 5.05
C CYS A 375 -8.74 32.15 6.47
N GLN A 376 -8.57 30.84 6.60
CA GLN A 376 -8.28 30.21 7.88
C GLN A 376 -7.03 30.79 8.48
N VAL A 377 -6.03 31.02 7.63
CA VAL A 377 -4.77 31.56 8.10
C VAL A 377 -4.98 32.98 8.56
N CYS A 378 -5.77 33.73 7.81
CA CYS A 378 -6.03 35.10 8.19
C CYS A 378 -6.75 35.09 9.51
N GLU A 379 -7.85 34.34 9.55
CA GLU A 379 -8.61 34.14 10.82
C GLU A 379 -7.65 33.83 11.96
N ALA A 380 -6.82 32.81 11.79
CA ALA A 380 -5.85 32.41 12.81
C ALA A 380 -4.93 33.54 13.27
N VAL A 381 -4.36 34.26 12.31
CA VAL A 381 -3.46 35.34 12.63
C VAL A 381 -4.17 36.42 13.42
N ARG A 382 -5.37 36.79 12.98
CA ARG A 382 -6.20 37.76 13.70
C ARG A 382 -6.43 37.31 15.15
N SER A 383 -6.62 35.99 15.31
CA SER A 383 -6.89 35.37 16.61
C SER A 383 -5.69 35.30 17.56
N GLY A 384 -4.52 35.71 17.10
CA GLY A 384 -3.35 35.77 17.97
C GLY A 384 -2.51 34.51 17.93
N ASN A 385 -2.71 33.71 16.88
CA ASN A 385 -1.98 32.46 16.72
C ASN A 385 -0.54 32.69 16.24
N GLU A 386 0.41 32.70 17.17
CA GLU A 386 1.84 32.97 16.87
C GLU A 386 2.45 31.95 15.94
N GLU A 387 2.10 30.69 16.13
CA GLU A 387 2.70 29.61 15.31
C GLU A 387 2.35 29.85 13.86
N VAL A 388 1.07 30.02 13.58
CA VAL A 388 0.61 30.27 12.22
C VAL A 388 1.29 31.53 11.64
N LEU A 389 1.29 32.63 12.38
CA LEU A 389 1.99 33.84 11.95
C LEU A 389 3.46 33.56 11.62
N ALA A 390 4.15 32.89 12.54
CA ALA A 390 5.53 32.48 12.30
C ALA A 390 5.66 31.75 10.97
N ASP A 391 4.80 30.77 10.74
CA ASP A 391 4.86 29.93 9.54
C ASP A 391 4.61 30.69 8.24
N VAL A 392 3.55 31.49 8.19
CA VAL A 392 3.30 32.32 7.01
C VAL A 392 4.52 33.16 6.69
N ARG A 393 4.99 33.90 7.70
CA ARG A 393 6.24 34.67 7.58
C ARG A 393 7.43 33.85 7.04
N THR A 394 7.55 32.60 7.47
CA THR A 394 8.62 31.74 6.96
C THR A 394 8.40 31.29 5.51
N ILE A 395 7.18 30.81 5.20
CA ILE A 395 6.79 30.49 3.82
C ILE A 395 6.97 31.63 2.79
N VAL A 396 6.58 32.86 3.12
CA VAL A 396 6.73 33.96 2.15
C VAL A 396 8.02 34.75 2.31
N ASN A 397 8.79 34.44 3.35
CA ASN A 397 10.11 35.03 3.58
C ASN A 397 10.11 36.46 4.10
N GLN A 398 8.94 36.99 4.40
CA GLN A 398 8.87 38.38 4.83
C GLN A 398 8.59 38.48 6.34
N ILE A 399 9.65 38.75 7.10
CA ILE A 399 9.61 38.88 8.56
C ILE A 399 8.48 39.76 9.12
N SER A 400 8.16 40.82 8.41
CA SER A 400 7.22 41.82 8.89
C SER A 400 5.81 41.54 8.41
N TYR A 401 5.66 40.51 7.59
CA TYR A 401 4.38 40.25 6.92
C TYR A 401 3.29 39.84 7.92
N THR A 402 2.05 40.22 7.60
CA THR A 402 0.91 39.93 8.46
C THR A 402 -0.36 39.81 7.63
N PRO A 403 -0.69 38.58 7.21
CA PRO A 403 -1.86 38.38 6.33
C PRO A 403 -3.15 38.85 6.97
N GLN A 404 -3.83 39.74 6.25
CA GLN A 404 -5.15 40.20 6.64
C GLN A 404 -6.15 39.94 5.52
N ASP A 405 -5.86 40.44 4.34
CA ASP A 405 -6.68 40.15 3.17
C ASP A 405 -6.30 38.77 2.65
N PRO A 406 -7.28 37.87 2.52
CA PRO A 406 -6.99 36.51 2.03
C PRO A 406 -6.50 36.51 0.57
N ARG A 407 -7.10 37.36 -0.27
CA ARG A 407 -6.66 37.51 -1.65
C ARG A 407 -5.18 37.88 -1.74
N ASP A 408 -4.69 38.63 -0.76
CA ASP A 408 -3.30 39.02 -0.73
C ASP A 408 -2.37 37.82 -0.48
N LEU A 409 -2.74 37.00 0.50
CA LEU A 409 -1.94 35.86 0.87
C LEU A 409 -1.97 34.89 -0.28
N CYS A 410 -3.17 34.63 -0.75
CA CYS A 410 -3.38 33.73 -1.86
C CYS A 410 -2.41 34.03 -2.99
N GLY A 411 -2.38 35.29 -3.44
CA GLY A 411 -1.47 35.70 -4.49
C GLY A 411 -0.04 35.22 -4.27
N ARG A 412 0.43 35.24 -3.03
CA ARG A 412 1.81 34.90 -2.72
C ARG A 412 2.04 33.41 -2.66
N ILE A 413 0.95 32.67 -2.63
CA ILE A 413 1.01 31.26 -2.25
C ILE A 413 0.50 30.32 -3.34
N LEU A 414 -0.31 30.86 -4.26
CA LEU A 414 -0.97 30.04 -5.26
C LEU A 414 -0.64 30.53 -6.64
N THR A 415 -0.26 29.61 -7.51
CA THR A 415 -0.05 29.93 -8.90
C THR A 415 -0.98 29.06 -9.72
N THR A 416 -1.94 29.67 -10.39
CA THR A 416 -2.85 28.92 -11.24
C THR A 416 -2.36 28.98 -12.68
N CYS A 417 -2.60 27.90 -13.43
CA CYS A 417 -2.07 27.82 -14.77
C CYS A 417 -3.09 27.23 -15.75
N TYR A 418 -3.52 28.06 -16.70
CA TYR A 418 -4.44 27.62 -17.75
C TYR A 418 -3.68 27.28 -19.03
N MET A 419 -3.77 26.03 -19.48
CA MET A 419 -3.02 25.56 -20.63
C MET A 419 -3.93 25.15 -21.79
N ALA A 420 -4.19 26.11 -22.68
CA ALA A 420 -5.11 25.90 -23.78
C ALA A 420 -4.48 25.14 -24.95
N SER A 421 -5.24 24.23 -25.53
CA SER A 421 -4.86 23.54 -26.76
C SER A 421 -5.46 24.24 -27.99
N LYS A 422 -5.20 23.66 -29.17
CA LYS A 422 -5.76 24.20 -30.41
C LYS A 422 -7.29 24.30 -30.37
N ASN A 423 -7.94 23.46 -29.57
CA ASN A 423 -9.40 23.35 -29.58
C ASN A 423 -10.12 23.92 -28.35
N SER A 424 -9.35 24.49 -27.41
CA SER A 424 -9.95 25.13 -26.24
C SER A 424 -10.85 26.30 -26.66
N SER A 425 -11.96 26.47 -25.96
CA SER A 425 -12.85 27.58 -26.23
C SER A 425 -12.37 28.84 -25.51
N GLN A 426 -12.84 29.99 -25.96
CA GLN A 426 -12.52 31.26 -25.30
C GLN A 426 -13.20 31.32 -23.95
N GLU A 427 -14.29 30.57 -23.80
CA GLU A 427 -15.13 30.61 -22.57
C GLU A 427 -14.38 30.04 -21.36
N THR A 428 -13.93 28.80 -21.44
CA THR A 428 -13.15 28.17 -20.39
C THR A 428 -11.91 29.00 -19.99
N CYS A 429 -11.21 29.54 -20.98
CA CYS A 429 -10.04 30.38 -20.72
C CYS A 429 -10.41 31.56 -19.83
N THR A 430 -11.53 32.21 -20.20
CA THR A 430 -12.13 33.33 -19.48
C THR A 430 -12.47 33.00 -18.02
N ARG A 431 -13.22 31.91 -17.84
CA ARG A 431 -13.65 31.48 -16.52
C ARG A 431 -12.48 31.28 -15.60
N ALA A 432 -11.43 30.62 -16.10
CA ALA A 432 -10.22 30.42 -15.29
C ALA A 432 -9.57 31.75 -14.95
N ARG A 433 -9.49 32.64 -15.94
CA ARG A 433 -8.93 33.96 -15.73
C ARG A 433 -9.68 34.69 -14.62
N GLU A 434 -11.02 34.60 -14.67
CA GLU A 434 -11.92 35.28 -13.71
C GLU A 434 -11.81 34.70 -12.31
N LEU A 435 -11.85 33.39 -12.20
CA LEU A 435 -11.76 32.78 -10.89
C LEU A 435 -10.43 33.13 -10.22
N ALA A 436 -9.34 33.12 -10.98
CA ALA A 436 -8.04 33.47 -10.44
C ALA A 436 -8.07 34.93 -9.95
N GLN A 437 -8.57 35.82 -10.80
CA GLN A 437 -8.72 37.23 -10.45
C GLN A 437 -9.41 37.39 -9.11
N GLN A 438 -10.47 36.62 -8.91
CA GLN A 438 -11.31 36.74 -7.72
C GLN A 438 -10.65 36.21 -6.43
N ILE A 439 -9.93 35.09 -6.52
CA ILE A 439 -9.26 34.55 -5.34
C ILE A 439 -7.90 35.20 -5.06
N GLY A 440 -7.28 35.76 -6.10
CA GLY A 440 -6.04 36.50 -5.92
C GLY A 440 -4.78 35.88 -6.49
N SER A 441 -4.86 34.62 -6.90
CA SER A 441 -3.70 33.88 -7.41
C SER A 441 -2.96 34.55 -8.56
N HIS A 442 -1.67 34.24 -8.68
CA HIS A 442 -0.88 34.60 -9.87
C HIS A 442 -1.29 33.69 -11.03
N HIS A 443 -1.95 34.25 -12.04
CA HIS A 443 -2.52 33.43 -13.09
C HIS A 443 -1.62 33.38 -14.31
N ILE A 444 -1.48 32.19 -14.87
CA ILE A 444 -0.70 31.99 -16.08
C ILE A 444 -1.63 31.38 -17.12
N SER A 445 -1.63 31.98 -18.30
CA SER A 445 -2.40 31.47 -19.43
C SER A 445 -1.48 31.33 -20.62
N LEU A 446 -1.45 30.13 -21.20
CA LEU A 446 -0.52 29.83 -22.28
C LEU A 446 -1.18 28.89 -23.29
N ASN A 447 -0.52 28.67 -24.43
CA ASN A 447 -1.00 27.69 -25.39
C ASN A 447 0.01 26.58 -25.63
N ILE A 448 -0.45 25.33 -25.47
CA ILE A 448 0.45 24.18 -25.58
C ILE A 448 0.79 23.82 -27.03
N ASP A 449 -0.03 24.27 -27.97
CA ASP A 449 0.06 23.79 -29.36
C ASP A 449 1.44 23.78 -30.03
N PRO A 450 2.30 24.78 -29.75
CA PRO A 450 3.68 24.74 -30.30
C PRO A 450 4.46 23.49 -29.87
N ALA A 451 4.29 23.07 -28.62
CA ALA A 451 4.96 21.87 -28.09
C ALA A 451 4.34 20.61 -28.65
N VAL A 452 3.02 20.59 -28.74
CA VAL A 452 2.31 19.50 -29.40
C VAL A 452 2.73 19.32 -30.87
N LYS A 453 2.63 20.37 -31.68
CA LYS A 453 3.11 20.32 -33.07
C LYS A 453 4.51 19.69 -33.17
N ALA A 454 5.40 20.14 -32.28
CA ALA A 454 6.78 19.66 -32.23
C ALA A 454 6.90 18.17 -31.95
N VAL A 455 6.17 17.68 -30.95
CA VAL A 455 6.14 16.24 -30.64
C VAL A 455 5.65 15.44 -31.86
N MET A 456 4.50 15.83 -32.40
CA MET A 456 3.96 15.11 -33.54
C MET A 456 4.86 15.26 -34.78
N GLY A 457 5.71 16.28 -34.77
CA GLY A 457 6.70 16.43 -35.82
C GLY A 457 7.78 15.36 -35.69
N ILE A 458 8.30 15.21 -34.49
CA ILE A 458 9.24 14.15 -34.19
C ILE A 458 8.69 12.80 -34.61
N PHE A 459 7.44 12.53 -34.27
CA PHE A 459 6.80 11.28 -34.65
C PHE A 459 6.79 11.08 -36.18
N SER A 460 6.20 12.04 -36.90
CA SER A 460 6.17 11.98 -38.36
C SER A 460 7.59 11.78 -38.92
N LEU A 461 8.51 12.62 -38.48
CA LEU A 461 9.88 12.62 -38.98
C LEU A 461 10.51 11.24 -38.99
N VAL A 462 10.07 10.39 -38.07
CA VAL A 462 10.74 9.12 -37.83
C VAL A 462 9.92 7.91 -38.30
N THR A 463 8.58 8.04 -38.31
CA THR A 463 7.71 6.95 -38.77
C THR A 463 7.19 7.18 -40.18
N GLY A 464 7.34 8.41 -40.67
CA GLY A 464 6.78 8.79 -41.96
C GLY A 464 5.25 8.89 -42.02
N LYS A 465 4.60 8.84 -40.86
CA LYS A 465 3.14 8.82 -40.79
C LYS A 465 2.59 9.96 -39.92
N SER A 466 1.44 10.50 -40.30
CA SER A 466 0.81 11.58 -39.51
C SER A 466 -0.55 11.14 -38.92
N PRO A 467 -0.60 11.00 -37.59
CA PRO A 467 -1.90 10.66 -36.99
C PRO A 467 -2.90 11.80 -37.18
N LEU A 468 -4.18 11.44 -37.35
CA LEU A 468 -5.25 12.41 -37.48
C LEU A 468 -6.27 12.30 -36.34
N PHE A 469 -6.94 13.41 -36.04
CA PHE A 469 -8.04 13.40 -35.09
C PHE A 469 -9.25 12.73 -35.69
N ALA A 470 -10.10 12.18 -34.84
CA ALA A 470 -11.25 11.44 -35.31
C ALA A 470 -12.03 12.26 -36.34
N ALA A 471 -12.18 13.54 -36.08
CA ALA A 471 -12.95 14.45 -36.95
C ALA A 471 -12.26 14.76 -38.28
N HIS A 472 -10.96 14.49 -38.36
CA HIS A 472 -10.23 14.64 -39.62
C HIS A 472 -10.01 13.28 -40.27
N GLY A 473 -10.88 12.32 -39.96
CA GLY A 473 -10.80 10.98 -40.55
C GLY A 473 -9.87 10.02 -39.82
N GLY A 474 -9.40 10.42 -38.65
CA GLY A 474 -8.47 9.61 -37.88
C GLY A 474 -9.14 8.42 -37.22
N SER A 475 -8.37 7.37 -36.96
CA SER A 475 -8.89 6.17 -36.31
C SER A 475 -9.17 6.42 -34.85
N SER A 476 -9.92 5.51 -34.23
CA SER A 476 -10.16 5.65 -32.81
C SER A 476 -8.85 5.74 -32.02
N ARG A 477 -7.90 4.87 -32.35
CA ARG A 477 -6.59 4.89 -31.70
C ARG A 477 -5.85 6.20 -31.90
N GLU A 478 -5.78 6.69 -33.14
CA GLU A 478 -5.06 7.96 -33.41
C GLU A 478 -5.65 9.09 -32.59
N ASN A 479 -6.96 9.18 -32.62
CA ASN A 479 -7.67 10.22 -31.90
C ASN A 479 -7.26 10.24 -30.45
N LEU A 480 -7.33 9.07 -29.82
CA LEU A 480 -7.00 8.94 -28.43
C LEU A 480 -5.55 9.36 -28.14
N ALA A 481 -4.62 8.83 -28.91
CA ALA A 481 -3.21 9.13 -28.74
C ALA A 481 -2.98 10.63 -28.75
N LEU A 482 -3.43 11.28 -29.81
CA LEU A 482 -3.36 12.72 -29.92
C LEU A 482 -3.89 13.42 -28.68
N GLN A 483 -5.09 13.06 -28.24
CA GLN A 483 -5.66 13.66 -27.04
C GLN A 483 -4.71 13.53 -25.86
N ASN A 484 -4.20 12.31 -25.67
CA ASN A 484 -3.30 12.00 -24.58
C ASN A 484 -2.01 12.78 -24.59
N VAL A 485 -1.44 12.99 -25.77
CA VAL A 485 -0.21 13.78 -25.91
C VAL A 485 -0.40 15.17 -25.32
N GLN A 486 -1.49 15.82 -25.70
CA GLN A 486 -1.82 17.14 -25.15
C GLN A 486 -1.96 17.07 -23.63
N ALA A 487 -2.66 16.05 -23.17
CA ALA A 487 -2.83 15.85 -21.74
C ALA A 487 -1.46 15.81 -21.07
N ARG A 488 -0.53 15.06 -21.66
CA ARG A 488 0.76 14.81 -21.02
C ARG A 488 1.68 16.01 -21.16
N ILE A 489 1.60 16.69 -22.28
CA ILE A 489 2.34 17.93 -22.45
C ILE A 489 1.93 18.91 -21.35
N ARG A 490 0.65 18.95 -21.01
CA ARG A 490 0.19 19.83 -19.95
C ARG A 490 0.93 19.50 -18.64
N MET A 491 1.08 18.21 -18.38
CA MET A 491 1.73 17.77 -17.16
C MET A 491 3.20 18.21 -17.17
N VAL A 492 3.87 18.02 -18.31
CA VAL A 492 5.26 18.40 -18.47
C VAL A 492 5.43 19.90 -18.18
N LEU A 493 4.51 20.68 -18.71
CA LEU A 493 4.53 22.11 -18.53
C LEU A 493 4.23 22.52 -17.09
N ALA A 494 3.25 21.86 -16.49
CA ALA A 494 2.91 22.11 -15.08
C ALA A 494 4.12 21.99 -14.17
N TYR A 495 4.90 20.93 -14.36
CA TYR A 495 6.07 20.71 -13.53
C TYR A 495 7.18 21.72 -13.81
N LEU A 496 7.30 22.11 -15.08
CA LEU A 496 8.26 23.15 -15.47
C LEU A 496 8.00 24.44 -14.71
N PHE A 497 6.74 24.87 -14.66
CA PHE A 497 6.36 26.07 -13.91
C PHE A 497 6.50 25.87 -12.41
N ALA A 498 6.14 24.68 -11.94
CA ALA A 498 6.30 24.34 -10.55
C ALA A 498 7.73 24.64 -10.17
N GLN A 499 8.63 24.18 -11.02
CA GLN A 499 10.05 24.23 -10.77
C GLN A 499 10.71 25.58 -11.06
N LEU A 500 10.14 26.35 -12.01
CA LEU A 500 10.76 27.59 -12.51
C LEU A 500 9.92 28.87 -12.54
N SER A 501 8.64 28.82 -12.20
CA SER A 501 7.81 30.04 -12.28
C SER A 501 8.21 31.09 -11.26
N LEU A 502 8.46 30.66 -10.03
CA LEU A 502 8.97 31.59 -9.03
C LEU A 502 10.28 32.15 -9.51
N TRP A 503 11.13 31.27 -10.03
CA TRP A 503 12.38 31.72 -10.62
C TRP A 503 12.12 32.82 -11.65
N SER A 504 11.14 32.60 -12.52
CA SER A 504 10.83 33.58 -13.57
C SER A 504 10.28 34.89 -13.02
N ARG A 505 9.93 34.90 -11.74
CA ARG A 505 9.41 36.08 -11.09
C ARG A 505 10.41 36.65 -10.10
N GLY A 506 11.65 36.18 -10.19
CA GLY A 506 12.75 36.72 -9.43
C GLY A 506 12.82 36.27 -7.98
N VAL A 507 12.32 35.07 -7.69
CA VAL A 507 12.12 34.67 -6.30
C VAL A 507 12.49 33.23 -5.99
N HIS A 508 13.09 33.00 -4.83
CA HIS A 508 13.60 31.68 -4.48
C HIS A 508 12.48 30.66 -4.32
N GLY A 509 12.81 29.39 -4.51
CA GLY A 509 11.90 28.32 -4.16
C GLY A 509 11.14 27.67 -5.30
N GLY A 510 10.37 26.64 -4.95
CA GLY A 510 9.59 25.89 -5.91
C GLY A 510 8.24 25.49 -5.36
N LEU A 511 7.37 24.99 -6.24
CA LEU A 511 5.96 24.77 -5.90
C LEU A 511 5.53 23.31 -5.86
N LEU A 512 4.63 22.97 -4.94
CA LEU A 512 3.95 21.68 -4.99
C LEU A 512 2.91 21.70 -6.11
N VAL A 513 2.99 20.74 -7.05
CA VAL A 513 1.94 20.58 -8.05
C VAL A 513 0.67 19.96 -7.42
N LEU A 514 -0.48 20.61 -7.60
CA LEU A 514 -1.73 20.04 -7.09
C LEU A 514 -2.52 19.33 -8.18
N GLY A 515 -3.11 18.19 -7.87
CA GLY A 515 -3.92 17.46 -8.83
C GLY A 515 -5.41 17.72 -8.65
N SER A 516 -6.23 17.30 -9.62
CA SER A 516 -7.68 17.51 -9.48
C SER A 516 -8.56 16.33 -9.92
N ALA A 517 -8.10 15.12 -9.64
CA ALA A 517 -8.92 13.96 -9.90
C ALA A 517 -9.93 13.82 -8.75
N ASN A 518 -11.15 13.41 -9.08
CA ASN A 518 -12.13 13.13 -8.05
C ASN A 518 -12.22 11.63 -7.81
N VAL A 519 -12.75 11.24 -6.66
CA VAL A 519 -12.81 9.82 -6.30
C VAL A 519 -13.57 8.98 -7.34
N ASP A 520 -14.63 9.54 -7.93
CA ASP A 520 -15.43 8.78 -8.90
C ASP A 520 -14.68 8.37 -10.17
N GLU A 521 -13.93 9.31 -10.76
CA GLU A 521 -13.17 9.01 -12.02
C GLU A 521 -11.90 8.22 -11.76
N SER A 522 -11.33 8.42 -10.57
CA SER A 522 -10.20 7.64 -10.09
C SER A 522 -10.57 6.14 -10.10
N LEU A 523 -11.76 5.82 -9.61
CA LEU A 523 -12.28 4.46 -9.60
C LEU A 523 -12.50 3.81 -10.97
N LEU A 524 -13.08 4.56 -11.89
CA LEU A 524 -13.32 4.03 -13.23
C LEU A 524 -12.07 4.10 -14.10
N GLY A 525 -11.03 4.76 -13.60
CA GLY A 525 -9.80 4.95 -14.34
C GLY A 525 -9.95 5.89 -15.51
N TYR A 526 -11.06 6.62 -15.53
CA TYR A 526 -11.34 7.57 -16.60
C TYR A 526 -10.38 8.75 -16.47
N LEU A 527 -9.10 8.50 -16.72
CA LEU A 527 -8.09 9.54 -16.72
C LEU A 527 -6.90 9.08 -17.54
N THR A 528 -6.06 10.01 -17.97
CA THR A 528 -4.88 9.65 -18.76
C THR A 528 -3.67 9.39 -17.87
N LYS A 529 -3.10 8.20 -17.98
CA LYS A 529 -1.95 7.87 -17.13
C LYS A 529 -0.85 8.90 -17.36
N TYR A 530 -0.47 9.59 -16.28
CA TYR A 530 0.60 10.57 -16.31
C TYR A 530 0.24 11.90 -17.01
N ASP A 531 -1.05 12.22 -17.11
CA ASP A 531 -1.47 13.58 -17.46
C ASP A 531 -1.50 14.40 -16.17
N CYS A 532 -2.29 15.46 -16.13
CA CYS A 532 -2.29 16.32 -14.94
C CYS A 532 -2.98 15.66 -13.76
N SER A 533 -3.38 14.40 -13.95
CA SER A 533 -4.02 13.62 -12.91
C SER A 533 -2.93 13.20 -11.95
N SER A 534 -1.70 13.17 -12.46
CA SER A 534 -0.58 12.90 -11.56
C SER A 534 0.23 14.16 -11.25
N ALA A 535 0.12 14.55 -9.99
CA ALA A 535 0.76 15.71 -9.44
C ALA A 535 1.48 15.22 -8.19
N ASP A 536 1.73 16.14 -7.27
CA ASP A 536 2.38 15.80 -6.01
C ASP A 536 1.34 15.37 -4.97
N ILE A 537 0.36 16.23 -4.71
CA ILE A 537 -0.75 15.88 -3.82
C ILE A 537 -2.08 16.27 -4.40
N ASN A 538 -3.10 15.49 -4.07
CA ASN A 538 -4.45 15.78 -4.55
C ASN A 538 -5.41 15.88 -3.37
N PRO A 539 -5.91 17.10 -3.10
CA PRO A 539 -6.80 17.28 -1.95
C PRO A 539 -8.24 16.85 -2.21
N ILE A 540 -8.67 16.79 -3.47
CA ILE A 540 -10.04 16.35 -3.73
C ILE A 540 -10.13 14.95 -4.29
N GLY A 541 -9.00 14.24 -4.28
CA GLY A 541 -8.94 12.88 -4.79
C GLY A 541 -9.94 11.92 -4.19
N GLY A 542 -10.43 12.21 -2.99
CA GLY A 542 -11.30 11.28 -2.31
C GLY A 542 -12.72 11.76 -2.20
N ILE A 543 -13.02 12.89 -2.85
CA ILE A 543 -14.34 13.47 -2.72
C ILE A 543 -15.19 13.13 -3.95
N SER A 544 -16.49 12.97 -3.71
CA SER A 544 -17.43 12.63 -4.76
C SER A 544 -17.70 13.82 -5.67
N LYS A 545 -17.96 13.56 -6.95
CA LYS A 545 -18.25 14.61 -7.90
C LYS A 545 -19.44 15.44 -7.46
N THR A 546 -20.49 14.76 -7.02
CA THR A 546 -21.67 15.46 -6.55
C THR A 546 -21.30 16.37 -5.39
N ASP A 547 -20.52 15.86 -4.44
CA ASP A 547 -20.10 16.72 -3.33
C ASP A 547 -19.29 17.91 -3.82
N LEU A 548 -18.43 17.69 -4.81
CA LEU A 548 -17.64 18.79 -5.37
C LEU A 548 -18.54 19.90 -5.93
N ARG A 549 -19.57 19.53 -6.68
CA ARG A 549 -20.50 20.53 -7.19
C ARG A 549 -21.20 21.23 -6.03
N ALA A 550 -21.64 20.44 -5.06
CA ALA A 550 -22.26 20.94 -3.85
C ALA A 550 -21.35 21.93 -3.12
N PHE A 551 -20.08 21.57 -3.00
CA PHE A 551 -19.10 22.42 -2.31
C PHE A 551 -18.86 23.72 -3.05
N VAL A 552 -18.79 23.64 -4.38
CA VAL A 552 -18.53 24.83 -5.18
C VAL A 552 -19.68 25.81 -5.16
N GLN A 553 -20.91 25.28 -5.07
CA GLN A 553 -22.09 26.14 -5.05
C GLN A 553 -22.21 26.84 -3.71
N PHE A 554 -21.66 26.19 -2.69
CA PHE A 554 -21.65 26.72 -1.35
C PHE A 554 -20.59 27.82 -1.24
N CYS A 555 -19.54 27.70 -2.04
CA CYS A 555 -18.45 28.68 -2.02
C CYS A 555 -18.88 30.03 -2.56
N ILE A 556 -19.80 30.02 -3.51
CA ILE A 556 -20.32 31.25 -4.08
C ILE A 556 -20.62 32.32 -3.00
N GLN A 557 -21.54 32.00 -2.09
CA GLN A 557 -21.95 32.92 -1.03
C GLN A 557 -20.99 33.02 0.17
N ARG A 558 -20.37 31.92 0.59
CA ARG A 558 -19.45 31.97 1.73
C ARG A 558 -18.18 32.75 1.39
N PHE A 559 -17.64 32.57 0.20
CA PHE A 559 -16.42 33.28 -0.17
C PHE A 559 -16.62 34.46 -1.10
N GLN A 560 -17.86 34.65 -1.57
CA GLN A 560 -18.15 35.72 -2.52
C GLN A 560 -17.28 35.55 -3.75
N LEU A 561 -17.55 34.49 -4.51
CA LEU A 561 -16.85 34.24 -5.77
C LEU A 561 -17.87 33.93 -6.86
N PRO A 562 -18.35 34.97 -7.57
CA PRO A 562 -19.36 34.86 -8.64
C PRO A 562 -18.86 34.07 -9.85
N ALA A 563 -17.54 34.03 -10.03
CA ALA A 563 -16.95 33.35 -11.19
C ALA A 563 -17.34 31.88 -11.23
N LEU A 564 -17.73 31.35 -10.07
CA LEU A 564 -18.09 29.93 -9.93
C LEU A 564 -19.39 29.54 -10.64
N GLN A 565 -20.32 30.50 -10.74
CA GLN A 565 -21.63 30.23 -11.36
C GLN A 565 -21.48 29.74 -12.79
N SER A 566 -20.77 30.50 -13.61
CA SER A 566 -20.58 30.10 -14.99
C SER A 566 -19.90 28.73 -15.02
N ILE A 567 -18.88 28.56 -14.19
CA ILE A 567 -18.17 27.28 -14.10
C ILE A 567 -19.12 26.12 -13.82
N LEU A 568 -20.08 26.34 -12.94
CA LEU A 568 -21.07 25.31 -12.63
C LEU A 568 -22.01 25.08 -13.81
N LEU A 569 -22.42 26.16 -14.45
CA LEU A 569 -23.39 26.11 -15.53
C LEU A 569 -22.81 25.54 -16.83
N ALA A 570 -21.51 25.67 -17.02
CA ALA A 570 -20.85 25.19 -18.24
C ALA A 570 -20.91 23.68 -18.39
N PRO A 571 -21.06 23.21 -19.64
CA PRO A 571 -21.07 21.77 -19.97
C PRO A 571 -19.72 21.12 -19.65
N ALA A 572 -19.75 20.01 -18.92
CA ALA A 572 -18.53 19.28 -18.56
C ALA A 572 -17.90 18.56 -19.76
N THR A 573 -17.12 19.30 -20.56
CA THR A 573 -16.50 18.71 -21.75
C THR A 573 -14.99 18.95 -21.80
N ALA A 574 -14.26 17.95 -22.30
CA ALA A 574 -12.81 18.04 -22.47
C ALA A 574 -12.48 18.44 -23.90
N GLU A 575 -12.13 19.71 -24.08
CA GLU A 575 -11.81 20.28 -25.40
C GLU A 575 -10.38 19.92 -25.82
N LEU A 576 -10.21 18.68 -26.26
CA LEU A 576 -8.91 18.20 -26.72
C LEU A 576 -8.96 17.81 -28.20
N GLU A 577 -10.16 17.58 -28.72
CA GLU A 577 -10.32 17.19 -30.15
C GLU A 577 -11.25 18.14 -30.91
N PRO A 578 -10.89 18.45 -32.17
CA PRO A 578 -11.76 19.33 -32.95
C PRO A 578 -13.13 18.71 -33.20
N LEU A 579 -14.14 19.58 -33.26
CA LEU A 579 -15.53 19.18 -33.45
C LEU A 579 -15.92 19.28 -34.93
N ALA A 580 -16.45 18.19 -35.48
CA ALA A 580 -16.94 18.18 -36.86
C ALA A 580 -18.26 18.95 -36.96
N ASP A 581 -18.63 19.32 -38.18
CA ASP A 581 -19.85 20.08 -38.40
C ASP A 581 -21.07 19.22 -38.13
N GLY A 582 -22.04 19.78 -37.42
CA GLY A 582 -23.30 19.11 -37.15
C GLY A 582 -23.40 18.53 -35.75
N GLN A 583 -22.29 18.50 -35.04
CA GLN A 583 -22.24 17.88 -33.71
C GLN A 583 -21.62 18.82 -32.67
N VAL A 584 -21.90 18.55 -31.40
CA VAL A 584 -21.28 19.31 -30.32
C VAL A 584 -20.48 18.37 -29.43
N SER A 585 -19.74 18.95 -28.49
CA SER A 585 -18.84 18.20 -27.61
C SER A 585 -19.58 17.10 -26.83
N GLN A 586 -18.89 16.00 -26.62
CA GLN A 586 -19.43 14.90 -25.83
C GLN A 586 -19.10 15.16 -24.35
N THR A 587 -20.07 14.94 -23.46
CA THR A 587 -19.84 15.15 -22.03
C THR A 587 -19.16 13.96 -21.38
N ASP A 588 -18.36 14.21 -20.36
CA ASP A 588 -17.68 13.15 -19.65
C ASP A 588 -18.62 12.00 -19.28
N GLU A 589 -19.82 12.32 -18.80
CA GLU A 589 -20.81 11.26 -18.42
C GLU A 589 -21.22 10.36 -19.58
N GLU A 590 -21.26 10.90 -20.79
CA GLU A 590 -21.53 10.04 -21.98
C GLU A 590 -20.28 9.26 -22.35
N ASP A 591 -19.15 9.95 -22.25
CA ASP A 591 -17.84 9.31 -22.45
C ASP A 591 -17.70 8.06 -21.58
N MET A 592 -17.98 8.20 -20.27
CA MET A 592 -17.88 7.09 -19.32
C MET A 592 -18.92 5.99 -19.54
N GLY A 593 -20.07 6.37 -20.06
CA GLY A 593 -21.14 5.42 -20.23
C GLY A 593 -21.87 5.16 -18.92
N MET A 594 -22.04 6.21 -18.13
CA MET A 594 -22.78 6.16 -16.86
C MET A 594 -22.66 7.50 -16.14
N THR A 595 -23.72 7.89 -15.44
CA THR A 595 -23.73 9.14 -14.69
C THR A 595 -22.91 9.00 -13.42
N TYR A 596 -22.32 10.12 -13.00
CA TYR A 596 -21.60 10.21 -11.73
C TYR A 596 -22.43 9.70 -10.55
N ALA A 597 -23.72 10.02 -10.56
CA ALA A 597 -24.68 9.43 -9.63
C ALA A 597 -24.50 7.92 -9.60
N GLU A 598 -24.90 7.25 -10.68
CA GLU A 598 -24.81 5.77 -10.69
C GLU A 598 -23.38 5.28 -10.49
N LEU A 599 -22.40 6.08 -10.87
CA LEU A 599 -21.02 5.66 -10.64
C LEU A 599 -20.76 5.60 -9.14
N SER A 600 -21.23 6.59 -8.39
CA SER A 600 -21.11 6.62 -6.94
C SER A 600 -21.74 5.37 -6.29
N VAL A 601 -22.89 4.95 -6.81
CA VAL A 601 -23.56 3.77 -6.29
C VAL A 601 -22.68 2.50 -6.42
N TYR A 602 -22.12 2.30 -7.61
CA TYR A 602 -21.18 1.22 -7.85
C TYR A 602 -20.05 1.32 -6.85
N GLY A 603 -19.48 2.51 -6.74
CA GLY A 603 -18.39 2.75 -5.81
C GLY A 603 -18.67 2.25 -4.41
N LYS A 604 -19.81 2.67 -3.88
CA LYS A 604 -20.21 2.37 -2.52
C LYS A 604 -20.62 0.92 -2.36
N LEU A 605 -21.38 0.39 -3.32
CA LEU A 605 -21.72 -1.02 -3.29
C LEU A 605 -20.48 -1.91 -3.32
N ARG A 606 -19.43 -1.40 -3.94
CA ARG A 606 -18.22 -2.17 -4.14
C ARG A 606 -17.38 -2.19 -2.87
N LYS A 607 -17.06 -1.01 -2.36
CA LYS A 607 -16.07 -0.90 -1.30
C LYS A 607 -16.72 -0.91 0.07
N VAL A 608 -17.85 -0.22 0.17
CA VAL A 608 -18.53 -0.14 1.46
C VAL A 608 -19.29 -1.43 1.76
N ALA A 609 -20.10 -1.88 0.80
CA ALA A 609 -20.97 -3.06 0.97
C ALA A 609 -20.29 -4.37 0.55
N LYS A 610 -19.04 -4.24 0.09
CA LYS A 610 -18.16 -5.38 -0.22
C LYS A 610 -18.73 -6.33 -1.26
N MET A 611 -19.35 -5.77 -2.30
CA MET A 611 -19.93 -6.57 -3.37
C MET A 611 -19.06 -6.73 -4.62
N GLY A 612 -18.88 -8.00 -5.06
CA GLY A 612 -18.32 -8.28 -6.37
C GLY A 612 -19.43 -8.16 -7.41
N PRO A 613 -19.13 -8.49 -8.68
CA PRO A 613 -20.15 -8.31 -9.73
C PRO A 613 -21.46 -9.06 -9.51
N TYR A 614 -21.42 -10.33 -9.12
CA TYR A 614 -22.66 -11.05 -8.89
C TYR A 614 -23.52 -10.41 -7.79
N SER A 615 -22.93 -10.26 -6.61
CA SER A 615 -23.60 -9.57 -5.51
C SER A 615 -24.20 -8.24 -5.95
N MET A 616 -23.41 -7.45 -6.67
CA MET A 616 -23.83 -6.11 -7.07
C MET A 616 -25.00 -6.18 -8.05
N PHE A 617 -24.90 -7.10 -9.00
CA PHE A 617 -26.02 -7.37 -9.90
C PHE A 617 -27.31 -7.66 -9.14
N CYS A 618 -27.22 -8.41 -8.05
CA CYS A 618 -28.41 -8.79 -7.28
C CYS A 618 -28.99 -7.62 -6.53
N LYS A 619 -28.12 -6.80 -5.94
CA LYS A 619 -28.54 -5.64 -5.19
C LYS A 619 -29.31 -4.67 -6.09
N LEU A 620 -28.67 -4.25 -7.18
CA LEU A 620 -29.25 -3.27 -8.06
C LEU A 620 -30.53 -3.79 -8.70
N LEU A 621 -30.53 -5.07 -9.04
CA LEU A 621 -31.69 -5.71 -9.62
C LEU A 621 -32.96 -5.37 -8.84
N GLY A 622 -32.83 -5.26 -7.52
CA GLY A 622 -33.94 -4.90 -6.67
C GLY A 622 -34.05 -3.40 -6.51
N MET A 623 -32.94 -2.75 -6.21
CA MET A 623 -32.91 -1.30 -6.12
C MET A 623 -33.57 -0.62 -7.32
N TRP A 624 -33.15 -1.03 -8.51
CA TRP A 624 -33.59 -0.39 -9.75
C TRP A 624 -34.65 -1.21 -10.48
N ARG A 625 -35.41 -1.99 -9.72
CA ARG A 625 -36.40 -2.90 -10.28
C ARG A 625 -37.44 -2.22 -11.17
N HIS A 626 -37.85 -1.01 -10.82
CA HIS A 626 -38.81 -0.29 -11.65
C HIS A 626 -38.12 0.24 -12.89
N ILE A 627 -37.03 0.96 -12.66
CA ILE A 627 -36.28 1.66 -13.70
C ILE A 627 -35.66 0.73 -14.77
N CYS A 628 -34.97 -0.33 -14.35
CA CYS A 628 -34.28 -1.22 -15.30
C CYS A 628 -34.81 -2.66 -15.30
N THR A 629 -34.48 -3.37 -16.38
CA THR A 629 -34.84 -4.78 -16.52
C THR A 629 -33.60 -5.61 -16.17
N PRO A 630 -33.78 -6.90 -15.86
CA PRO A 630 -32.63 -7.73 -15.49
C PRO A 630 -31.49 -7.68 -16.53
N ARG A 631 -31.81 -7.86 -17.81
CA ARG A 631 -30.76 -7.81 -18.83
C ARG A 631 -30.03 -6.47 -18.75
N GLN A 632 -30.77 -5.41 -18.43
CA GLN A 632 -30.21 -4.06 -18.41
C GLN A 632 -29.21 -3.84 -17.28
N VAL A 633 -29.54 -4.28 -16.07
CA VAL A 633 -28.63 -4.07 -14.94
C VAL A 633 -27.41 -4.94 -15.14
N ALA A 634 -27.58 -6.09 -15.77
CA ALA A 634 -26.45 -6.96 -16.04
C ALA A 634 -25.43 -6.17 -16.86
N ASP A 635 -25.92 -5.47 -17.87
CA ASP A 635 -25.05 -4.73 -18.76
C ASP A 635 -24.34 -3.60 -18.01
N LYS A 636 -25.10 -2.87 -17.18
CA LYS A 636 -24.53 -1.77 -16.42
C LYS A 636 -23.40 -2.26 -15.51
N VAL A 637 -23.70 -3.30 -14.75
CA VAL A 637 -22.72 -3.90 -13.88
C VAL A 637 -21.51 -4.42 -14.66
N LYS A 638 -21.77 -5.21 -15.69
CA LYS A 638 -20.68 -5.74 -16.52
C LYS A 638 -19.83 -4.61 -17.05
N ARG A 639 -20.47 -3.56 -17.58
CA ARG A 639 -19.73 -2.42 -18.12
C ARG A 639 -18.89 -1.78 -17.01
N PHE A 640 -19.45 -1.71 -15.82
CA PHE A 640 -18.69 -1.14 -14.72
C PHE A 640 -17.48 -1.97 -14.37
N PHE A 641 -17.65 -3.28 -14.18
CA PHE A 641 -16.51 -4.08 -13.72
C PHE A 641 -15.38 -4.17 -14.70
N SER A 642 -15.72 -4.25 -15.98
CA SER A 642 -14.75 -4.31 -17.07
C SER A 642 -13.91 -3.04 -17.17
N LYS A 643 -14.59 -1.89 -17.25
CA LYS A 643 -13.89 -0.61 -17.32
C LYS A 643 -13.00 -0.44 -16.09
N TYR A 644 -13.55 -0.79 -14.92
CA TYR A 644 -12.82 -0.77 -13.66
C TYR A 644 -11.54 -1.60 -13.72
N SER A 645 -11.69 -2.85 -14.11
CA SER A 645 -10.58 -3.78 -14.11
C SER A 645 -9.56 -3.40 -15.16
N MET A 646 -10.05 -2.94 -16.31
CA MET A 646 -9.16 -2.59 -17.40
C MET A 646 -8.25 -1.44 -17.02
N ASN A 647 -8.73 -0.59 -16.13
CA ASN A 647 -8.06 0.67 -15.83
C ASN A 647 -7.35 0.74 -14.50
N ARG A 648 -7.49 -0.32 -13.71
CA ARG A 648 -7.00 -0.31 -12.34
C ARG A 648 -5.51 0.06 -12.23
N HIS A 649 -4.72 -0.42 -13.19
CA HIS A 649 -3.29 -0.15 -13.19
C HIS A 649 -2.98 1.35 -13.05
N LYS A 650 -3.92 2.18 -13.51
CA LYS A 650 -3.77 3.63 -13.41
C LYS A 650 -3.72 4.09 -11.95
N MET A 651 -4.28 3.24 -11.10
CA MET A 651 -4.41 3.53 -9.70
C MET A 651 -3.09 3.37 -8.94
N THR A 652 -2.24 2.50 -9.45
CA THR A 652 -1.02 2.13 -8.74
C THR A 652 -0.06 3.31 -8.65
N THR A 653 -0.09 4.16 -9.68
CA THR A 653 0.83 5.28 -9.78
C THR A 653 0.14 6.61 -9.53
N LEU A 654 -1.14 6.58 -9.15
CA LEU A 654 -1.90 7.82 -9.00
C LEU A 654 -1.45 8.66 -7.80
N THR A 655 -1.45 9.97 -7.99
CA THR A 655 -1.14 10.94 -6.94
C THR A 655 -1.83 10.59 -5.64
N PRO A 656 -1.12 10.77 -4.51
CA PRO A 656 -1.71 10.59 -3.17
C PRO A 656 -2.79 11.62 -2.85
N ALA A 657 -3.89 11.17 -2.25
CA ALA A 657 -5.06 12.02 -2.03
C ALA A 657 -5.52 12.12 -0.58
N TYR A 658 -5.90 13.33 -0.16
CA TYR A 658 -6.62 13.52 1.09
C TYR A 658 -7.69 12.45 1.18
N HIS A 659 -7.78 11.80 2.32
CA HIS A 659 -8.80 10.78 2.54
C HIS A 659 -10.09 11.40 3.05
N ALA A 660 -11.21 11.11 2.38
CA ALA A 660 -12.50 11.67 2.78
C ALA A 660 -13.62 10.63 2.76
N GLU A 661 -13.79 9.97 1.62
CA GLU A 661 -14.84 8.92 1.53
C GLU A 661 -14.29 7.54 1.91
N ASN A 662 -15.10 6.79 2.64
CA ASN A 662 -14.79 5.41 2.99
C ASN A 662 -15.07 4.45 1.81
N TYR A 663 -15.10 4.98 0.59
CA TYR A 663 -15.22 4.13 -0.58
C TYR A 663 -14.14 4.42 -1.62
N SER A 664 -13.11 5.13 -1.18
CA SER A 664 -11.87 5.33 -1.94
C SER A 664 -11.38 4.04 -2.60
N PRO A 665 -10.82 4.16 -3.81
CA PRO A 665 -10.19 3.07 -4.55
C PRO A 665 -8.66 3.12 -4.41
N GLU A 666 -8.20 3.98 -3.52
CA GLU A 666 -6.75 4.24 -3.32
C GLU A 666 -5.97 2.97 -3.00
N ASP A 667 -4.91 2.70 -3.76
CA ASP A 667 -4.23 1.40 -3.72
C ASP A 667 -3.11 1.28 -2.68
N ASN A 668 -2.50 2.40 -2.31
CA ASN A 668 -1.37 2.36 -1.38
C ASN A 668 -1.71 1.88 0.05
N ARG A 669 -2.88 2.26 0.55
CA ARG A 669 -3.25 2.01 1.94
C ARG A 669 -4.65 1.44 2.12
N PHE A 670 -5.64 2.13 1.55
CA PHE A 670 -7.04 1.88 1.86
C PHE A 670 -7.69 0.76 1.04
N ASP A 671 -7.33 0.63 -0.24
CA ASP A 671 -7.96 -0.39 -1.10
C ASP A 671 -6.97 -1.32 -1.84
N LEU A 672 -6.49 -2.36 -1.16
CA LEU A 672 -5.48 -3.27 -1.72
C LEU A 672 -6.11 -4.20 -2.71
N ARG A 673 -5.61 -4.20 -3.94
CA ARG A 673 -6.23 -5.02 -4.98
C ARG A 673 -5.21 -5.46 -6.04
N PRO A 674 -5.55 -6.50 -6.82
CA PRO A 674 -4.69 -6.84 -7.95
C PRO A 674 -4.65 -5.65 -8.90
N PHE A 675 -3.80 -5.71 -9.92
CA PHE A 675 -3.92 -4.75 -11.00
C PHE A 675 -3.82 -5.38 -12.37
N LEU A 676 -3.57 -6.68 -12.41
CA LEU A 676 -3.69 -7.42 -13.64
C LEU A 676 -4.84 -8.42 -13.52
N TYR A 677 -6.04 -7.98 -13.86
CA TYR A 677 -7.23 -8.83 -13.77
C TYR A 677 -7.48 -9.51 -15.10
N ASN A 678 -8.19 -10.62 -15.06
CA ASN A 678 -8.85 -11.14 -16.26
C ASN A 678 -10.08 -10.24 -16.42
N THR A 679 -10.07 -9.42 -17.45
CA THR A 679 -11.07 -8.38 -17.58
C THR A 679 -12.36 -8.81 -18.29
N SER A 680 -12.55 -10.11 -18.47
CA SER A 680 -13.79 -10.63 -19.02
C SER A 680 -14.66 -11.21 -17.91
N TRP A 681 -14.07 -11.38 -16.72
CA TRP A 681 -14.77 -11.93 -15.57
C TRP A 681 -15.66 -13.11 -15.95
N PRO A 682 -15.11 -14.05 -16.73
CA PRO A 682 -15.89 -15.13 -17.37
C PRO A 682 -16.86 -15.82 -16.40
N TRP A 683 -16.33 -16.32 -15.29
CA TRP A 683 -17.13 -17.03 -14.29
C TRP A 683 -18.23 -16.15 -13.70
N GLN A 684 -17.83 -15.05 -13.06
CA GLN A 684 -18.77 -14.13 -12.49
C GLN A 684 -19.85 -13.70 -13.49
N PHE A 685 -19.42 -13.26 -14.67
CA PHE A 685 -20.36 -12.79 -15.67
C PHE A 685 -21.32 -13.89 -16.13
N ARG A 686 -20.82 -15.12 -16.19
CA ARG A 686 -21.67 -16.27 -16.50
C ARG A 686 -22.74 -16.48 -15.43
N CYS A 687 -22.38 -16.37 -14.16
CA CYS A 687 -23.38 -16.44 -13.10
C CYS A 687 -24.46 -15.40 -13.31
N ILE A 688 -24.04 -14.17 -13.59
CA ILE A 688 -24.97 -13.09 -13.88
C ILE A 688 -25.90 -13.46 -15.03
N GLU A 689 -25.33 -13.91 -16.15
CA GLU A 689 -26.18 -14.33 -17.30
C GLU A 689 -27.24 -15.37 -16.93
N ASN A 690 -26.82 -16.40 -16.19
CA ASN A 690 -27.72 -17.47 -15.75
C ASN A 690 -28.93 -16.93 -14.99
N GLN A 691 -28.68 -15.98 -14.09
CA GLN A 691 -29.73 -15.31 -13.33
C GLN A 691 -30.67 -14.55 -14.23
N VAL A 692 -30.09 -13.84 -15.19
CA VAL A 692 -30.87 -13.09 -16.14
C VAL A 692 -31.74 -14.04 -16.94
N LEU A 693 -31.13 -15.10 -17.46
CA LEU A 693 -31.87 -16.06 -18.28
C LEU A 693 -33.03 -16.66 -17.49
N GLN A 694 -32.79 -16.92 -16.21
CA GLN A 694 -33.78 -17.48 -15.31
C GLN A 694 -34.98 -16.54 -15.14
N LEU A 695 -34.70 -15.27 -14.94
CA LEU A 695 -35.74 -14.24 -14.80
C LEU A 695 -36.51 -14.05 -16.10
N GLU A 696 -35.78 -13.99 -17.22
CA GLU A 696 -36.40 -13.82 -18.55
C GLU A 696 -37.25 -15.03 -18.93
N ARG A 697 -37.40 -15.96 -18.00
CA ARG A 697 -38.40 -17.01 -18.09
C ARG A 697 -39.51 -16.75 -17.07
N ALA A 698 -40.29 -15.72 -17.38
CA ALA A 698 -41.43 -15.29 -16.57
C ALA A 698 -42.45 -14.59 -17.47
N GLU A 699 -43.74 -14.90 -17.26
CA GLU A 699 -44.87 -14.28 -18.03
C GLU A 699 -46.06 -14.05 -17.10
N ARG B 4 2.62 -50.59 2.49
CA ARG B 4 3.89 -50.50 1.77
C ARG B 4 4.00 -49.22 0.91
N LYS B 5 3.97 -49.34 -0.43
CA LYS B 5 4.27 -48.18 -1.28
C LYS B 5 3.07 -47.34 -1.66
N VAL B 6 3.21 -46.02 -1.54
CA VAL B 6 2.14 -45.08 -1.88
C VAL B 6 2.62 -44.09 -2.92
N THR B 7 1.76 -43.75 -3.87
CA THR B 7 2.15 -42.74 -4.85
C THR B 7 1.43 -41.44 -4.62
N VAL B 8 2.21 -40.40 -4.36
CA VAL B 8 1.63 -39.10 -4.02
C VAL B 8 2.02 -38.02 -5.02
N ALA B 9 1.17 -37.01 -5.13
CA ALA B 9 1.43 -35.88 -6.03
C ALA B 9 1.33 -34.55 -5.32
N THR B 10 2.12 -33.61 -5.80
CA THR B 10 2.00 -32.21 -5.40
C THR B 10 2.19 -31.40 -6.67
N CYS B 11 1.86 -30.11 -6.63
CA CYS B 11 2.02 -29.31 -7.84
C CYS B 11 2.22 -27.83 -7.64
N ALA B 12 2.55 -27.18 -8.74
CA ALA B 12 2.62 -25.73 -8.82
C ALA B 12 1.63 -25.30 -9.89
N LEU B 13 0.68 -24.44 -9.53
CA LEU B 13 -0.22 -23.90 -10.54
C LEU B 13 -0.01 -22.41 -10.72
N ASN B 14 -0.04 -21.96 -11.98
CA ASN B 14 -0.07 -20.53 -12.29
C ASN B 14 -1.47 -19.98 -12.11
N GLN B 15 -1.91 -19.79 -10.86
CA GLN B 15 -3.25 -19.31 -10.60
C GLN B 15 -3.34 -17.82 -10.88
N TRP B 16 -4.57 -17.29 -10.87
CA TRP B 16 -4.86 -15.91 -11.23
C TRP B 16 -6.00 -15.42 -10.32
N ALA B 17 -5.79 -14.32 -9.60
CA ALA B 17 -6.81 -13.79 -8.69
C ALA B 17 -8.21 -13.68 -9.34
N LEU B 18 -9.20 -14.35 -8.75
CA LEU B 18 -10.58 -14.30 -9.22
C LEU B 18 -10.84 -14.95 -10.58
N ASP B 19 -9.80 -15.51 -11.19
CA ASP B 19 -9.97 -16.23 -12.45
C ASP B 19 -10.50 -17.64 -12.22
N PHE B 20 -11.65 -17.75 -11.57
CA PHE B 20 -12.26 -19.04 -11.25
C PHE B 20 -12.31 -20.05 -12.40
N GLU B 21 -12.84 -19.67 -13.56
CA GLU B 21 -12.84 -20.59 -14.72
C GLU B 21 -11.44 -21.17 -14.92
N GLY B 22 -10.47 -20.28 -15.07
CA GLY B 22 -9.10 -20.68 -15.30
C GLY B 22 -8.55 -21.53 -14.18
N ASN B 23 -8.72 -21.06 -12.95
CA ASN B 23 -8.25 -21.78 -11.79
C ASN B 23 -8.85 -23.16 -11.68
N LEU B 24 -10.12 -23.29 -12.03
CA LEU B 24 -10.78 -24.58 -12.04
C LEU B 24 -10.12 -25.55 -13.02
N GLN B 25 -9.90 -25.07 -14.24
CA GLN B 25 -9.33 -25.90 -15.30
C GLN B 25 -7.91 -26.40 -14.96
N ARG B 26 -7.09 -25.51 -14.41
CA ARG B 26 -5.76 -25.89 -13.98
C ARG B 26 -5.73 -26.93 -12.86
N ILE B 27 -6.66 -26.82 -11.90
CA ILE B 27 -6.75 -27.82 -10.84
C ILE B 27 -7.15 -29.17 -11.43
N LEU B 28 -8.22 -29.18 -12.22
CA LEU B 28 -8.60 -30.39 -12.94
C LEU B 28 -7.39 -31.02 -13.64
N LYS B 29 -6.67 -30.21 -14.42
CA LYS B 29 -5.50 -30.72 -15.13
C LYS B 29 -4.49 -31.39 -14.20
N SER B 30 -4.25 -30.79 -13.03
CA SER B 30 -3.25 -31.35 -12.12
C SER B 30 -3.69 -32.71 -11.62
N ILE B 31 -4.94 -32.80 -11.21
CA ILE B 31 -5.54 -34.06 -10.77
C ILE B 31 -5.53 -35.13 -11.86
N GLU B 32 -5.82 -34.73 -13.09
CA GLU B 32 -5.77 -35.67 -14.24
C GLU B 32 -4.32 -36.15 -14.44
N ILE B 33 -3.38 -35.20 -14.45
CA ILE B 33 -1.98 -35.55 -14.55
C ILE B 33 -1.58 -36.48 -13.40
N ALA B 34 -2.02 -36.16 -12.19
CA ALA B 34 -1.73 -36.99 -11.02
C ALA B 34 -2.23 -38.42 -11.20
N LYS B 35 -3.52 -38.56 -11.50
CA LYS B 35 -4.09 -39.89 -11.74
C LYS B 35 -3.34 -40.68 -12.82
N ASN B 36 -3.05 -40.05 -13.96
CA ASN B 36 -2.33 -40.75 -15.01
C ASN B 36 -0.95 -41.23 -14.54
N ARG B 37 -0.38 -40.57 -13.55
CA ARG B 37 0.91 -40.98 -13.01
C ARG B 37 0.79 -41.90 -11.79
N GLY B 38 -0.45 -42.21 -11.42
CA GLY B 38 -0.75 -43.24 -10.44
C GLY B 38 -0.91 -42.81 -8.99
N ALA B 39 -1.10 -41.52 -8.75
CA ALA B 39 -1.19 -41.00 -7.39
C ALA B 39 -2.58 -41.19 -6.82
N ARG B 40 -2.66 -41.44 -5.51
CA ARG B 40 -3.95 -41.52 -4.84
C ARG B 40 -4.17 -40.34 -3.90
N TYR B 41 -3.23 -39.40 -3.88
CA TYR B 41 -3.38 -38.15 -3.15
C TYR B 41 -2.78 -37.00 -3.93
N ARG B 42 -3.49 -35.88 -3.99
CA ARG B 42 -3.06 -34.73 -4.76
C ARG B 42 -3.16 -33.48 -3.92
N LEU B 43 -2.03 -32.81 -3.71
CA LEU B 43 -2.02 -31.58 -2.92
C LEU B 43 -1.85 -30.36 -3.84
N GLY B 44 -2.63 -29.31 -3.62
CA GLY B 44 -2.53 -28.08 -4.40
C GLY B 44 -1.90 -26.91 -3.63
N PRO B 45 -1.79 -25.72 -4.27
CA PRO B 45 -1.24 -24.58 -3.53
C PRO B 45 -2.23 -23.82 -2.61
N GLU B 46 -1.70 -22.89 -1.82
CA GLU B 46 -2.51 -22.11 -0.84
C GLU B 46 -3.59 -21.24 -1.49
N LEU B 47 -4.84 -21.44 -1.11
CA LEU B 47 -5.96 -20.66 -1.64
C LEU B 47 -6.03 -20.76 -3.15
N GLU B 48 -5.86 -21.97 -3.65
CA GLU B 48 -5.72 -22.14 -5.11
C GLU B 48 -7.03 -22.00 -5.89
N ILE B 49 -8.16 -21.98 -5.22
CA ILE B 49 -9.39 -21.92 -5.99
C ILE B 49 -9.59 -20.49 -6.44
N CYS B 50 -9.34 -19.56 -5.54
CA CYS B 50 -9.57 -18.17 -5.83
C CYS B 50 -8.28 -17.50 -6.35
N GLY B 51 -7.15 -18.18 -6.19
CA GLY B 51 -5.84 -17.60 -6.44
C GLY B 51 -5.38 -16.87 -5.19
N TYR B 52 -4.09 -16.95 -4.84
CA TYR B 52 -3.67 -16.39 -3.56
C TYR B 52 -3.94 -14.87 -3.44
N GLY B 53 -3.52 -14.09 -4.43
CA GLY B 53 -3.55 -12.65 -4.29
C GLY B 53 -4.81 -11.85 -4.66
N CYS B 54 -5.93 -12.21 -4.06
CA CYS B 54 -7.17 -11.48 -4.26
C CYS B 54 -7.27 -10.25 -3.36
N TRP B 55 -6.37 -10.15 -2.39
CA TRP B 55 -6.33 -8.99 -1.50
C TRP B 55 -7.73 -8.62 -0.95
N ASP B 56 -8.18 -7.39 -1.15
CA ASP B 56 -9.44 -6.98 -0.54
C ASP B 56 -10.68 -7.66 -1.15
N HIS B 57 -10.54 -8.42 -2.22
CA HIS B 57 -11.69 -9.20 -2.68
C HIS B 57 -12.03 -10.33 -1.69
N TYR B 58 -11.16 -10.54 -0.69
CA TYR B 58 -11.41 -11.57 0.32
C TYR B 58 -12.54 -11.13 1.24
N TYR B 59 -12.71 -9.83 1.37
CA TYR B 59 -13.84 -9.26 2.08
C TYR B 59 -15.16 -9.55 1.38
N GLU B 60 -15.11 -9.90 0.11
CA GLU B 60 -16.36 -10.05 -0.69
C GLU B 60 -16.98 -11.44 -0.59
N SER B 61 -18.24 -11.48 -0.19
CA SER B 61 -18.99 -12.75 -0.13
C SER B 61 -18.89 -13.51 -1.44
N ASP B 62 -18.80 -12.76 -2.55
CA ASP B 62 -18.76 -13.37 -3.87
C ASP B 62 -17.55 -14.27 -4.05
N THR B 63 -16.42 -13.86 -3.49
CA THR B 63 -15.23 -14.71 -3.49
C THR B 63 -15.52 -16.07 -2.84
N LEU B 64 -16.11 -16.04 -1.64
CA LEU B 64 -16.55 -17.25 -0.95
C LEU B 64 -17.53 -18.07 -1.81
N LEU B 65 -18.59 -17.42 -2.28
CA LEU B 65 -19.61 -18.09 -3.07
C LEU B 65 -19.05 -18.80 -4.31
N HIS B 66 -18.25 -18.07 -5.09
CA HIS B 66 -17.72 -18.61 -6.34
C HIS B 66 -16.69 -19.71 -6.08
N SER B 67 -15.90 -19.55 -5.02
CA SER B 67 -15.02 -20.63 -4.56
C SER B 67 -15.80 -21.93 -4.38
N PHE B 68 -16.93 -21.86 -3.69
CA PHE B 68 -17.75 -23.06 -3.51
C PHE B 68 -18.28 -23.64 -4.80
N GLN B 69 -18.74 -22.76 -5.70
CA GLN B 69 -19.19 -23.23 -7.01
C GLN B 69 -18.06 -23.99 -7.72
N VAL B 70 -16.82 -23.52 -7.55
CA VAL B 70 -15.70 -24.22 -8.15
C VAL B 70 -15.58 -25.57 -7.47
N LEU B 71 -15.74 -25.56 -6.15
CA LEU B 71 -15.56 -26.78 -5.38
C LEU B 71 -16.59 -27.79 -5.81
N ALA B 72 -17.83 -27.34 -5.94
CA ALA B 72 -18.91 -28.23 -6.34
C ALA B 72 -18.58 -28.85 -7.69
N ALA B 73 -18.03 -28.04 -8.59
CA ALA B 73 -17.55 -28.53 -9.87
C ALA B 73 -16.50 -29.64 -9.69
N LEU B 74 -15.45 -29.37 -8.91
CA LEU B 74 -14.47 -30.41 -8.63
C LEU B 74 -15.11 -31.69 -8.08
N LEU B 75 -16.04 -31.54 -7.15
CA LEU B 75 -16.68 -32.69 -6.52
C LEU B 75 -17.45 -33.58 -7.50
N GLU B 76 -18.19 -32.96 -8.42
CA GLU B 76 -18.99 -33.73 -9.40
C GLU B 76 -18.19 -34.14 -10.63
N SER B 77 -16.89 -33.85 -10.64
CA SER B 77 -16.02 -34.17 -11.78
C SER B 77 -15.44 -35.59 -11.72
N PRO B 78 -15.70 -36.39 -12.77
CA PRO B 78 -15.25 -37.77 -12.98
C PRO B 78 -13.76 -37.91 -12.77
N VAL B 79 -13.01 -36.89 -13.17
CA VAL B 79 -11.56 -36.96 -13.09
C VAL B 79 -11.07 -37.17 -11.66
N THR B 80 -11.82 -36.66 -10.68
CA THR B 80 -11.43 -36.71 -9.27
C THR B 80 -11.84 -38.00 -8.56
N GLN B 81 -12.31 -38.97 -9.31
CA GLN B 81 -12.75 -40.21 -8.71
C GLN B 81 -11.53 -41.00 -8.24
N ASP B 82 -11.59 -41.47 -6.99
CA ASP B 82 -10.58 -42.36 -6.44
C ASP B 82 -9.19 -41.73 -6.28
N ILE B 83 -9.17 -40.43 -6.04
CA ILE B 83 -7.95 -39.77 -5.60
C ILE B 83 -8.35 -38.73 -4.57
N ILE B 84 -7.61 -38.70 -3.46
CA ILE B 84 -7.87 -37.72 -2.42
C ILE B 84 -7.29 -36.38 -2.83
N CYS B 85 -8.13 -35.34 -2.79
CA CYS B 85 -7.72 -34.01 -3.27
C CYS B 85 -7.70 -32.98 -2.15
N ASP B 86 -6.53 -32.36 -1.94
CA ASP B 86 -6.36 -31.25 -1.00
C ASP B 86 -6.42 -29.94 -1.79
N VAL B 87 -7.51 -29.22 -1.61
CA VAL B 87 -7.76 -28.01 -2.35
C VAL B 87 -7.99 -26.82 -1.40
N GLY B 88 -7.54 -25.63 -1.78
CA GLY B 88 -7.66 -24.48 -0.90
C GLY B 88 -8.65 -23.38 -1.31
N MET B 89 -9.37 -22.87 -0.32
CA MET B 89 -10.26 -21.73 -0.49
C MET B 89 -10.50 -21.04 0.83
N PRO B 90 -11.02 -19.82 0.78
CA PRO B 90 -11.45 -19.18 2.02
C PRO B 90 -12.80 -19.75 2.44
N VAL B 91 -13.01 -19.93 3.74
CA VAL B 91 -14.30 -20.37 4.25
C VAL B 91 -14.75 -19.50 5.41
N MET B 92 -16.02 -19.09 5.38
CA MET B 92 -16.66 -18.43 6.52
C MET B 92 -17.31 -19.50 7.40
N HIS B 93 -16.93 -19.54 8.67
CA HIS B 93 -17.47 -20.52 9.60
C HIS B 93 -17.81 -19.84 10.92
N ARG B 94 -19.09 -19.92 11.25
CA ARG B 94 -19.64 -19.14 12.36
C ARG B 94 -19.28 -17.69 12.21
N ASN B 95 -19.31 -17.19 10.97
CA ASN B 95 -19.17 -15.76 10.71
C ASN B 95 -17.77 -15.26 11.03
N VAL B 96 -16.79 -16.12 10.79
CA VAL B 96 -15.37 -15.81 10.91
C VAL B 96 -14.75 -16.37 9.64
N ARG B 97 -13.86 -15.61 9.02
CA ARG B 97 -13.33 -15.98 7.72
C ARG B 97 -11.96 -16.64 7.88
N TYR B 98 -11.82 -17.86 7.35
CA TYR B 98 -10.58 -18.60 7.50
C TYR B 98 -9.96 -18.98 6.15
N ASN B 99 -8.64 -19.04 6.15
CA ASN B 99 -7.84 -19.60 5.05
C ASN B 99 -7.83 -21.13 5.23
N CYS B 100 -8.43 -21.85 4.29
CA CYS B 100 -8.65 -23.30 4.48
C CYS B 100 -8.11 -24.27 3.44
N ARG B 101 -7.84 -25.47 3.90
CA ARG B 101 -7.73 -26.62 3.02
C ARG B 101 -9.05 -27.36 3.10
N VAL B 102 -9.52 -27.80 1.95
CA VAL B 102 -10.71 -28.65 1.91
C VAL B 102 -10.28 -29.95 1.27
N ILE B 103 -10.39 -31.05 2.01
CA ILE B 103 -10.00 -32.35 1.46
C ILE B 103 -11.24 -33.17 1.12
N PHE B 104 -11.34 -33.59 -0.13
CA PHE B 104 -12.47 -34.41 -0.58
C PHE B 104 -12.05 -35.72 -1.23
N LEU B 105 -12.98 -36.66 -1.28
CA LEU B 105 -12.77 -37.93 -1.97
C LEU B 105 -14.08 -38.47 -2.50
N ASN B 106 -14.12 -38.79 -3.79
CA ASN B 106 -15.30 -39.39 -4.38
C ASN B 106 -16.61 -38.72 -3.94
N ARG B 107 -16.70 -37.43 -4.21
CA ARG B 107 -17.92 -36.66 -3.98
C ARG B 107 -18.30 -36.57 -2.51
N LYS B 108 -17.30 -36.58 -1.63
CA LYS B 108 -17.56 -36.42 -0.20
C LYS B 108 -16.46 -35.60 0.44
N ILE B 109 -16.84 -34.52 1.11
CA ILE B 109 -15.87 -33.71 1.81
C ILE B 109 -15.44 -34.39 3.13
N LEU B 110 -14.14 -34.62 3.30
CA LEU B 110 -13.61 -35.36 4.43
C LEU B 110 -13.26 -34.47 5.60
N LEU B 111 -12.87 -33.23 5.31
CA LEU B 111 -12.43 -32.34 6.35
C LEU B 111 -12.03 -30.99 5.78
N ILE B 112 -12.25 -29.93 6.57
CA ILE B 112 -11.79 -28.59 6.24
C ILE B 112 -10.81 -28.09 7.32
N ARG B 113 -9.55 -27.88 6.91
CA ARG B 113 -8.47 -27.54 7.85
C ARG B 113 -8.07 -26.05 7.74
N PRO B 114 -8.44 -25.26 8.74
CA PRO B 114 -8.13 -23.83 8.69
C PRO B 114 -6.68 -23.52 9.09
N LYS B 115 -6.14 -22.45 8.51
CA LYS B 115 -4.81 -21.98 8.85
C LYS B 115 -4.73 -21.53 10.31
N MET B 116 -3.67 -21.92 11.02
CA MET B 116 -3.53 -21.56 12.42
C MET B 116 -2.45 -20.51 12.73
N ALA B 117 -1.67 -20.14 11.72
CA ALA B 117 -0.77 -19.00 11.85
C ALA B 117 -0.77 -18.25 10.54
N LEU B 118 -1.03 -16.97 10.63
CA LEU B 118 -1.03 -16.15 9.44
C LEU B 118 0.25 -15.32 9.33
N ALA B 119 0.61 -15.07 8.06
CA ALA B 119 1.72 -14.21 7.69
C ALA B 119 1.30 -12.74 7.68
N ASN B 120 1.97 -11.92 8.47
CA ASN B 120 1.65 -10.50 8.56
C ASN B 120 2.89 -9.60 8.54
N GLU B 121 3.70 -9.79 7.51
CA GLU B 121 4.99 -9.09 7.37
C GLU B 121 5.31 -9.10 5.89
N GLY B 122 6.13 -8.14 5.47
CA GLY B 122 6.49 -8.00 4.07
C GLY B 122 5.28 -7.66 3.23
N ASN B 123 5.04 -8.51 2.22
CA ASN B 123 3.95 -8.28 1.30
C ASN B 123 2.71 -8.95 1.81
N TYR B 124 2.89 -9.80 2.82
CA TYR B 124 1.77 -10.52 3.41
C TYR B 124 1.05 -9.71 4.47
N ARG B 125 -0.25 -9.96 4.58
CA ARG B 125 -1.10 -9.26 5.53
C ARG B 125 -2.40 -10.03 5.64
N GLU B 126 -2.29 -11.29 6.03
CA GLU B 126 -3.47 -12.22 6.01
C GLU B 126 -4.48 -11.81 7.09
N LEU B 127 -3.94 -11.25 8.17
CA LEU B 127 -4.75 -10.73 9.25
C LEU B 127 -5.73 -9.64 8.81
N ARG B 128 -5.55 -9.09 7.62
CA ARG B 128 -6.45 -8.05 7.18
C ARG B 128 -7.79 -8.71 6.89
N TRP B 129 -7.76 -9.96 6.41
CA TRP B 129 -9.00 -10.65 5.97
C TRP B 129 -9.28 -12.01 6.61
N PHE B 130 -8.32 -12.59 7.31
CA PHE B 130 -8.55 -13.90 7.91
C PHE B 130 -8.23 -13.95 9.38
N THR B 131 -8.72 -15.00 10.04
CA THR B 131 -8.45 -15.24 11.45
C THR B 131 -7.76 -16.58 11.62
N PRO B 132 -6.80 -16.65 12.55
CA PRO B 132 -6.17 -17.96 12.70
C PRO B 132 -7.08 -18.86 13.49
N TRP B 133 -7.15 -20.13 13.12
CA TRP B 133 -7.78 -21.12 13.97
C TRP B 133 -6.89 -21.33 15.22
N SER B 134 -7.47 -21.24 16.41
CA SER B 134 -6.64 -21.17 17.62
C SER B 134 -6.94 -22.26 18.65
N ARG B 135 -7.89 -23.15 18.33
CA ARG B 135 -8.19 -24.27 19.19
C ARG B 135 -7.43 -25.48 18.66
N SER B 136 -6.29 -25.77 19.28
CA SER B 136 -5.36 -26.76 18.77
C SER B 136 -5.86 -28.18 19.04
N ARG B 137 -5.79 -29.01 17.99
CA ARG B 137 -6.26 -30.40 18.09
C ARG B 137 -7.75 -30.43 18.49
N HIS B 138 -8.53 -29.53 17.91
CA HIS B 138 -9.95 -29.45 18.21
C HIS B 138 -10.77 -29.26 16.92
N THR B 139 -12.04 -29.66 16.96
CA THR B 139 -12.84 -29.69 15.76
C THR B 139 -14.26 -29.26 16.02
N GLU B 140 -14.82 -28.53 15.07
CA GLU B 140 -16.23 -28.10 15.15
C GLU B 140 -16.95 -28.67 13.94
N GLU B 141 -18.28 -28.61 13.97
CA GLU B 141 -19.10 -29.02 12.81
C GLU B 141 -19.23 -27.84 11.87
N TYR B 142 -18.86 -28.02 10.61
CA TYR B 142 -19.15 -27.02 9.61
C TYR B 142 -20.46 -27.37 8.91
N PHE B 143 -21.42 -26.47 8.99
CA PHE B 143 -22.66 -26.58 8.26
C PHE B 143 -22.45 -26.27 6.78
N LEU B 144 -22.61 -27.26 5.92
CA LEU B 144 -22.42 -27.09 4.48
C LEU B 144 -23.52 -26.23 3.85
N PRO B 145 -23.15 -25.40 2.86
CA PRO B 145 -24.10 -24.69 1.97
C PRO B 145 -25.08 -25.67 1.34
N ARG B 146 -26.31 -25.24 1.10
CA ARG B 146 -27.29 -26.15 0.51
C ARG B 146 -26.76 -26.76 -0.78
N MET B 147 -26.20 -25.93 -1.65
CA MET B 147 -25.70 -26.37 -2.96
C MET B 147 -24.80 -27.60 -2.84
N ILE B 148 -23.93 -27.58 -1.84
CA ILE B 148 -23.02 -28.70 -1.61
C ILE B 148 -23.78 -29.87 -1.04
N GLN B 149 -24.70 -29.62 -0.11
CA GLN B 149 -25.50 -30.69 0.46
C GLN B 149 -26.21 -31.51 -0.61
N ASP B 150 -26.83 -30.83 -1.59
CA ASP B 150 -27.61 -31.50 -2.61
C ASP B 150 -26.76 -32.39 -3.50
N LEU B 151 -25.47 -32.07 -3.55
CA LEU B 151 -24.53 -32.77 -4.41
C LEU B 151 -23.87 -33.91 -3.67
N THR B 152 -23.46 -33.61 -2.45
CA THR B 152 -22.61 -34.48 -1.66
C THR B 152 -23.44 -35.34 -0.72
N LYS B 153 -24.70 -34.97 -0.51
CA LYS B 153 -25.60 -35.62 0.46
C LYS B 153 -24.98 -35.65 1.85
N GLN B 154 -24.26 -34.59 2.20
CA GLN B 154 -23.74 -34.47 3.54
C GLN B 154 -24.41 -33.27 4.18
N GLU B 155 -24.60 -33.32 5.48
CA GLU B 155 -25.17 -32.15 6.18
C GLU B 155 -24.03 -31.33 6.76
N THR B 156 -23.06 -32.01 7.38
CA THR B 156 -21.90 -31.33 7.98
C THR B 156 -20.58 -32.07 7.76
N VAL B 157 -19.48 -31.37 8.02
CA VAL B 157 -18.15 -31.94 7.96
C VAL B 157 -17.28 -31.29 9.03
N PRO B 158 -16.27 -32.03 9.53
CA PRO B 158 -15.35 -31.58 10.57
C PRO B 158 -14.55 -30.37 10.11
N PHE B 159 -14.43 -29.40 10.99
CA PHE B 159 -13.77 -28.16 10.65
C PHE B 159 -12.78 -27.90 11.77
N GLY B 160 -11.48 -27.96 11.47
CA GLY B 160 -10.47 -27.64 12.47
C GLY B 160 -9.18 -28.42 12.35
N ASP B 161 -8.45 -28.52 13.47
CA ASP B 161 -7.13 -29.14 13.55
C ASP B 161 -7.23 -30.65 13.68
N ALA B 162 -7.46 -31.32 12.56
CA ALA B 162 -7.68 -32.75 12.58
C ALA B 162 -6.79 -33.42 11.55
N VAL B 163 -6.51 -34.70 11.73
CA VAL B 163 -5.76 -35.45 10.74
C VAL B 163 -6.62 -36.51 10.06
N LEU B 164 -6.10 -37.04 8.97
CA LEU B 164 -6.78 -37.99 8.10
C LEU B 164 -6.26 -39.41 8.32
N VAL B 165 -7.13 -40.34 8.64
CA VAL B 165 -6.69 -41.72 8.77
C VAL B 165 -7.28 -42.62 7.69
N THR B 166 -6.39 -43.23 6.92
CA THR B 166 -6.81 -44.19 5.92
C THR B 166 -6.57 -45.61 6.43
N TRP B 167 -6.83 -46.59 5.58
CA TRP B 167 -6.56 -47.94 5.97
C TRP B 167 -5.08 -48.12 6.24
N ASP B 168 -4.23 -47.47 5.45
CA ASP B 168 -2.81 -47.71 5.52
C ASP B 168 -1.96 -46.57 6.06
N THR B 169 -2.55 -45.42 6.38
CA THR B 169 -1.70 -44.28 6.72
C THR B 169 -2.44 -43.12 7.36
N CYS B 170 -1.68 -42.10 7.74
CA CYS B 170 -2.21 -40.96 8.46
C CYS B 170 -1.63 -39.69 7.89
N ILE B 171 -2.50 -38.84 7.37
CA ILE B 171 -2.10 -37.64 6.63
C ILE B 171 -2.46 -36.34 7.37
N GLY B 172 -1.49 -35.44 7.48
CA GLY B 172 -1.68 -34.17 8.17
C GLY B 172 -1.41 -32.96 7.28
N SER B 173 -1.99 -31.83 7.64
CA SER B 173 -1.83 -30.61 6.87
C SER B 173 -1.01 -29.64 7.67
N GLU B 174 -0.08 -29.00 7.01
CA GLU B 174 0.60 -27.84 7.61
C GLU B 174 0.41 -26.81 6.51
N ILE B 175 -0.11 -25.65 6.86
CA ILE B 175 -0.30 -24.66 5.82
C ILE B 175 0.78 -23.60 5.84
N CYS B 176 1.57 -23.60 4.78
CA CYS B 176 2.55 -22.59 4.51
C CYS B 176 3.34 -22.15 5.73
N GLU B 177 2.98 -20.96 6.20
CA GLU B 177 3.77 -20.26 7.24
C GLU B 177 3.81 -21.01 8.57
N GLU B 178 2.98 -22.02 8.72
CA GLU B 178 2.95 -22.85 9.96
C GLU B 178 4.27 -23.60 10.13
N LEU B 179 4.93 -23.85 9.01
CA LEU B 179 6.22 -24.51 8.97
C LEU B 179 7.32 -23.64 9.54
N TRP B 180 7.08 -22.33 9.56
CA TRP B 180 8.08 -21.36 9.96
CA TRP B 180 8.10 -21.37 9.96
C TRP B 180 7.84 -20.86 11.38
N THR B 181 6.74 -21.29 11.98
CA THR B 181 6.44 -20.86 13.35
C THR B 181 7.25 -21.69 14.33
N PRO B 182 7.50 -21.14 15.53
CA PRO B 182 8.31 -21.84 16.52
C PRO B 182 7.79 -23.25 16.86
N HIS B 183 6.53 -23.34 17.30
CA HIS B 183 5.97 -24.64 17.67
C HIS B 183 5.06 -25.18 16.56
N SER B 184 5.66 -25.55 15.44
CA SER B 184 4.94 -26.00 14.28
C SER B 184 4.13 -27.26 14.55
N PRO B 185 3.03 -27.42 13.81
CA PRO B 185 2.18 -28.61 13.82
C PRO B 185 2.91 -29.94 13.52
N HIS B 186 3.89 -29.95 12.62
CA HIS B 186 4.59 -31.18 12.24
C HIS B 186 5.29 -31.91 13.40
N ILE B 187 5.58 -31.18 14.47
CA ILE B 187 6.24 -31.76 15.62
C ILE B 187 5.29 -32.70 16.30
N ASP B 188 4.21 -32.12 16.83
CA ASP B 188 3.20 -32.87 17.54
C ASP B 188 2.57 -33.89 16.58
N MET B 189 2.38 -33.51 15.32
CA MET B 189 1.84 -34.45 14.33
C MET B 189 2.69 -35.72 14.19
N GLY B 190 3.98 -35.57 13.98
CA GLY B 190 4.86 -36.70 13.83
C GLY B 190 4.92 -37.60 15.06
N LEU B 191 4.77 -37.01 16.23
CA LEU B 191 4.75 -37.78 17.46
C LEU B 191 3.47 -38.60 17.58
N ASP B 192 2.38 -38.08 17.01
CA ASP B 192 1.10 -38.76 17.06
C ASP B 192 0.86 -39.68 15.86
N GLY B 193 1.91 -39.92 15.07
CA GLY B 193 1.85 -40.92 14.03
C GLY B 193 1.36 -40.49 12.66
N VAL B 194 1.29 -39.18 12.42
CA VAL B 194 1.04 -38.74 11.06
C VAL B 194 2.26 -39.06 10.19
N GLU B 195 2.07 -39.92 9.19
CA GLU B 195 3.20 -40.31 8.28
C GLU B 195 3.47 -39.29 7.15
N ILE B 196 2.40 -38.78 6.55
CA ILE B 196 2.56 -37.84 5.44
C ILE B 196 2.07 -36.45 5.83
N ILE B 197 2.92 -35.45 5.69
CA ILE B 197 2.48 -34.09 5.96
C ILE B 197 2.39 -33.28 4.69
N THR B 198 1.24 -32.63 4.48
CA THR B 198 1.03 -31.81 3.29
C THR B 198 1.02 -30.31 3.58
N ASN B 199 1.75 -29.59 2.76
CA ASN B 199 1.91 -28.17 2.93
C ASN B 199 1.56 -27.44 1.64
N ALA B 200 0.50 -26.65 1.68
CA ALA B 200 0.14 -25.81 0.56
C ALA B 200 0.64 -24.40 0.87
N SER B 201 1.53 -23.89 0.02
CA SER B 201 2.06 -22.55 0.23
C SER B 201 1.62 -21.62 -0.88
N GLY B 202 2.02 -20.37 -0.69
CA GLY B 202 1.81 -19.32 -1.64
C GLY B 202 2.81 -18.32 -1.15
N SER B 203 4.08 -18.60 -1.44
CA SER B 203 5.17 -17.68 -1.11
C SER B 203 5.88 -17.22 -2.38
N HIS B 204 6.37 -15.98 -2.38
CA HIS B 204 6.84 -15.35 -3.60
C HIS B 204 8.36 -15.38 -3.73
N HIS B 205 8.86 -14.96 -4.88
CA HIS B 205 10.30 -14.94 -5.12
C HIS B 205 11.00 -13.95 -4.23
N VAL B 206 12.18 -14.32 -3.76
CA VAL B 206 13.15 -13.38 -3.23
C VAL B 206 14.53 -13.88 -3.66
N LEU B 207 15.27 -13.03 -4.38
CA LEU B 207 16.62 -13.34 -4.81
C LEU B 207 17.41 -14.07 -3.73
N ARG B 208 17.94 -15.24 -4.11
CA ARG B 208 18.85 -16.05 -3.30
C ARG B 208 18.23 -16.88 -2.17
N LYS B 209 16.95 -16.69 -1.90
CA LYS B 209 16.36 -17.29 -0.71
C LYS B 209 15.74 -18.66 -0.99
N ALA B 210 15.96 -19.22 -2.18
CA ALA B 210 15.31 -20.50 -2.50
C ALA B 210 15.76 -21.66 -1.60
N ASN B 211 17.05 -21.71 -1.32
CA ASN B 211 17.62 -22.76 -0.47
C ASN B 211 16.99 -22.85 0.92
N THR B 212 16.46 -21.74 1.42
CA THR B 212 15.91 -21.73 2.77
C THR B 212 14.69 -22.63 2.84
N ARG B 213 13.82 -22.53 1.85
CA ARG B 213 12.65 -23.40 1.74
C ARG B 213 13.05 -24.89 1.64
N VAL B 214 14.02 -25.19 0.78
CA VAL B 214 14.50 -26.55 0.60
C VAL B 214 15.13 -27.08 1.89
N ASP B 215 16.11 -26.35 2.43
CA ASP B 215 16.81 -26.79 3.64
C ASP B 215 15.85 -27.05 4.80
N LEU B 216 14.84 -26.19 4.93
CA LEU B 216 13.86 -26.32 5.99
C LEU B 216 13.02 -27.60 5.88
N VAL B 217 12.46 -27.85 4.72
CA VAL B 217 11.64 -29.04 4.56
C VAL B 217 12.50 -30.29 4.75
N THR B 218 13.72 -30.23 4.24
CA THR B 218 14.63 -31.34 4.40
C THR B 218 14.98 -31.58 5.86
N MET B 219 15.34 -30.51 6.58
CA MET B 219 15.65 -30.59 8.00
C MET B 219 14.52 -31.23 8.77
N VAL B 220 13.32 -30.75 8.52
CA VAL B 220 12.13 -31.25 9.19
C VAL B 220 11.93 -32.74 9.03
N THR B 221 11.95 -33.24 7.79
CA THR B 221 11.79 -34.68 7.61
C THR B 221 13.01 -35.42 8.10
N SER B 222 14.11 -34.71 8.30
CA SER B 222 15.30 -35.37 8.80
C SER B 222 15.17 -35.58 10.31
N LYS B 223 14.78 -34.53 11.00
CA LYS B 223 14.62 -34.51 12.44
C LYS B 223 13.40 -35.32 12.87
N ASN B 224 12.32 -35.22 12.12
CA ASN B 224 11.04 -35.77 12.57
C ASN B 224 10.65 -37.08 11.91
N GLY B 225 11.33 -37.43 10.84
CA GLY B 225 10.91 -38.56 10.03
C GLY B 225 9.71 -38.15 9.20
N GLY B 226 9.27 -39.01 8.30
CA GLY B 226 8.05 -38.76 7.57
C GLY B 226 8.25 -38.24 6.17
N ILE B 227 7.21 -38.37 5.38
CA ILE B 227 7.12 -37.74 4.06
C ILE B 227 6.50 -36.36 4.19
N TYR B 228 6.99 -35.44 3.38
CA TYR B 228 6.55 -34.05 3.43
C TYR B 228 6.36 -33.54 1.99
N LEU B 229 5.17 -33.02 1.69
CA LEU B 229 4.84 -32.53 0.36
C LEU B 229 4.61 -31.05 0.42
N LEU B 230 5.19 -30.32 -0.51
CA LEU B 230 5.00 -28.88 -0.58
C LEU B 230 4.50 -28.49 -1.96
N ALA B 231 3.44 -27.69 -1.99
CA ALA B 231 2.88 -27.13 -3.21
C ALA B 231 2.94 -25.63 -3.13
N ASN B 232 2.99 -24.98 -4.27
CA ASN B 232 3.11 -23.55 -4.28
C ASN B 232 2.58 -23.02 -5.60
N GLN B 233 2.11 -21.78 -5.60
CA GLN B 233 1.75 -21.11 -6.84
C GLN B 233 3.04 -20.88 -7.64
N LYS B 234 2.94 -20.80 -8.96
CA LYS B 234 4.10 -20.45 -9.73
C LYS B 234 3.69 -19.46 -10.81
N GLY B 235 4.22 -18.24 -10.73
CA GLY B 235 3.93 -17.22 -11.72
C GLY B 235 3.30 -15.96 -11.14
N CYS B 236 2.74 -15.14 -12.02
CA CYS B 236 2.13 -13.88 -11.60
C CYS B 236 0.61 -13.99 -11.49
N ASP B 237 0.07 -13.79 -10.29
CA ASP B 237 -1.38 -13.90 -10.10
C ASP B 237 -2.15 -12.56 -10.19
N GLY B 238 -1.43 -11.47 -10.42
CA GLY B 238 -2.09 -10.21 -10.70
C GLY B 238 -1.44 -8.96 -10.17
N ASP B 239 -0.24 -9.07 -9.60
CA ASP B 239 0.41 -7.93 -8.96
C ASP B 239 1.93 -7.96 -9.13
N ARG B 240 2.68 -7.33 -8.23
CA ARG B 240 4.17 -7.26 -8.29
C ARG B 240 4.87 -8.58 -8.02
N LEU B 241 4.22 -9.47 -7.30
CA LEU B 241 4.86 -10.70 -6.89
C LEU B 241 4.88 -11.75 -7.99
N TYR B 242 5.98 -12.49 -8.03
CA TYR B 242 6.07 -13.77 -8.72
C TYR B 242 6.20 -14.93 -7.69
N TYR B 243 5.21 -15.81 -7.63
CA TYR B 243 5.33 -17.02 -6.83
C TYR B 243 6.21 -17.97 -7.59
N ASP B 244 7.23 -18.53 -6.93
CA ASP B 244 8.25 -19.30 -7.64
C ASP B 244 8.26 -20.80 -7.35
N GLY B 245 7.10 -21.43 -7.46
CA GLY B 245 6.85 -22.80 -7.00
C GLY B 245 7.97 -23.82 -6.95
N CYS B 246 8.74 -23.77 -5.88
CA CYS B 246 9.69 -24.85 -5.67
C CYS B 246 8.99 -25.96 -4.93
N ALA B 247 7.95 -26.52 -5.55
CA ALA B 247 7.24 -27.66 -4.99
C ALA B 247 8.21 -28.84 -4.82
N MET B 248 8.10 -29.55 -3.70
CA MET B 248 8.98 -30.68 -3.45
C MET B 248 8.31 -31.85 -2.81
N ILE B 249 8.97 -33.00 -2.89
CA ILE B 249 8.59 -34.14 -2.09
C ILE B 249 9.83 -34.57 -1.33
N ALA B 250 9.70 -34.76 -0.03
CA ALA B 250 10.85 -35.11 0.79
C ALA B 250 10.49 -36.20 1.78
N MET B 251 11.46 -37.04 2.09
CA MET B 251 11.24 -38.10 3.08
C MET B 251 12.50 -38.39 3.86
N ASN B 252 12.37 -38.42 5.17
CA ASN B 252 13.48 -38.78 6.04
C ASN B 252 14.77 -38.05 5.71
N GLY B 253 14.65 -36.79 5.29
CA GLY B 253 15.80 -35.95 5.10
C GLY B 253 16.38 -35.96 3.70
N SER B 254 15.68 -36.60 2.77
CA SER B 254 16.13 -36.62 1.38
C SER B 254 15.03 -36.11 0.48
N VAL B 255 15.44 -35.48 -0.62
CA VAL B 255 14.50 -34.97 -1.59
C VAL B 255 14.24 -36.02 -2.65
N PHE B 256 12.97 -36.12 -3.06
CA PHE B 256 12.54 -37.11 -4.05
C PHE B 256 11.93 -36.54 -5.34
N ALA B 257 11.72 -35.23 -5.37
CA ALA B 257 11.16 -34.57 -6.55
C ALA B 257 11.34 -33.07 -6.35
N GLN B 258 11.92 -32.41 -7.35
CA GLN B 258 12.14 -30.97 -7.29
C GLN B 258 11.36 -30.30 -8.42
N GLY B 259 10.50 -29.34 -8.06
CA GLY B 259 9.72 -28.59 -9.03
C GLY B 259 10.42 -27.33 -9.50
N SER B 260 10.09 -26.87 -10.70
CA SER B 260 10.67 -25.66 -11.28
C SER B 260 10.47 -24.44 -10.41
N GLN B 261 11.39 -23.49 -10.47
CA GLN B 261 11.24 -22.24 -9.74
C GLN B 261 10.62 -21.21 -10.69
N PHE B 262 11.11 -21.21 -11.94
CA PHE B 262 10.59 -20.36 -13.01
C PHE B 262 10.45 -21.22 -14.24
N SER B 263 9.24 -21.25 -14.80
CA SER B 263 9.02 -21.97 -16.06
C SER B 263 7.73 -21.43 -16.61
N LEU B 264 7.53 -21.56 -17.92
CA LEU B 264 6.33 -21.02 -18.52
C LEU B 264 5.15 -22.00 -18.48
N ASP B 265 5.13 -22.91 -17.51
CA ASP B 265 4.07 -23.92 -17.43
C ASP B 265 2.96 -23.52 -16.48
N ASP B 266 1.74 -23.72 -16.92
CA ASP B 266 0.56 -23.43 -16.11
C ASP B 266 0.36 -24.46 -14.99
N VAL B 267 0.67 -25.72 -15.29
CA VAL B 267 0.47 -26.84 -14.39
C VAL B 267 1.66 -27.78 -14.39
N GLU B 268 2.32 -27.90 -13.23
CA GLU B 268 3.50 -28.81 -13.16
C GLU B 268 3.32 -29.74 -11.97
N VAL B 269 3.16 -31.03 -12.25
CA VAL B 269 2.86 -31.99 -11.20
C VAL B 269 4.09 -32.81 -10.84
N LEU B 270 4.35 -32.98 -9.54
CA LEU B 270 5.40 -33.90 -9.08
C LEU B 270 4.74 -35.10 -8.47
N THR B 271 5.22 -36.29 -8.83
CA THR B 271 4.81 -37.48 -8.09
C THR B 271 6.03 -38.22 -7.60
N ALA B 272 5.87 -38.92 -6.48
CA ALA B 272 6.90 -39.85 -6.04
C ALA B 272 6.20 -41.10 -5.51
N THR B 273 6.86 -42.24 -5.65
CA THR B 273 6.39 -43.45 -5.03
C THR B 273 7.31 -43.81 -3.86
N LEU B 274 6.75 -43.87 -2.67
CA LEU B 274 7.55 -44.10 -1.47
C LEU B 274 7.04 -45.27 -0.66
N ASP B 275 7.92 -45.87 0.13
CA ASP B 275 7.54 -46.96 1.03
C ASP B 275 7.27 -46.45 2.44
N LEU B 276 6.04 -46.61 2.89
CA LEU B 276 5.68 -46.19 4.23
C LEU B 276 6.54 -46.87 5.28
N GLU B 277 7.02 -48.05 4.96
CA GLU B 277 7.88 -48.82 5.89
C GLU B 277 9.22 -48.14 6.13
N ASP B 278 9.64 -47.31 5.19
CA ASP B 278 10.89 -46.58 5.37
C ASP B 278 10.71 -45.49 6.41
N VAL B 279 9.52 -44.90 6.43
CA VAL B 279 9.22 -43.87 7.41
C VAL B 279 9.26 -44.48 8.80
N ARG B 280 8.49 -45.56 8.93
CA ARG B 280 8.31 -46.25 10.19
C ARG B 280 9.61 -46.73 10.79
N SER B 281 10.53 -47.22 9.95
CA SER B 281 11.78 -47.72 10.50
C SER B 281 12.77 -46.61 10.74
N TYR B 282 12.66 -45.51 9.99
CA TYR B 282 13.51 -44.36 10.25
C TYR B 282 13.23 -43.80 11.64
N ARG B 283 11.94 -43.72 12.00
CA ARG B 283 11.50 -43.21 13.30
C ARG B 283 11.81 -44.17 14.44
N ALA B 284 11.59 -45.45 14.19
CA ALA B 284 11.89 -46.47 15.16
C ALA B 284 13.38 -46.50 15.62
N GLU B 285 14.22 -45.73 14.97
CA GLU B 285 15.66 -45.78 15.29
C GLU B 285 16.10 -44.61 16.16
N ILE B 286 15.18 -43.72 16.50
CA ILE B 286 15.53 -42.55 17.30
C ILE B 286 15.03 -42.65 18.74
N SER B 287 15.85 -43.18 19.65
CA SER B 287 15.42 -43.39 21.05
C SER B 287 14.72 -42.20 21.74
N SER B 288 15.31 -41.00 21.69
CA SER B 288 14.74 -39.81 22.32
C SER B 288 13.36 -39.46 21.73
N ARG B 289 13.24 -39.58 20.40
CA ARG B 289 11.96 -39.43 19.73
C ARG B 289 10.91 -40.40 20.31
N ASN B 290 11.22 -41.70 20.27
CA ASN B 290 10.30 -42.75 20.75
C ASN B 290 9.93 -42.62 22.22
N LEU B 291 10.85 -42.14 23.04
CA LEU B 291 10.56 -41.88 24.45
C LEU B 291 9.49 -40.77 24.59
N ALA B 292 9.55 -39.79 23.69
CA ALA B 292 8.58 -38.71 23.66
C ALA B 292 7.28 -39.06 22.91
N ALA B 293 7.38 -40.01 21.97
CA ALA B 293 6.22 -40.44 21.17
C ALA B 293 5.27 -41.37 21.93
N SER B 294 5.80 -42.07 22.94
CA SER B 294 4.97 -42.94 23.74
C SER B 294 4.27 -42.14 24.83
N ARG B 295 4.43 -40.83 24.78
CA ARG B 295 3.78 -39.90 25.72
C ARG B 295 3.09 -38.72 25.01
N ALA B 296 2.80 -38.87 23.72
CA ALA B 296 2.35 -37.75 22.89
C ALA B 296 0.83 -37.52 22.87
N SER B 297 0.43 -36.27 23.08
CA SER B 297 -0.98 -35.85 22.97
C SER B 297 -1.57 -36.07 21.56
N PRO B 298 -2.84 -36.56 21.51
CA PRO B 298 -3.49 -37.08 20.29
C PRO B 298 -4.26 -36.06 19.45
N TYR B 299 -4.24 -36.26 18.14
CA TYR B 299 -4.99 -35.45 17.19
C TYR B 299 -6.34 -36.07 16.88
N PRO B 300 -7.38 -35.24 16.67
CA PRO B 300 -8.65 -35.80 16.17
C PRO B 300 -8.43 -36.41 14.80
N ARG B 301 -9.06 -37.54 14.54
CA ARG B 301 -8.85 -38.24 13.28
C ARG B 301 -10.15 -38.40 12.53
N VAL B 302 -10.12 -38.08 11.24
CA VAL B 302 -11.23 -38.37 10.36
C VAL B 302 -10.93 -39.70 9.68
N LYS B 303 -11.75 -40.71 9.94
CA LYS B 303 -11.60 -42.02 9.30
C LYS B 303 -12.07 -42.00 7.84
N VAL B 304 -11.24 -42.57 6.97
CA VAL B 304 -11.51 -42.55 5.55
C VAL B 304 -11.44 -43.96 4.99
N ASP B 305 -12.49 -44.35 4.27
CA ASP B 305 -12.60 -45.71 3.74
C ASP B 305 -11.82 -45.88 2.43
N PHE B 306 -10.50 -45.81 2.52
CA PHE B 306 -9.66 -45.66 1.34
C PHE B 306 -8.25 -46.14 1.64
N ALA B 307 -7.56 -46.58 0.59
CA ALA B 307 -6.20 -47.11 0.70
C ALA B 307 -5.26 -46.30 -0.20
N LEU B 308 -4.28 -45.66 0.41
CA LEU B 308 -3.31 -44.90 -0.35
C LEU B 308 -2.42 -45.81 -1.20
N SER B 309 -2.20 -47.02 -0.70
CA SER B 309 -1.41 -48.02 -1.38
C SER B 309 -2.32 -49.09 -1.97
N CYS B 310 -2.45 -49.11 -3.29
CA CYS B 310 -3.40 -50.04 -3.90
C CYS B 310 -2.75 -51.27 -4.51
N HIS B 311 -3.36 -51.76 -5.59
CA HIS B 311 -2.81 -52.89 -6.34
C HIS B 311 -1.79 -52.38 -7.36
N GLU B 312 -1.16 -51.25 -7.05
CA GLU B 312 -0.09 -50.68 -7.90
C GLU B 312 1.25 -51.32 -7.55
N ASP B 313 1.32 -51.92 -6.37
CA ASP B 313 2.57 -52.46 -5.82
C ASP B 313 3.42 -53.24 -6.81
N LEU B 314 2.79 -53.85 -7.81
CA LEU B 314 3.49 -54.72 -8.75
C LEU B 314 4.63 -53.99 -9.44
N LEU B 315 5.81 -54.09 -8.82
CA LEU B 315 7.04 -53.56 -9.37
C LEU B 315 6.99 -52.04 -9.61
N ALA B 316 5.90 -51.40 -9.18
CA ALA B 316 5.84 -49.94 -9.19
C ALA B 316 7.14 -49.41 -8.61
N PRO B 317 7.98 -48.81 -9.45
CA PRO B 317 9.35 -48.47 -9.08
C PRO B 317 9.42 -47.37 -8.03
N ILE B 318 10.03 -47.69 -6.89
CA ILE B 318 10.28 -46.72 -5.83
C ILE B 318 11.12 -45.55 -6.36
N SER B 319 10.72 -44.33 -5.98
CA SER B 319 11.45 -43.11 -6.33
C SER B 319 12.82 -43.06 -5.63
N GLU B 320 13.86 -42.72 -6.38
CA GLU B 320 15.23 -42.61 -5.80
C GLU B 320 15.57 -41.17 -5.44
N PRO B 321 16.38 -40.97 -4.37
CA PRO B 321 16.79 -39.66 -3.88
C PRO B 321 17.49 -38.82 -4.94
N ILE B 322 17.30 -37.51 -4.88
CA ILE B 322 17.95 -36.62 -5.83
C ILE B 322 18.58 -35.45 -5.08
N GLU B 323 19.50 -34.78 -5.76
CA GLU B 323 20.14 -33.54 -5.24
C GLU B 323 19.39 -32.36 -5.80
N TRP B 324 19.10 -31.38 -4.97
CA TRP B 324 18.43 -30.16 -5.45
C TRP B 324 19.40 -29.31 -6.24
N LYS B 325 19.06 -29.04 -7.51
CA LYS B 325 19.88 -28.15 -8.34
C LYS B 325 19.35 -26.72 -8.30
N TYR B 326 20.23 -25.79 -7.92
CA TYR B 326 19.85 -24.37 -7.81
C TYR B 326 20.25 -23.50 -9.03
N HIS B 327 19.70 -22.29 -9.08
CA HIS B 327 20.10 -21.31 -10.09
C HIS B 327 21.12 -20.37 -9.48
N SER B 328 22.05 -19.91 -10.31
CA SER B 328 22.98 -18.86 -9.90
C SER B 328 22.12 -17.64 -9.70
N PRO B 329 22.63 -16.67 -8.95
CA PRO B 329 21.91 -15.39 -8.78
C PRO B 329 21.58 -14.71 -10.13
N GLU B 330 22.50 -14.78 -11.09
CA GLU B 330 22.26 -14.25 -12.46
C GLU B 330 21.23 -15.07 -13.24
N GLU B 331 21.24 -16.38 -13.07
CA GLU B 331 20.20 -17.23 -13.72
C GLU B 331 18.84 -16.87 -13.16
N GLU B 332 18.81 -16.67 -11.85
CA GLU B 332 17.57 -16.27 -11.12
C GLU B 332 17.03 -15.00 -11.74
N ILE B 333 17.85 -13.95 -11.79
CA ILE B 333 17.48 -12.69 -12.48
C ILE B 333 17.10 -12.92 -13.95
N SER B 334 17.79 -13.84 -14.61
CA SER B 334 17.54 -14.08 -16.02
C SER B 334 16.18 -14.73 -16.22
N LEU B 335 15.67 -15.38 -15.18
CA LEU B 335 14.51 -16.24 -15.35
C LEU B 335 13.27 -15.76 -14.66
N GLY B 336 13.44 -15.15 -13.49
CA GLY B 336 12.33 -14.65 -12.71
C GLY B 336 11.51 -13.60 -13.45
N PRO B 337 12.05 -12.36 -13.54
CA PRO B 337 11.39 -11.22 -14.19
C PRO B 337 10.97 -11.56 -15.62
N ALA B 338 11.70 -12.48 -16.24
CA ALA B 338 11.40 -12.94 -17.58
C ALA B 338 10.05 -13.63 -17.63
N CYS B 339 9.81 -14.50 -16.65
CA CYS B 339 8.57 -15.24 -16.61
C CYS B 339 7.45 -14.32 -16.15
N TRP B 340 7.74 -13.53 -15.12
CA TRP B 340 6.85 -12.48 -14.69
C TRP B 340 6.42 -11.57 -15.87
N LEU B 341 7.33 -11.33 -16.80
CA LEU B 341 7.03 -10.50 -17.98
C LEU B 341 6.11 -11.23 -18.95
N TRP B 342 6.39 -12.50 -19.23
CA TRP B 342 5.54 -13.32 -20.11
C TRP B 342 4.12 -13.33 -19.60
N ASP B 343 3.96 -13.40 -18.29
CA ASP B 343 2.64 -13.51 -17.66
C ASP B 343 1.88 -12.20 -17.80
N PHE B 344 2.55 -11.09 -17.57
CA PHE B 344 1.96 -9.78 -17.84
C PHE B 344 1.49 -9.67 -19.28
N LEU B 345 2.37 -10.03 -20.22
CA LEU B 345 2.09 -9.80 -21.62
C LEU B 345 0.82 -10.51 -22.03
N ARG B 346 0.74 -11.77 -21.65
CA ARG B 346 -0.34 -12.64 -22.08
C ARG B 346 -1.62 -12.37 -21.30
N ARG B 347 -1.48 -12.02 -20.03
CA ARG B 347 -2.67 -11.76 -19.22
C ARG B 347 -3.20 -10.33 -19.35
N SER B 348 -2.38 -9.42 -19.87
CA SER B 348 -2.85 -8.08 -20.15
C SER B 348 -3.42 -7.98 -21.57
N GLN B 349 -3.30 -9.03 -22.36
CA GLN B 349 -3.81 -9.02 -23.73
C GLN B 349 -3.34 -7.77 -24.52
N GLN B 350 -2.06 -7.47 -24.35
CA GLN B 350 -1.42 -6.33 -24.99
C GLN B 350 -0.55 -6.89 -26.13
N ALA B 351 -0.12 -6.03 -27.04
CA ALA B 351 0.50 -6.51 -28.27
C ALA B 351 2.02 -6.62 -28.18
N GLY B 352 2.59 -6.08 -27.11
CA GLY B 352 4.02 -6.16 -26.89
C GLY B 352 4.54 -5.15 -25.89
N PHE B 353 5.86 -4.96 -25.89
CA PHE B 353 6.52 -3.97 -25.02
C PHE B 353 7.16 -2.83 -25.82
N LEU B 354 7.22 -1.66 -25.19
CA LEU B 354 8.03 -0.53 -25.65
C LEU B 354 9.08 -0.23 -24.57
N LEU B 355 10.35 -0.38 -24.94
CA LEU B 355 11.45 -0.15 -24.01
C LEU B 355 12.28 1.06 -24.43
N PRO B 356 12.22 2.13 -23.63
CA PRO B 356 13.24 3.16 -23.85
C PRO B 356 14.60 2.52 -23.60
N LEU B 357 15.53 2.69 -24.53
CA LEU B 357 16.84 2.07 -24.47
C LEU B 357 17.85 3.19 -24.54
N SER B 358 18.61 3.38 -23.48
CA SER B 358 19.50 4.53 -23.38
C SER B 358 20.93 4.21 -23.75
N GLY B 359 21.27 2.94 -23.84
CA GLY B 359 22.64 2.55 -24.15
C GLY B 359 23.44 2.38 -22.88
N GLY B 360 22.72 2.25 -21.77
CA GLY B 360 23.30 2.03 -20.45
C GLY B 360 22.89 0.70 -19.84
N VAL B 361 23.57 0.33 -18.77
CA VAL B 361 23.41 -0.95 -18.07
C VAL B 361 21.98 -1.41 -17.78
N ASP B 362 21.19 -0.59 -17.09
CA ASP B 362 19.85 -1.01 -16.67
C ASP B 362 18.87 -1.24 -17.83
N SER B 363 18.67 -0.23 -18.67
CA SER B 363 17.82 -0.42 -19.83
C SER B 363 18.33 -1.63 -20.64
N ALA B 364 19.64 -1.77 -20.72
CA ALA B 364 20.26 -2.92 -21.33
C ALA B 364 19.77 -4.20 -20.67
N ALA B 365 19.76 -4.20 -19.34
CA ALA B 365 19.34 -5.38 -18.59
C ALA B 365 17.93 -5.70 -18.98
N THR B 366 17.08 -4.68 -18.96
CA THR B 366 15.67 -4.86 -19.26
C THR B 366 15.52 -5.50 -20.63
N ALA B 367 16.34 -5.04 -21.57
CA ALA B 367 16.35 -5.61 -22.92
C ALA B 367 16.72 -7.09 -22.87
N CYS B 368 17.78 -7.41 -22.12
CA CYS B 368 18.17 -8.81 -21.94
C CYS B 368 17.09 -9.72 -21.33
N LEU B 369 16.33 -9.20 -20.36
CA LEU B 369 15.21 -9.97 -19.80
C LEU B 369 14.19 -10.33 -20.87
N ILE B 370 13.84 -9.37 -21.72
CA ILE B 370 12.87 -9.65 -22.78
C ILE B 370 13.41 -10.71 -23.74
N TYR B 371 14.69 -10.59 -24.07
CA TYR B 371 15.31 -11.56 -24.94
C TYR B 371 15.30 -12.93 -24.26
N SER B 372 15.70 -12.96 -22.99
CA SER B 372 15.66 -14.17 -22.22
C SER B 372 14.26 -14.80 -22.31
N MET B 373 13.24 -13.98 -22.05
CA MET B 373 11.87 -14.46 -22.16
C MET B 373 11.60 -15.12 -23.50
N CYS B 374 12.03 -14.45 -24.57
CA CYS B 374 11.85 -14.91 -25.92
C CYS B 374 12.44 -16.28 -26.13
N CYS B 375 13.66 -16.47 -25.63
CA CYS B 375 14.33 -17.78 -25.65
C CYS B 375 13.49 -18.81 -24.92
N GLN B 376 13.00 -18.41 -23.74
CA GLN B 376 12.18 -19.27 -22.90
C GLN B 376 10.94 -19.71 -23.64
N VAL B 377 10.29 -18.77 -24.32
CA VAL B 377 9.12 -19.10 -25.08
C VAL B 377 9.47 -20.10 -26.19
N CYS B 378 10.55 -19.82 -26.90
CA CYS B 378 11.02 -20.70 -27.96
C CYS B 378 11.32 -22.09 -27.43
N GLU B 379 12.04 -22.13 -26.31
CA GLU B 379 12.36 -23.41 -25.61
C GLU B 379 11.09 -24.13 -25.22
N ALA B 380 10.15 -23.40 -24.62
CA ALA B 380 8.87 -23.98 -24.20
C ALA B 380 8.09 -24.58 -25.36
N VAL B 381 8.06 -23.88 -26.50
CA VAL B 381 7.34 -24.36 -27.67
C VAL B 381 7.98 -25.63 -28.20
N ARG B 382 9.31 -25.62 -28.30
CA ARG B 382 10.06 -26.79 -28.75
C ARG B 382 9.79 -28.00 -27.84
N SER B 383 9.45 -27.73 -26.58
CA SER B 383 9.11 -28.77 -25.60
C SER B 383 7.76 -29.45 -25.84
N GLY B 384 6.87 -28.81 -26.60
CA GLY B 384 5.54 -29.36 -26.82
C GLY B 384 4.49 -28.69 -25.97
N ASN B 385 4.86 -27.56 -25.36
CA ASN B 385 3.97 -26.80 -24.51
C ASN B 385 2.87 -26.09 -25.31
N GLU B 386 1.68 -26.66 -25.31
CA GLU B 386 0.55 -26.19 -26.16
C GLU B 386 -0.03 -24.85 -25.73
N GLU B 387 -0.05 -24.60 -24.43
CA GLU B 387 -0.57 -23.30 -23.93
C GLU B 387 0.37 -22.17 -24.27
N VAL B 388 1.69 -22.39 -24.12
CA VAL B 388 2.63 -21.36 -24.54
C VAL B 388 2.44 -21.05 -26.04
N LEU B 389 2.48 -22.08 -26.89
CA LEU B 389 2.29 -21.90 -28.32
C LEU B 389 0.98 -21.18 -28.66
N ALA B 390 -0.08 -21.48 -27.92
CA ALA B 390 -1.34 -20.78 -28.10
C ALA B 390 -1.20 -19.33 -27.73
N ASP B 391 -0.73 -19.09 -26.50
CA ASP B 391 -0.48 -17.74 -25.96
C ASP B 391 0.29 -16.83 -26.92
N VAL B 392 1.34 -17.37 -27.54
CA VAL B 392 2.15 -16.63 -28.50
C VAL B 392 1.30 -16.22 -29.72
N ARG B 393 0.73 -17.22 -30.38
CA ARG B 393 -0.17 -17.02 -31.52
C ARG B 393 -1.30 -16.01 -31.25
N THR B 394 -1.73 -15.90 -30.00
CA THR B 394 -2.78 -14.96 -29.65
C THR B 394 -2.21 -13.54 -29.61
N ILE B 395 -1.05 -13.40 -28.98
CA ILE B 395 -0.36 -12.13 -28.85
C ILE B 395 -0.04 -11.52 -30.22
N VAL B 396 0.22 -12.41 -31.18
CA VAL B 396 0.84 -12.10 -32.45
C VAL B 396 -0.21 -12.18 -33.56
N ASN B 397 -1.39 -12.66 -33.17
CA ASN B 397 -2.57 -12.74 -34.03
C ASN B 397 -2.41 -13.63 -35.25
N GLN B 398 -1.45 -14.55 -35.21
CA GLN B 398 -1.23 -15.45 -36.33
C GLN B 398 -1.24 -16.90 -35.88
N ILE B 399 -2.38 -17.55 -36.09
CA ILE B 399 -2.65 -18.91 -35.65
C ILE B 399 -1.72 -19.95 -36.25
N SER B 400 -0.80 -19.54 -37.11
CA SER B 400 0.07 -20.51 -37.75
C SER B 400 1.52 -20.36 -37.27
N TYR B 401 1.77 -19.32 -36.48
CA TYR B 401 3.14 -18.91 -36.12
C TYR B 401 3.84 -19.89 -35.20
N THR B 402 5.11 -20.18 -35.48
CA THR B 402 5.89 -21.02 -34.59
C THR B 402 7.25 -20.42 -34.30
N PRO B 403 7.39 -19.77 -33.14
CA PRO B 403 8.66 -19.14 -32.79
C PRO B 403 9.77 -20.17 -32.58
N GLN B 404 10.79 -20.13 -33.43
CA GLN B 404 11.96 -20.98 -33.24
C GLN B 404 13.14 -20.09 -32.91
N ASP B 405 13.39 -19.12 -33.77
CA ASP B 405 14.46 -18.16 -33.53
C ASP B 405 13.99 -17.13 -32.49
N PRO B 406 14.75 -16.98 -31.40
CA PRO B 406 14.54 -15.98 -30.35
C PRO B 406 14.55 -14.55 -30.88
N ARG B 407 15.33 -14.30 -31.93
CA ARG B 407 15.45 -12.95 -32.45
C ARG B 407 14.24 -12.53 -33.29
N ASP B 408 13.56 -13.51 -33.88
CA ASP B 408 12.39 -13.25 -34.72
C ASP B 408 11.17 -12.93 -33.86
N LEU B 409 10.99 -13.71 -32.79
CA LEU B 409 9.96 -13.44 -31.80
C LEU B 409 10.17 -12.08 -31.19
N CYS B 410 11.42 -11.83 -30.80
CA CYS B 410 11.77 -10.59 -30.13
C CYS B 410 11.35 -9.36 -30.92
N GLY B 411 11.52 -9.42 -32.25
CA GLY B 411 11.18 -8.30 -33.09
C GLY B 411 9.69 -8.07 -33.19
N ARG B 412 8.92 -9.09 -32.86
CA ARG B 412 7.47 -9.00 -32.94
C ARG B 412 6.90 -8.37 -31.68
N ILE B 413 7.47 -8.72 -30.53
CA ILE B 413 6.92 -8.27 -29.27
C ILE B 413 7.73 -7.17 -28.55
N LEU B 414 8.92 -6.84 -29.04
CA LEU B 414 9.68 -5.76 -28.41
C LEU B 414 9.95 -4.63 -29.40
N THR B 415 9.97 -3.41 -28.88
CA THR B 415 10.26 -2.22 -29.65
C THR B 415 11.16 -1.32 -28.80
N THR B 416 12.46 -1.36 -29.04
CA THR B 416 13.36 -0.44 -28.33
C THR B 416 13.28 0.99 -28.91
N CYS B 417 13.62 1.96 -28.08
CA CYS B 417 13.45 3.35 -28.45
C CYS B 417 14.55 4.21 -27.84
N TYR B 418 15.52 4.57 -28.67
CA TYR B 418 16.57 5.51 -28.29
C TYR B 418 16.16 6.95 -28.56
N MET B 419 16.28 7.79 -27.53
CA MET B 419 15.82 9.18 -27.58
C MET B 419 16.92 10.15 -27.16
N ALA B 420 17.67 10.66 -28.12
CA ALA B 420 18.81 11.54 -27.84
C ALA B 420 18.46 13.01 -27.71
N SER B 421 19.17 13.69 -26.81
CA SER B 421 19.08 15.14 -26.67
C SER B 421 20.16 15.81 -27.52
N LYS B 422 20.19 17.14 -27.45
CA LYS B 422 21.21 17.94 -28.11
C LYS B 422 22.63 17.51 -27.67
N ASN B 423 22.73 16.99 -26.46
CA ASN B 423 24.04 16.71 -25.84
C ASN B 423 24.44 15.23 -25.84
N SER B 424 23.51 14.37 -26.26
CA SER B 424 23.78 12.94 -26.35
C SER B 424 25.03 12.71 -27.19
N SER B 425 25.78 11.66 -26.85
CA SER B 425 26.96 11.30 -27.64
C SER B 425 26.62 10.26 -28.70
N GLN B 426 27.39 10.26 -29.80
CA GLN B 426 27.19 9.32 -30.89
C GLN B 426 27.36 7.88 -30.40
N GLU B 427 28.31 7.67 -29.48
CA GLU B 427 28.57 6.32 -28.91
C GLU B 427 27.31 5.70 -28.29
N THR B 428 26.62 6.42 -27.42
CA THR B 428 25.47 5.86 -26.74
C THR B 428 24.38 5.49 -27.73
N CYS B 429 24.25 6.28 -28.79
CA CYS B 429 23.28 6.01 -29.83
C CYS B 429 23.58 4.64 -30.42
N THR B 430 24.85 4.44 -30.78
CA THR B 430 25.28 3.26 -31.51
C THR B 430 25.25 1.99 -30.67
N ARG B 431 25.44 2.15 -29.37
CA ARG B 431 25.39 1.03 -28.44
C ARG B 431 23.98 0.51 -28.36
N ALA B 432 23.04 1.43 -28.26
CA ALA B 432 21.63 1.09 -28.24
C ALA B 432 21.29 0.34 -29.53
N ARG B 433 21.59 1.00 -30.65
CA ARG B 433 21.36 0.44 -31.99
C ARG B 433 21.94 -0.95 -32.17
N GLU B 434 23.20 -1.11 -31.76
CA GLU B 434 23.90 -2.41 -31.85
C GLU B 434 23.28 -3.49 -30.96
N LEU B 435 22.85 -3.11 -29.76
CA LEU B 435 22.16 -4.06 -28.89
C LEU B 435 20.83 -4.51 -29.50
N ALA B 436 20.07 -3.55 -30.00
CA ALA B 436 18.80 -3.86 -30.66
C ALA B 436 18.97 -4.82 -31.84
N GLN B 437 19.95 -4.55 -32.70
CA GLN B 437 20.27 -5.42 -33.84
C GLN B 437 20.49 -6.86 -33.37
N GLN B 438 21.20 -6.97 -32.26
CA GLN B 438 21.69 -8.26 -31.80
C GLN B 438 20.61 -9.11 -31.14
N ILE B 439 19.64 -8.48 -30.46
CA ILE B 439 18.49 -9.21 -29.89
C ILE B 439 17.29 -9.27 -30.83
N GLY B 440 17.35 -8.48 -31.91
CA GLY B 440 16.35 -8.55 -32.96
C GLY B 440 15.12 -7.67 -32.75
N SER B 441 15.25 -6.63 -31.93
CA SER B 441 14.12 -5.76 -31.63
C SER B 441 13.89 -4.79 -32.77
N HIS B 442 12.67 -4.25 -32.84
CA HIS B 442 12.39 -3.15 -33.75
C HIS B 442 12.89 -1.88 -33.08
N HIS B 443 13.90 -1.26 -33.66
CA HIS B 443 14.56 -0.14 -33.01
C HIS B 443 14.15 1.21 -33.59
N ILE B 444 13.85 2.15 -32.71
CA ILE B 444 13.49 3.51 -33.07
C ILE B 444 14.56 4.48 -32.56
N SER B 445 15.07 5.33 -33.44
CA SER B 445 16.05 6.30 -33.00
C SER B 445 15.56 7.69 -33.34
N LEU B 446 15.56 8.58 -32.35
CA LEU B 446 15.08 9.95 -32.55
C LEU B 446 15.80 10.96 -31.67
N ASN B 447 15.61 12.24 -32.00
CA ASN B 447 16.14 13.34 -31.22
C ASN B 447 14.99 14.14 -30.62
N ILE B 448 15.04 14.39 -29.32
CA ILE B 448 13.98 15.15 -28.65
C ILE B 448 14.10 16.69 -28.80
N ASP B 449 15.23 17.16 -29.30
CA ASP B 449 15.49 18.59 -29.30
C ASP B 449 14.35 19.48 -29.82
N PRO B 450 13.73 19.12 -30.97
CA PRO B 450 12.63 19.96 -31.47
C PRO B 450 11.54 20.20 -30.43
N ALA B 451 11.18 19.14 -29.71
CA ALA B 451 10.13 19.22 -28.70
C ALA B 451 10.60 20.03 -27.51
N VAL B 452 11.85 19.84 -27.12
CA VAL B 452 12.39 20.60 -26.00
C VAL B 452 12.37 22.09 -26.30
N LYS B 453 12.84 22.47 -27.49
CA LYS B 453 12.88 23.87 -27.86
C LYS B 453 11.49 24.47 -27.81
N ALA B 454 10.50 23.72 -28.28
CA ALA B 454 9.12 24.19 -28.34
C ALA B 454 8.55 24.50 -26.96
N VAL B 455 8.79 23.60 -26.01
CA VAL B 455 8.36 23.75 -24.62
C VAL B 455 9.04 24.95 -23.97
N MET B 456 10.36 25.06 -24.15
CA MET B 456 11.11 26.20 -23.63
C MET B 456 10.67 27.50 -24.27
N GLY B 457 10.28 27.43 -25.53
CA GLY B 457 9.80 28.60 -26.24
C GLY B 457 8.48 29.04 -25.65
N ILE B 458 7.65 28.07 -25.26
CA ILE B 458 6.39 28.40 -24.61
C ILE B 458 6.70 29.17 -23.33
N PHE B 459 7.55 28.57 -22.49
CA PHE B 459 8.00 29.21 -21.25
C PHE B 459 8.54 30.65 -21.43
N SER B 460 9.34 30.87 -22.46
CA SER B 460 9.90 32.21 -22.73
C SER B 460 8.83 33.20 -23.16
N LEU B 461 7.91 32.75 -24.02
CA LEU B 461 6.82 33.59 -24.50
C LEU B 461 5.97 34.14 -23.35
N VAL B 462 5.86 33.38 -22.27
CA VAL B 462 4.91 33.73 -21.22
C VAL B 462 5.57 34.39 -20.01
N THR B 463 6.85 34.08 -19.75
CA THR B 463 7.57 34.70 -18.63
C THR B 463 8.50 35.84 -19.04
N GLY B 464 8.91 35.84 -20.31
CA GLY B 464 9.87 36.79 -20.81
C GLY B 464 11.27 36.47 -20.32
N LYS B 465 11.44 35.24 -19.84
CA LYS B 465 12.71 34.78 -19.32
C LYS B 465 13.08 33.49 -20.02
N SER B 466 14.38 33.23 -20.13
CA SER B 466 14.89 32.01 -20.77
C SER B 466 15.94 31.29 -19.90
N PRO B 467 15.62 30.08 -19.42
CA PRO B 467 16.55 29.32 -18.56
C PRO B 467 17.83 28.90 -19.27
N LEU B 468 18.93 28.85 -18.52
CA LEU B 468 20.22 28.47 -19.10
C LEU B 468 20.79 27.26 -18.41
N PHE B 469 21.51 26.44 -19.16
CA PHE B 469 22.24 25.33 -18.56
C PHE B 469 23.39 25.87 -17.73
N ALA B 470 23.78 25.12 -16.71
CA ALA B 470 24.83 25.58 -15.80
C ALA B 470 26.11 25.96 -16.55
N ALA B 471 26.41 25.24 -17.64
CA ALA B 471 27.58 25.49 -18.47
C ALA B 471 27.49 26.80 -19.24
N HIS B 472 26.26 27.28 -19.37
CA HIS B 472 26.01 28.57 -20.00
C HIS B 472 25.68 29.60 -18.91
N GLY B 473 26.13 29.31 -17.69
CA GLY B 473 25.91 30.21 -16.57
C GLY B 473 24.56 30.10 -15.87
N GLY B 474 23.74 29.15 -16.30
CA GLY B 474 22.43 28.96 -15.68
C GLY B 474 22.63 28.69 -14.20
N SER B 475 21.57 28.87 -13.40
CA SER B 475 21.64 28.58 -11.97
C SER B 475 21.42 27.10 -11.70
N SER B 476 21.62 26.70 -10.46
CA SER B 476 21.49 25.29 -10.16
C SER B 476 20.09 24.80 -10.57
N ARG B 477 19.08 25.56 -10.18
CA ARG B 477 17.70 25.23 -10.47
C ARG B 477 17.41 25.21 -11.98
N GLU B 478 17.81 26.27 -12.67
CA GLU B 478 17.61 26.35 -14.14
C GLU B 478 18.15 25.09 -14.79
N ASN B 479 19.38 24.73 -14.41
CA ASN B 479 20.01 23.55 -14.98
C ASN B 479 19.18 22.32 -14.74
N LEU B 480 18.62 22.19 -13.55
CA LEU B 480 17.86 21.02 -13.20
C LEU B 480 16.51 20.98 -13.92
N ALA B 481 15.80 22.12 -13.90
CA ALA B 481 14.54 22.27 -14.60
C ALA B 481 14.72 21.85 -16.06
N LEU B 482 15.78 22.35 -16.67
CA LEU B 482 16.11 22.03 -18.05
C LEU B 482 16.32 20.54 -18.28
N GLN B 483 17.09 19.91 -17.39
CA GLN B 483 17.34 18.48 -17.48
C GLN B 483 16.04 17.69 -17.31
N ASN B 484 15.22 18.13 -16.36
CA ASN B 484 13.98 17.44 -16.09
C ASN B 484 12.98 17.52 -17.22
N VAL B 485 12.91 18.68 -17.86
CA VAL B 485 12.06 18.84 -19.02
C VAL B 485 12.36 17.77 -20.06
N GLN B 486 13.62 17.66 -20.42
CA GLN B 486 14.05 16.73 -21.46
C GLN B 486 13.62 15.33 -21.06
N ALA B 487 13.73 15.07 -19.76
CA ALA B 487 13.45 13.75 -19.21
C ALA B 487 11.99 13.37 -19.34
N ARG B 488 11.10 14.28 -18.97
CA ARG B 488 9.66 14.06 -19.09
C ARG B 488 9.21 14.04 -20.55
N ILE B 489 9.90 14.79 -21.40
CA ILE B 489 9.58 14.76 -22.83
C ILE B 489 9.80 13.34 -23.33
N ARG B 490 10.88 12.71 -22.87
CA ARG B 490 11.13 11.32 -23.24
C ARG B 490 9.95 10.44 -22.83
N MET B 491 9.37 10.73 -21.68
CA MET B 491 8.24 9.96 -21.21
C MET B 491 7.01 10.23 -22.10
N VAL B 492 6.77 11.50 -22.43
CA VAL B 492 5.64 11.83 -23.30
C VAL B 492 5.74 11.03 -24.58
N LEU B 493 6.93 11.06 -25.20
CA LEU B 493 7.25 10.34 -26.43
C LEU B 493 7.11 8.82 -26.29
N ALA B 494 7.68 8.28 -25.22
CA ALA B 494 7.56 6.86 -24.91
C ALA B 494 6.13 6.36 -24.98
N TYR B 495 5.20 7.09 -24.38
CA TYR B 495 3.78 6.69 -24.38
C TYR B 495 3.10 6.90 -25.72
N LEU B 496 3.58 7.89 -26.48
CA LEU B 496 3.09 8.16 -27.83
C LEU B 496 3.45 7.02 -28.77
N PHE B 497 4.69 6.56 -28.67
CA PHE B 497 5.12 5.43 -29.45
C PHE B 497 4.51 4.14 -28.93
N ALA B 498 4.36 4.03 -27.62
CA ALA B 498 3.73 2.84 -27.07
C ALA B 498 2.33 2.71 -27.66
N GLN B 499 1.66 3.84 -27.79
CA GLN B 499 0.28 3.85 -28.22
C GLN B 499 0.11 3.82 -29.75
N LEU B 500 1.03 4.48 -30.47
CA LEU B 500 0.93 4.60 -31.94
C LEU B 500 1.99 3.87 -32.80
N SER B 501 3.05 3.35 -32.21
CA SER B 501 4.11 2.74 -33.01
C SER B 501 3.68 1.57 -33.90
N LEU B 502 2.90 0.64 -33.36
CA LEU B 502 2.41 -0.47 -34.17
C LEU B 502 1.49 0.07 -35.26
N TRP B 503 0.72 1.10 -34.92
CA TRP B 503 -0.20 1.67 -35.87
C TRP B 503 0.56 2.19 -37.07
N SER B 504 1.71 2.80 -36.80
CA SER B 504 2.53 3.39 -37.86
C SER B 504 3.16 2.30 -38.71
N ARG B 505 3.32 1.12 -38.14
CA ARG B 505 3.82 -0.02 -38.87
C ARG B 505 2.70 -0.87 -39.45
N GLY B 506 1.48 -0.36 -39.37
CA GLY B 506 0.34 -0.97 -40.00
C GLY B 506 -0.15 -2.21 -39.28
N VAL B 507 -0.15 -2.15 -37.96
CA VAL B 507 -0.43 -3.30 -37.11
C VAL B 507 -1.29 -2.93 -35.90
N HIS B 508 -2.27 -3.79 -35.59
CA HIS B 508 -3.21 -3.50 -34.52
C HIS B 508 -2.60 -3.69 -33.13
N GLY B 509 -3.13 -2.95 -32.16
CA GLY B 509 -2.72 -3.12 -30.79
C GLY B 509 -1.82 -2.03 -30.25
N GLY B 510 -1.47 -2.16 -28.97
CA GLY B 510 -0.63 -1.23 -28.26
C GLY B 510 0.46 -1.96 -27.49
N LEU B 511 1.33 -1.21 -26.84
CA LEU B 511 2.47 -1.81 -26.15
C LEU B 511 2.45 -1.42 -24.68
N LEU B 512 3.02 -2.28 -23.81
CA LEU B 512 3.30 -1.90 -22.44
C LEU B 512 4.65 -1.24 -22.41
N VAL B 513 4.74 -0.06 -21.79
CA VAL B 513 6.01 0.59 -21.56
C VAL B 513 6.77 -0.03 -20.37
N LEU B 514 8.03 -0.39 -20.57
CA LEU B 514 8.88 -0.86 -19.51
C LEU B 514 9.66 0.27 -18.84
N GLY B 515 9.80 0.20 -17.51
CA GLY B 515 10.65 1.10 -16.74
C GLY B 515 12.05 0.53 -16.58
N SER B 516 12.99 1.35 -16.12
CA SER B 516 14.36 0.86 -15.90
C SER B 516 15.00 1.43 -14.65
N ALA B 517 14.18 1.65 -13.63
CA ALA B 517 14.67 2.15 -12.37
C ALA B 517 15.12 0.96 -11.57
N ASN B 518 16.31 1.04 -10.99
CA ASN B 518 16.73 0.01 -10.07
C ASN B 518 16.33 0.33 -8.63
N VAL B 519 16.47 -0.65 -7.76
CA VAL B 519 16.02 -0.51 -6.40
C VAL B 519 16.88 0.49 -5.62
N ASP B 520 18.14 0.65 -6.03
CA ASP B 520 19.05 1.59 -5.35
C ASP B 520 18.68 3.06 -5.59
N GLU B 521 18.49 3.45 -6.85
CA GLU B 521 18.01 4.83 -7.16
C GLU B 521 16.61 5.11 -6.62
N SER B 522 15.71 4.12 -6.70
CA SER B 522 14.35 4.29 -6.18
C SER B 522 14.41 4.69 -4.71
N LEU B 523 15.34 4.10 -3.99
CA LEU B 523 15.48 4.34 -2.56
C LEU B 523 15.83 5.79 -2.24
N LEU B 524 16.90 6.26 -2.88
CA LEU B 524 17.41 7.61 -2.69
C LEU B 524 16.55 8.71 -3.34
N GLY B 525 15.62 8.30 -4.20
CA GLY B 525 14.86 9.27 -4.99
C GLY B 525 15.66 9.90 -6.13
N TYR B 526 16.80 9.31 -6.48
CA TYR B 526 17.62 9.82 -7.57
C TYR B 526 16.97 9.54 -8.93
N LEU B 527 15.85 10.19 -9.15
CA LEU B 527 15.16 10.08 -10.44
C LEU B 527 14.18 11.22 -10.56
N THR B 528 13.71 11.47 -11.78
CA THR B 528 12.85 12.61 -12.05
C THR B 528 11.41 12.17 -11.95
N LYS B 529 10.62 12.84 -11.13
CA LYS B 529 9.23 12.41 -10.96
C LYS B 529 8.53 12.50 -12.31
N TYR B 530 8.01 11.37 -12.76
CA TYR B 530 7.27 11.31 -14.03
C TYR B 530 8.15 11.43 -15.27
N ASP B 531 9.44 11.14 -15.14
CA ASP B 531 10.24 10.87 -16.32
C ASP B 531 10.04 9.40 -16.64
N CYS B 532 10.92 8.82 -17.44
CA CYS B 532 10.68 7.46 -17.89
C CYS B 532 10.73 6.48 -16.73
N SER B 533 11.09 6.98 -15.55
CA SER B 533 11.05 6.20 -14.33
C SER B 533 9.60 5.77 -14.12
N SER B 534 8.70 6.50 -14.77
CA SER B 534 7.26 6.23 -14.67
C SER B 534 6.78 5.52 -15.94
N ALA B 535 6.50 4.24 -15.83
CA ALA B 535 6.12 3.45 -16.98
C ALA B 535 4.90 2.62 -16.60
N ASP B 536 4.76 1.43 -17.19
CA ASP B 536 3.64 0.55 -16.89
C ASP B 536 4.02 -0.50 -15.84
N ILE B 537 5.13 -1.22 -16.09
CA ILE B 537 5.75 -2.12 -15.12
C ILE B 537 7.26 -2.00 -15.24
N ASN B 538 7.96 -2.23 -14.14
CA ASN B 538 9.42 -2.16 -14.13
C ASN B 538 10.02 -3.48 -13.62
N PRO B 539 10.53 -4.32 -14.52
CA PRO B 539 10.95 -5.68 -14.15
C PRO B 539 12.25 -5.70 -13.37
N ILE B 540 12.85 -4.54 -13.15
CA ILE B 540 14.13 -4.55 -12.47
C ILE B 540 14.15 -3.53 -11.36
N GLY B 541 12.98 -3.00 -11.04
CA GLY B 541 12.83 -2.01 -9.98
C GLY B 541 13.16 -2.53 -8.61
N GLY B 542 13.20 -3.85 -8.45
CA GLY B 542 13.56 -4.46 -7.18
C GLY B 542 14.94 -5.09 -7.14
N ILE B 543 15.78 -4.75 -8.10
CA ILE B 543 17.12 -5.35 -8.25
C ILE B 543 18.27 -4.34 -8.03
N SER B 544 19.31 -4.81 -7.33
CA SER B 544 20.48 -4.00 -6.99
C SER B 544 21.31 -3.62 -8.22
N LYS B 545 21.87 -2.40 -8.25
CA LYS B 545 22.73 -2.01 -9.37
C LYS B 545 23.88 -2.98 -9.62
N THR B 546 24.45 -3.51 -8.54
CA THR B 546 25.56 -4.45 -8.66
C THR B 546 25.09 -5.75 -9.28
N ASP B 547 23.92 -6.24 -8.90
CA ASP B 547 23.38 -7.44 -9.51
C ASP B 547 23.10 -7.20 -10.99
N LEU B 548 22.61 -6.01 -11.32
CA LEU B 548 22.33 -5.70 -12.70
C LEU B 548 23.55 -5.84 -13.59
N ARG B 549 24.68 -5.22 -13.18
CA ARG B 549 25.93 -5.33 -13.93
CA ARG B 549 25.93 -5.32 -13.91
C ARG B 549 26.34 -6.78 -14.05
N ALA B 550 26.32 -7.50 -12.93
CA ALA B 550 26.64 -8.91 -12.89
C ALA B 550 25.77 -9.66 -13.89
N PHE B 551 24.48 -9.34 -13.89
CA PHE B 551 23.53 -9.99 -14.77
C PHE B 551 23.89 -9.76 -16.22
N VAL B 552 24.12 -8.49 -16.56
CA VAL B 552 24.44 -8.11 -17.91
C VAL B 552 25.71 -8.79 -18.41
N GLN B 553 26.72 -8.85 -17.55
CA GLN B 553 27.97 -9.50 -17.91
C GLN B 553 27.78 -11.00 -18.13
N PHE B 554 26.80 -11.55 -17.44
CA PHE B 554 26.43 -12.95 -17.59
C PHE B 554 25.77 -13.19 -18.93
N CYS B 555 25.07 -12.18 -19.42
CA CYS B 555 24.31 -12.29 -20.66
C CYS B 555 25.18 -12.35 -21.90
N ILE B 556 26.42 -11.86 -21.76
CA ILE B 556 27.34 -11.79 -22.88
C ILE B 556 27.64 -13.17 -23.45
N GLN B 557 28.01 -14.10 -22.57
CA GLN B 557 28.25 -15.49 -23.00
C GLN B 557 26.95 -16.29 -23.13
N ARG B 558 26.00 -16.04 -22.24
CA ARG B 558 24.77 -16.85 -22.22
C ARG B 558 23.91 -16.61 -23.45
N PHE B 559 23.75 -15.34 -23.85
CA PHE B 559 22.89 -15.02 -24.98
C PHE B 559 23.65 -14.61 -26.24
N GLN B 560 24.99 -14.60 -26.14
CA GLN B 560 25.87 -14.21 -27.25
C GLN B 560 25.60 -12.77 -27.74
N LEU B 561 25.70 -11.82 -26.82
CA LEU B 561 25.38 -10.41 -27.11
C LEU B 561 26.60 -9.52 -26.84
N PRO B 562 27.49 -9.39 -27.84
CA PRO B 562 28.74 -8.63 -27.72
C PRO B 562 28.56 -7.12 -27.48
N ALA B 563 27.48 -6.54 -27.98
CA ALA B 563 27.22 -5.10 -27.81
C ALA B 563 27.32 -4.70 -26.34
N LEU B 564 27.01 -5.63 -25.46
CA LEU B 564 26.99 -5.38 -24.04
C LEU B 564 28.32 -4.95 -23.43
N GLN B 565 29.43 -5.47 -23.97
CA GLN B 565 30.75 -5.19 -23.41
C GLN B 565 31.05 -3.69 -23.37
N SER B 566 30.81 -3.00 -24.48
CA SER B 566 30.97 -1.56 -24.54
C SER B 566 30.00 -0.91 -23.55
N ILE B 567 28.77 -1.42 -23.51
CA ILE B 567 27.75 -0.92 -22.59
C ILE B 567 28.22 -1.03 -21.14
N LEU B 568 28.82 -2.17 -20.78
CA LEU B 568 29.40 -2.32 -19.45
C LEU B 568 30.58 -1.37 -19.20
N LEU B 569 31.48 -1.28 -20.17
CA LEU B 569 32.73 -0.51 -20.05
C LEU B 569 32.56 1.01 -20.10
N ALA B 570 31.45 1.48 -20.67
CA ALA B 570 31.20 2.89 -20.81
C ALA B 570 30.88 3.53 -19.45
N PRO B 571 31.26 4.82 -19.29
CA PRO B 571 30.98 5.63 -18.10
C PRO B 571 29.48 5.85 -17.88
N ALA B 572 28.99 5.55 -16.68
CA ALA B 572 27.59 5.74 -16.33
C ALA B 572 27.20 7.23 -16.21
N THR B 573 26.94 7.88 -17.35
CA THR B 573 26.61 9.31 -17.38
C THR B 573 25.28 9.59 -18.07
N ALA B 574 24.54 10.57 -17.57
CA ALA B 574 23.27 10.97 -18.16
C ALA B 574 23.43 12.23 -19.01
N GLU B 575 23.63 12.05 -20.31
CA GLU B 575 23.86 13.19 -21.24
C GLU B 575 22.60 14.01 -21.51
N LEU B 576 22.37 14.99 -20.64
CA LEU B 576 21.22 15.87 -20.73
C LEU B 576 21.68 17.32 -20.73
N GLU B 577 22.76 17.60 -20.02
CA GLU B 577 23.36 18.97 -20.02
C GLU B 577 24.65 19.07 -20.85
N PRO B 578 24.87 20.22 -21.49
CA PRO B 578 26.13 20.35 -22.22
C PRO B 578 27.27 20.48 -21.22
N LEU B 579 28.47 20.07 -21.58
CA LEU B 579 29.62 20.26 -20.70
C LEU B 579 30.55 21.32 -21.25
N ALA B 580 30.93 22.27 -20.40
CA ALA B 580 31.94 23.26 -20.76
C ALA B 580 33.27 22.53 -20.89
N ASP B 581 34.10 22.95 -21.84
CA ASP B 581 35.37 22.25 -22.01
C ASP B 581 36.43 22.67 -20.99
N GLY B 582 37.27 21.70 -20.64
CA GLY B 582 38.12 21.78 -19.47
C GLY B 582 37.54 20.84 -18.43
N GLN B 583 36.31 20.38 -18.70
CA GLN B 583 35.57 19.50 -17.81
C GLN B 583 34.93 18.32 -18.56
N VAL B 584 34.90 17.17 -17.90
CA VAL B 584 34.27 15.96 -18.45
C VAL B 584 32.97 15.65 -17.70
N SER B 585 32.08 14.89 -18.33
CA SER B 585 30.75 14.70 -17.75
C SER B 585 30.70 13.98 -16.40
N GLN B 586 29.77 14.43 -15.56
CA GLN B 586 29.61 13.92 -14.22
C GLN B 586 28.92 12.55 -14.20
N THR B 587 29.50 11.60 -13.45
CA THR B 587 28.88 10.29 -13.26
C THR B 587 27.79 10.36 -12.20
N ASP B 588 26.77 9.52 -12.37
CA ASP B 588 25.67 9.51 -11.44
C ASP B 588 26.13 9.19 -10.02
N GLU B 589 27.28 8.57 -9.88
CA GLU B 589 27.79 8.27 -8.52
C GLU B 589 28.24 9.54 -7.81
N GLU B 590 28.87 10.46 -8.54
CA GLU B 590 29.26 11.77 -7.94
C GLU B 590 28.07 12.71 -7.89
N ASP B 591 27.10 12.44 -8.76
CA ASP B 591 25.83 13.14 -8.74
C ASP B 591 25.04 12.84 -7.47
N MET B 592 25.01 11.56 -7.06
CA MET B 592 24.29 11.13 -5.85
C MET B 592 24.98 11.56 -4.56
N GLY B 593 26.30 11.67 -4.60
CA GLY B 593 27.08 11.98 -3.42
C GLY B 593 27.45 10.75 -2.61
N MET B 594 27.50 9.60 -3.28
CA MET B 594 27.76 8.32 -2.63
C MET B 594 27.86 7.24 -3.71
N THR B 595 28.62 6.19 -3.44
CA THR B 595 28.75 5.08 -4.38
C THR B 595 27.57 4.11 -4.27
N TYR B 596 27.27 3.43 -5.36
CA TYR B 596 26.17 2.47 -5.40
C TYR B 596 26.34 1.44 -4.29
N ALA B 597 27.59 1.14 -3.97
CA ALA B 597 27.96 0.20 -2.91
C ALA B 597 27.52 0.70 -1.54
N GLU B 598 28.00 1.86 -1.12
CA GLU B 598 27.57 2.42 0.19
C GLU B 598 26.06 2.66 0.21
N LEU B 599 25.49 3.01 -0.93
CA LEU B 599 24.04 3.15 -1.03
C LEU B 599 23.35 1.83 -0.71
N SER B 600 23.91 0.73 -1.21
CA SER B 600 23.32 -0.58 -1.03
C SER B 600 23.33 -0.98 0.43
N VAL B 601 24.32 -0.46 1.15
CA VAL B 601 24.50 -0.71 2.57
C VAL B 601 23.47 0.06 3.42
N TYR B 602 23.33 1.35 3.14
CA TYR B 602 22.26 2.16 3.72
C TYR B 602 20.89 1.47 3.56
N GLY B 603 20.58 1.04 2.34
CA GLY B 603 19.32 0.37 2.07
C GLY B 603 19.10 -0.94 2.80
N LYS B 604 20.15 -1.71 2.98
CA LYS B 604 20.03 -2.97 3.70
C LYS B 604 19.99 -2.70 5.21
N LEU B 605 20.78 -1.73 5.66
CA LEU B 605 20.76 -1.44 7.09
C LEU B 605 19.40 -0.88 7.44
N ARG B 606 18.85 -0.11 6.51
CA ARG B 606 17.57 0.55 6.71
C ARG B 606 16.40 -0.42 6.90
N LYS B 607 16.20 -1.27 5.90
CA LYS B 607 15.03 -2.11 5.82
C LYS B 607 15.32 -3.43 6.52
N VAL B 608 16.47 -4.01 6.25
CA VAL B 608 16.72 -5.33 6.77
C VAL B 608 17.14 -5.32 8.23
N ALA B 609 17.89 -4.31 8.67
CA ALA B 609 18.24 -4.24 10.09
C ALA B 609 17.37 -3.27 10.89
N LYS B 610 16.36 -2.73 10.24
CA LYS B 610 15.36 -1.89 10.91
C LYS B 610 16.03 -0.73 11.63
N MET B 611 16.74 0.11 10.88
CA MET B 611 17.57 1.14 11.50
C MET B 611 17.23 2.58 11.15
N GLY B 612 17.00 3.37 12.19
CA GLY B 612 16.83 4.80 12.04
C GLY B 612 18.23 5.35 11.95
N PRO B 613 18.35 6.67 11.79
CA PRO B 613 19.65 7.31 11.57
C PRO B 613 20.57 7.20 12.76
N TYR B 614 20.05 7.25 13.97
CA TYR B 614 20.96 7.05 15.08
C TYR B 614 21.55 5.64 15.03
N SER B 615 20.69 4.63 14.93
CA SER B 615 21.16 3.24 14.90
C SER B 615 22.15 3.03 13.78
N MET B 616 21.81 3.53 12.60
CA MET B 616 22.67 3.34 11.44
C MET B 616 24.06 3.97 11.61
N PHE B 617 24.10 5.15 12.21
CA PHE B 617 25.35 5.84 12.47
C PHE B 617 26.22 4.97 13.34
N CYS B 618 25.60 4.39 14.36
CA CYS B 618 26.30 3.52 15.31
C CYS B 618 26.92 2.31 14.64
N LYS B 619 26.14 1.68 13.75
CA LYS B 619 26.59 0.49 13.05
C LYS B 619 27.73 0.83 12.09
N LEU B 620 27.55 1.87 11.27
CA LEU B 620 28.58 2.26 10.32
C LEU B 620 29.88 2.65 11.01
N LEU B 621 29.74 3.44 12.07
CA LEU B 621 30.89 3.92 12.82
C LEU B 621 31.88 2.80 13.07
N GLY B 622 31.35 1.65 13.46
CA GLY B 622 32.15 0.46 13.69
C GLY B 622 32.58 -0.24 12.42
N MET B 623 31.69 -0.35 11.44
CA MET B 623 31.99 -1.01 10.17
C MET B 623 33.09 -0.32 9.38
N TRP B 624 32.97 1.00 9.28
CA TRP B 624 33.91 1.79 8.50
C TRP B 624 34.90 2.51 9.43
N ARG B 625 35.26 1.86 10.53
CA ARG B 625 36.10 2.48 11.55
C ARG B 625 37.49 2.86 11.03
N HIS B 626 38.04 2.04 10.13
CA HIS B 626 39.35 2.30 9.52
C HIS B 626 39.26 3.39 8.44
N ILE B 627 38.25 3.25 7.58
CA ILE B 627 38.04 4.10 6.42
C ILE B 627 37.58 5.52 6.76
N CYS B 628 36.68 5.65 7.73
CA CYS B 628 36.03 6.93 7.99
C CYS B 628 36.19 7.36 9.43
N THR B 629 36.02 8.66 9.67
CA THR B 629 36.07 9.17 11.03
C THR B 629 34.64 9.34 11.47
N PRO B 630 34.42 9.39 12.79
CA PRO B 630 33.05 9.60 13.27
C PRO B 630 32.38 10.86 12.67
N ARG B 631 33.12 11.98 12.58
CA ARG B 631 32.54 13.18 11.95
C ARG B 631 32.07 12.82 10.56
N GLN B 632 32.95 12.17 9.81
CA GLN B 632 32.63 11.72 8.46
C GLN B 632 31.41 10.79 8.40
N VAL B 633 31.40 9.75 9.24
CA VAL B 633 30.26 8.84 9.27
C VAL B 633 28.93 9.56 9.51
N ALA B 634 28.94 10.54 10.41
CA ALA B 634 27.74 11.32 10.68
C ALA B 634 27.24 12.03 9.43
N ASP B 635 28.17 12.61 8.67
CA ASP B 635 27.83 13.33 7.47
C ASP B 635 27.25 12.39 6.43
N LYS B 636 27.85 11.21 6.30
CA LYS B 636 27.36 10.23 5.35
C LYS B 636 25.93 9.82 5.69
N VAL B 637 25.69 9.55 6.96
CA VAL B 637 24.36 9.13 7.42
C VAL B 637 23.32 10.23 7.29
N LYS B 638 23.66 11.42 7.75
CA LYS B 638 22.78 12.59 7.61
C LYS B 638 22.44 12.89 6.16
N ARG B 639 23.45 12.87 5.30
CA ARG B 639 23.23 13.13 3.88
C ARG B 639 22.25 12.10 3.31
N PHE B 640 22.47 10.82 3.63
CA PHE B 640 21.57 9.78 3.16
C PHE B 640 20.15 10.05 3.61
N PHE B 641 19.95 10.20 4.93
CA PHE B 641 18.59 10.33 5.46
C PHE B 641 17.94 11.59 4.95
N SER B 642 18.70 12.67 4.91
CA SER B 642 18.21 13.89 4.32
C SER B 642 17.65 13.65 2.90
N LYS B 643 18.52 13.18 2.00
CA LYS B 643 18.10 12.94 0.63
C LYS B 643 16.90 11.99 0.57
N TYR B 644 17.00 10.87 1.30
CA TYR B 644 15.96 9.87 1.32
C TYR B 644 14.59 10.51 1.57
N SER B 645 14.50 11.30 2.64
CA SER B 645 13.23 11.83 3.09
C SER B 645 12.72 13.02 2.29
N MET B 646 13.62 13.73 1.60
CA MET B 646 13.18 14.86 0.79
C MET B 646 12.53 14.33 -0.44
N ASN B 647 12.91 13.10 -0.79
CA ASN B 647 12.50 12.45 -2.05
C ASN B 647 11.46 11.34 -1.92
N ARG B 648 11.11 10.94 -0.70
CA ARG B 648 10.24 9.80 -0.48
C ARG B 648 8.92 9.88 -1.27
N HIS B 649 8.44 11.09 -1.51
CA HIS B 649 7.20 11.29 -2.24
C HIS B 649 7.27 10.66 -3.64
N LYS B 650 8.48 10.55 -4.18
CA LYS B 650 8.65 9.99 -5.51
C LYS B 650 8.26 8.51 -5.54
N MET B 651 8.21 7.91 -4.35
CA MET B 651 7.89 6.50 -4.21
C MET B 651 6.38 6.27 -4.34
N THR B 652 5.59 7.24 -3.88
CA THR B 652 4.14 7.15 -3.83
C THR B 652 3.49 6.96 -5.21
N THR B 653 4.16 7.42 -6.25
CA THR B 653 3.57 7.44 -7.59
C THR B 653 4.44 6.67 -8.57
N LEU B 654 5.36 5.91 -8.01
CA LEU B 654 6.34 5.18 -8.81
C LEU B 654 5.79 3.85 -9.37
N THR B 655 6.36 3.46 -10.51
CA THR B 655 5.90 2.31 -11.29
C THR B 655 6.07 1.04 -10.50
N PRO B 656 5.04 0.18 -10.52
CA PRO B 656 5.14 -1.11 -9.84
C PRO B 656 6.31 -1.94 -10.40
N ALA B 657 7.13 -2.45 -9.48
CA ALA B 657 8.29 -3.25 -9.82
C ALA B 657 8.14 -4.69 -9.34
N TYR B 658 8.59 -5.62 -10.19
CA TYR B 658 8.84 -7.00 -9.78
C TYR B 658 9.59 -6.99 -8.45
N HIS B 659 9.06 -7.71 -7.45
CA HIS B 659 9.72 -7.79 -6.15
C HIS B 659 10.87 -8.78 -6.13
N ALA B 660 12.07 -8.32 -5.82
CA ALA B 660 13.24 -9.21 -5.83
C ALA B 660 14.00 -9.22 -4.51
N GLU B 661 14.49 -8.04 -4.09
CA GLU B 661 15.22 -7.90 -2.79
C GLU B 661 14.27 -7.64 -1.63
N ASN B 662 14.72 -8.04 -0.44
CA ASN B 662 13.96 -7.80 0.79
C ASN B 662 14.36 -6.49 1.43
N TYR B 663 15.01 -5.63 0.64
CA TYR B 663 15.26 -4.26 1.06
C TYR B 663 14.61 -3.23 0.11
N SER B 664 13.68 -3.72 -0.73
CA SER B 664 12.85 -2.86 -1.58
C SER B 664 12.20 -1.70 -0.82
N PRO B 665 12.28 -0.51 -1.38
CA PRO B 665 11.67 0.66 -0.73
C PRO B 665 10.22 0.90 -1.19
N GLU B 666 9.65 -0.10 -1.86
CA GLU B 666 8.30 -0.02 -2.48
C GLU B 666 7.17 0.38 -1.50
N ASP B 667 6.42 1.45 -1.81
CA ASP B 667 5.50 2.01 -0.82
C ASP B 667 4.09 1.41 -0.79
N ASN B 668 3.62 0.84 -1.90
CA ASN B 668 2.28 0.23 -1.90
C ASN B 668 2.05 -0.99 -0.97
N ARG B 669 3.07 -1.81 -0.77
CA ARG B 669 2.89 -3.09 -0.08
C ARG B 669 3.98 -3.44 0.94
N PHE B 670 5.24 -3.35 0.51
CA PHE B 670 6.32 -3.99 1.25
C PHE B 670 6.96 -3.09 2.30
N ASP B 671 7.05 -1.80 1.99
CA ASP B 671 7.72 -0.82 2.87
C ASP B 671 6.86 0.43 3.12
N LEU B 672 5.87 0.33 3.99
CA LEU B 672 5.00 1.48 4.29
C LEU B 672 5.75 2.57 5.08
N ARG B 673 5.65 3.82 4.60
CA ARG B 673 6.31 4.94 5.27
C ARG B 673 5.51 6.20 5.01
N PRO B 674 5.76 7.25 5.79
CA PRO B 674 5.13 8.55 5.54
C PRO B 674 5.78 9.14 4.31
N PHE B 675 5.26 10.25 3.78
CA PHE B 675 5.95 10.90 2.68
C PHE B 675 6.17 12.39 2.89
N LEU B 676 5.68 12.90 4.00
CA LEU B 676 6.02 14.26 4.41
C LEU B 676 6.81 14.19 5.72
N TYR B 677 8.11 13.96 5.63
CA TYR B 677 8.97 13.95 6.82
C TYR B 677 9.44 15.35 7.17
N ASN B 678 9.82 15.53 8.43
CA ASN B 678 10.60 16.66 8.87
C ASN B 678 12.02 16.32 8.46
N THR B 679 12.48 16.86 7.34
CA THR B 679 13.76 16.46 6.74
C THR B 679 15.04 16.98 7.44
N SER B 680 14.88 17.71 8.53
CA SER B 680 16.02 18.13 9.32
C SER B 680 16.32 17.05 10.38
N TRP B 681 15.37 16.16 10.65
CA TRP B 681 15.53 15.13 11.68
C TRP B 681 16.15 15.66 12.96
N PRO B 682 15.67 16.82 13.46
CA PRO B 682 16.36 17.50 14.55
C PRO B 682 16.77 16.56 15.67
N TRP B 683 15.77 15.97 16.34
CA TRP B 683 16.03 15.05 17.45
C TRP B 683 17.15 14.05 17.15
N GLN B 684 16.97 13.29 16.07
CA GLN B 684 17.89 12.21 15.73
C GLN B 684 19.29 12.67 15.36
N PHE B 685 19.39 13.73 14.56
CA PHE B 685 20.71 14.24 14.21
C PHE B 685 21.41 14.83 15.45
N ARG B 686 20.64 15.41 16.37
CA ARG B 686 21.19 15.87 17.65
C ARG B 686 21.88 14.74 18.40
N CYS B 687 21.22 13.59 18.45
CA CYS B 687 21.75 12.44 19.16
C CYS B 687 23.04 12.02 18.53
N ILE B 688 23.10 12.16 17.22
CA ILE B 688 24.28 11.71 16.49
C ILE B 688 25.44 12.64 16.79
N GLU B 689 25.20 13.95 16.66
CA GLU B 689 26.25 14.94 16.95
C GLU B 689 26.73 14.83 18.39
N ASN B 690 25.86 14.47 19.31
CA ASN B 690 26.31 14.24 20.67
C ASN B 690 27.34 13.13 20.76
N GLN B 691 27.08 12.02 20.08
CA GLN B 691 28.04 10.92 20.08
C GLN B 691 29.35 11.35 19.46
N VAL B 692 29.28 12.13 18.39
CA VAL B 692 30.48 12.54 17.70
C VAL B 692 31.35 13.40 18.61
N LEU B 693 30.73 14.35 19.30
CA LEU B 693 31.46 15.20 20.23
C LEU B 693 32.09 14.36 21.34
N GLN B 694 31.31 13.41 21.86
CA GLN B 694 31.75 12.55 22.93
C GLN B 694 32.99 11.76 22.51
N LEU B 695 33.01 11.32 21.25
CA LEU B 695 34.11 10.50 20.74
C LEU B 695 35.36 11.34 20.45
N GLU B 696 35.15 12.63 20.20
CA GLU B 696 36.26 13.55 19.88
C GLU B 696 36.98 14.00 21.14
N ARG B 697 36.24 14.11 22.24
CA ARG B 697 36.83 14.52 23.50
C ARG B 697 37.73 13.43 24.06
N ALA B 698 37.18 12.22 24.16
CA ALA B 698 37.96 11.05 24.58
C ALA B 698 38.74 10.44 23.40
N GLU B 699 40.05 10.67 23.38
CA GLU B 699 40.97 10.15 22.30
C GLU B 699 40.86 10.96 21.00
#